data_5YG1
#
_entry.id   5YG1
#
_cell.length_a   101.471
_cell.length_b   58.632
_cell.length_c   234.636
_cell.angle_alpha   90.000
_cell.angle_beta   90.000
_cell.angle_gamma   90.000
#
_symmetry.space_group_name_H-M   'C 1 2 1'
#
loop_
_entity.id
_entity.type
_entity.pdbx_description
1 polymer 'Serine hydroxymethyltransferase'
2 non-polymer N-GLYCINE-[3-HYDROXY-2-METHYL-5-PHOSPHONOOXYMETHYL-PYRIDIN-4-YL-METHANE]
3 non-polymer '3-[1-[3-[(4~{S})-6-azanyl-5-cyano-3-methyl-4-propan-2-yl-2~{H}-pyrano[2,3-c]pyrazol-4-yl]-5-(trifluoromethyl)phenyl]piperidin-4-yl]propanoic acid'
4 non-polymer 'CHLORIDE ION'
5 water water
#
_entity_poly.entity_id   1
_entity_poly.type   'polypeptide(L)'
_entity_poly.pdbx_seq_one_letter_code
;MFNNEPLEQIDKELHDILADEEKRQRETINLIASENLTNGAVRECLGNRVSNKYSEGYPKKRYYGGNDFIDKIEELCQKR
ALEAFNVSDEEWGVNVQPLSGSAANVQALYALVGVKGKIMGMHLCSGGHLTHGFFDEKKKVSITSDMFESKLYKCNSQGY
VDLDAVREMALSFKPKVIICGYTSYPRDIDYQQFRQICDEVNAYLFADISHISSFVACNILNNPFLHADVVTTTTHKILR
GPRSALIFFNKKRNPGIEQKINSAVFPSFQGGPHNNKIAAVACQLKEVHSPAFKEYTQQVLLNSKALAKALISKQIDLVT
NGTDNHLIVVDLRKFSITGSKLQETCNAINVSLNKNTIPSDVDCVSPSGVRIGTPAMTTRGAKEKDMEFIADVLARAIKI
TVDLQEQYGKKLVDFKKGLPGNAQLQQLKQEVVTWAGALPFP
;
_entity_poly.pdbx_strand_id   A,B,C
#
# COMPACT_ATOMS: atom_id res chain seq x y z
N MET A 1 6.32 16.44 -14.26
CA MET A 1 6.38 17.85 -13.76
C MET A 1 7.58 18.01 -12.80
N PHE A 2 8.78 17.80 -13.35
CA PHE A 2 10.03 17.91 -12.59
C PHE A 2 11.18 18.55 -13.40
N ASN A 3 12.20 19.06 -12.70
CA ASN A 3 13.43 19.58 -13.34
C ASN A 3 14.57 18.56 -13.39
N ASN A 4 14.84 18.01 -14.58
CA ASN A 4 15.83 16.95 -14.73
C ASN A 4 17.24 17.42 -15.05
N GLU A 5 17.47 18.73 -15.04
CA GLU A 5 18.81 19.28 -15.31
C GLU A 5 19.89 18.67 -14.36
N PRO A 6 21.15 18.52 -14.82
CA PRO A 6 22.19 18.01 -13.92
C PRO A 6 22.54 18.97 -12.78
N LEU A 7 23.23 18.42 -11.78
CA LEU A 7 23.54 19.11 -10.54
C LEU A 7 24.22 20.48 -10.75
N GLU A 8 25.15 20.54 -11.71
CA GLU A 8 25.92 21.77 -11.99
C GLU A 8 25.02 22.93 -12.47
N GLN A 9 24.05 22.61 -13.32
CA GLN A 9 23.13 23.63 -13.84
C GLN A 9 22.05 23.98 -12.82
N ILE A 10 21.42 22.96 -12.22
CA ILE A 10 20.37 23.19 -11.20
C ILE A 10 20.84 23.92 -9.94
N ASP A 11 22.02 23.59 -9.41
CA ASP A 11 22.50 24.23 -8.18
C ASP A 11 24.01 24.40 -8.23
N LYS A 12 24.42 25.43 -8.98
CA LYS A 12 25.83 25.77 -9.16
C LYS A 12 26.46 26.13 -7.81
N GLU A 13 25.73 26.81 -6.94
CA GLU A 13 26.27 27.16 -5.63
C GLU A 13 26.75 25.92 -4.85
N LEU A 14 25.89 24.91 -4.75
CA LEU A 14 26.18 23.65 -4.05
C LEU A 14 27.26 22.83 -4.74
N HIS A 15 27.19 22.74 -6.06
CA HIS A 15 28.08 21.93 -6.87
C HIS A 15 29.54 22.37 -6.78
N ASP A 16 29.75 23.67 -6.59
CA ASP A 16 31.11 24.21 -6.40
C ASP A 16 31.73 23.71 -5.10
N ILE A 17 30.95 23.84 -4.02
CA ILE A 17 31.37 23.38 -2.69
C ILE A 17 31.71 21.87 -2.69
N LEU A 18 30.90 21.08 -3.39
CA LEU A 18 31.13 19.63 -3.48
C LEU A 18 32.39 19.34 -4.27
N ALA A 19 32.64 20.12 -5.32
CA ALA A 19 33.91 20.02 -6.06
C ALA A 19 35.06 20.49 -5.16
N ASP A 20 34.80 21.48 -4.32
CA ASP A 20 35.77 21.88 -3.32
C ASP A 20 36.08 20.75 -2.37
N GLU A 21 35.03 20.15 -1.78
CA GLU A 21 35.17 19.00 -0.85
C GLU A 21 35.96 17.88 -1.50
N GLU A 22 35.61 17.54 -2.74
CA GLU A 22 36.27 16.45 -3.45
C GLU A 22 37.77 16.70 -3.50
N LYS A 23 38.12 17.93 -3.87
CA LYS A 23 39.51 18.37 -3.95
C LYS A 23 40.23 18.35 -2.55
N ARG A 24 39.59 18.82 -1.50
CA ARG A 24 40.21 18.76 -0.17
C ARG A 24 40.49 17.28 0.25
N GLN A 25 39.57 16.37 -0.01
CA GLN A 25 39.78 14.94 0.26
C GLN A 25 40.93 14.35 -0.57
N ARG A 26 41.03 14.84 -1.80
CA ARG A 26 42.05 14.44 -2.78
C ARG A 26 43.45 14.86 -2.35
N GLU A 27 43.54 15.94 -1.59
CA GLU A 27 44.79 16.59 -1.24
C GLU A 27 45.05 16.55 0.26
N THR A 28 44.40 15.62 0.97
CA THR A 28 44.51 15.55 2.42
C THR A 28 45.16 14.24 2.81
N ILE A 29 46.02 14.28 3.82
CA ILE A 29 46.49 13.06 4.46
C ILE A 29 45.49 12.76 5.58
N ASN A 30 44.59 11.83 5.29
CA ASN A 30 43.48 11.51 6.17
C ASN A 30 43.84 10.42 7.14
N LEU A 31 44.13 10.81 8.36
CA LEU A 31 44.37 9.87 9.45
C LEU A 31 43.19 9.72 10.44
N ILE A 32 41.95 10.09 10.08
CA ILE A 32 40.79 9.85 10.95
C ILE A 32 40.54 8.35 11.00
N ALA A 33 40.60 7.77 12.19
CA ALA A 33 40.60 6.31 12.30
C ALA A 33 39.30 5.70 11.80
N SER A 34 38.22 6.48 11.93
CA SER A 34 36.85 6.08 11.55
C SER A 34 36.43 6.40 10.12
N GLU A 35 37.34 6.95 9.30
CA GLU A 35 36.96 7.39 7.95
C GLU A 35 37.55 6.46 6.91
N ASN A 36 36.91 6.45 5.75
CA ASN A 36 37.39 5.69 4.59
C ASN A 36 36.94 6.37 3.32
N LEU A 37 37.18 5.73 2.20
CA LEU A 37 36.69 6.25 0.91
C LEU A 37 36.00 5.16 0.18
N THR A 38 34.76 5.41 -0.18
CA THR A 38 33.94 4.42 -0.87
C THR A 38 34.27 4.45 -2.33
N ASN A 39 34.20 3.28 -2.97
CA ASN A 39 34.36 3.16 -4.44
C ASN A 39 33.11 3.65 -5.18
N GLY A 40 33.22 3.75 -6.51
CA GLY A 40 32.15 4.30 -7.33
C GLY A 40 30.89 3.45 -7.28
N ALA A 41 31.04 2.14 -7.17
CA ALA A 41 29.92 1.23 -7.16
C ALA A 41 29.04 1.36 -5.94
N VAL A 42 29.65 1.60 -4.78
CA VAL A 42 28.90 1.81 -3.55
C VAL A 42 28.13 3.15 -3.61
N ARG A 43 28.71 4.14 -4.26
CA ARG A 43 28.02 5.42 -4.46
C ARG A 43 26.94 5.42 -5.57
N GLU A 44 27.02 4.46 -6.50
CA GLU A 44 25.95 4.24 -7.49
C GLU A 44 24.68 3.74 -6.81
N CYS A 45 24.85 2.93 -5.79
CA CYS A 45 23.76 2.44 -4.96
C CYS A 45 23.13 3.52 -4.10
N LEU A 46 23.97 4.41 -3.56
CA LEU A 46 23.50 5.49 -2.72
C LEU A 46 22.64 6.47 -3.54
N GLY A 47 23.00 6.65 -4.82
CA GLY A 47 22.21 7.47 -5.76
C GLY A 47 21.11 6.78 -6.55
N ASN A 48 20.73 5.58 -6.14
CA ASN A 48 19.82 4.77 -6.91
C ASN A 48 18.38 5.09 -6.56
N ARG A 49 17.46 4.86 -7.50
CA ARG A 49 16.02 5.11 -7.28
C ARG A 49 15.37 4.17 -6.28
N VAL A 50 16.08 3.17 -5.84
CA VAL A 50 15.58 2.31 -4.78
C VAL A 50 15.15 3.08 -3.50
N SER A 51 15.80 4.20 -3.20
CA SER A 51 15.42 5.09 -2.04
C SER A 51 14.02 5.69 -2.16
N ASN A 52 13.44 5.72 -3.37
CA ASN A 52 12.03 6.08 -3.56
C ASN A 52 10.98 5.20 -2.85
N LYS A 53 11.35 4.02 -2.39
CA LYS A 53 10.38 3.07 -1.89
C LYS A 53 10.23 3.02 -0.39
N TYR A 54 8.98 3.10 0.07
CA TYR A 54 8.61 2.81 1.46
C TYR A 54 8.40 1.29 1.63
N SER A 55 9.13 0.65 2.52
CA SER A 55 9.00 -0.76 2.78
C SER A 55 9.14 -1.05 4.25
N GLU A 56 8.28 -0.41 5.04
CA GLU A 56 8.19 -0.71 6.47
C GLU A 56 7.94 -2.19 6.75
N GLY A 57 8.61 -2.72 7.77
CA GLY A 57 8.52 -4.12 8.13
C GLY A 57 9.79 -4.85 7.74
N TYR A 58 9.64 -6.15 7.50
CA TYR A 58 10.76 -7.00 7.08
C TYR A 58 10.40 -7.75 5.82
N PRO A 59 11.38 -8.43 5.19
CA PRO A 59 11.10 -9.13 3.92
C PRO A 59 10.01 -10.21 4.02
N LYS A 60 9.08 -10.23 3.06
CA LYS A 60 7.93 -11.16 3.07
C LYS A 60 6.89 -10.81 4.16
N LYS A 61 7.08 -9.71 4.88
CA LYS A 61 6.13 -9.23 5.90
C LYS A 61 5.99 -7.71 5.80
N ARG A 62 6.01 -7.23 4.56
CA ARG A 62 5.97 -5.80 4.31
C ARG A 62 4.58 -5.34 4.62
N TYR A 63 4.46 -4.07 4.98
CA TYR A 63 3.15 -3.49 5.20
C TYR A 63 2.55 -3.26 3.85
N TYR A 64 3.37 -2.78 2.91
CA TYR A 64 2.92 -2.54 1.52
C TYR A 64 3.45 -3.60 0.56
N GLY A 65 2.75 -3.80 -0.54
CA GLY A 65 3.25 -4.66 -1.64
C GLY A 65 4.10 -3.85 -2.60
N GLY A 66 4.58 -4.52 -3.65
CA GLY A 66 5.47 -3.89 -4.62
C GLY A 66 6.88 -3.87 -4.10
N ASN A 67 7.16 -4.76 -3.15
CA ASN A 67 8.42 -4.84 -2.47
C ASN A 67 9.09 -6.18 -2.79
N ASP A 68 8.88 -6.66 -4.02
CA ASP A 68 9.45 -7.91 -4.46
C ASP A 68 10.93 -7.72 -4.69
N PHE A 69 11.26 -6.71 -5.47
CA PHE A 69 12.65 -6.40 -5.75
C PHE A 69 13.40 -5.84 -4.52
N ILE A 70 12.72 -5.03 -3.72
CA ILE A 70 13.25 -4.59 -2.40
C ILE A 70 13.47 -5.75 -1.44
N ASP A 71 12.55 -6.71 -1.43
CA ASP A 71 12.71 -7.91 -0.59
C ASP A 71 13.95 -8.70 -0.98
N LYS A 72 14.26 -8.75 -2.27
CA LYS A 72 15.46 -9.49 -2.71
C LYS A 72 16.73 -8.81 -2.22
N ILE A 73 16.76 -7.48 -2.29
CA ILE A 73 17.92 -6.72 -1.87
C ILE A 73 18.11 -6.81 -0.36
N GLU A 74 17.04 -6.68 0.41
CA GLU A 74 17.20 -6.82 1.86
C GLU A 74 17.67 -8.21 2.22
N GLU A 75 17.24 -9.24 1.46
CA GLU A 75 17.62 -10.67 1.79
C GLU A 75 19.03 -11.00 1.32
N LEU A 76 19.37 -10.52 0.14
CA LEU A 76 20.75 -10.59 -0.36
C LEU A 76 21.77 -9.90 0.56
N CYS A 77 21.33 -8.84 1.27
CA CYS A 77 22.19 -8.10 2.19
C CYS A 77 22.45 -8.87 3.46
N GLN A 78 21.40 -9.47 4.01
CA GLN A 78 21.53 -10.23 5.27
C GLN A 78 22.31 -11.53 5.02
N LYS A 79 22.07 -12.17 3.89
CA LYS A 79 22.84 -13.34 3.50
C LYS A 79 24.33 -12.97 3.47
N ARG A 80 24.65 -11.95 2.69
CA ARG A 80 26.04 -11.47 2.55
C ARG A 80 26.69 -11.02 3.86
N ALA A 81 25.93 -10.52 4.82
CA ALA A 81 26.48 -10.10 6.12
C ALA A 81 26.85 -11.27 6.99
N LEU A 82 26.01 -12.27 6.97
CA LEU A 82 26.22 -13.48 7.74
C LEU A 82 27.42 -14.24 7.14
N GLU A 83 27.49 -14.28 5.82
CA GLU A 83 28.68 -14.82 5.16
C GLU A 83 29.97 -14.08 5.60
N ALA A 84 30.01 -12.75 5.43
CA ALA A 84 31.24 -11.97 5.67
C ALA A 84 31.76 -12.11 7.07
N PHE A 85 30.86 -12.19 8.04
CA PHE A 85 31.28 -12.41 9.44
C PHE A 85 31.35 -13.86 9.90
N ASN A 86 31.38 -14.80 8.94
CA ASN A 86 31.66 -16.23 9.17
C ASN A 86 30.79 -16.88 10.26
N VAL A 87 29.47 -16.72 10.09
CA VAL A 87 28.49 -17.21 11.04
C VAL A 87 27.42 -17.94 10.24
N SER A 88 26.86 -18.99 10.83
CA SER A 88 25.83 -19.78 10.16
C SER A 88 24.51 -19.06 10.27
N ASP A 89 23.78 -18.98 9.16
CA ASP A 89 22.47 -18.32 9.13
C ASP A 89 21.44 -19.05 9.98
N GLU A 90 21.76 -20.30 10.34
CA GLU A 90 20.96 -21.07 11.31
C GLU A 90 21.23 -20.57 12.72
N GLU A 91 22.50 -20.33 13.05
CA GLU A 91 22.93 -19.90 14.41
C GLU A 91 22.78 -18.39 14.74
N TRP A 92 23.05 -17.52 13.76
CA TRP A 92 23.01 -16.05 13.96
C TRP A 92 22.00 -15.42 13.05
N GLY A 93 21.32 -14.39 13.55
CA GLY A 93 20.54 -13.51 12.72
C GLY A 93 21.14 -12.10 12.63
N VAL A 94 20.73 -11.40 11.59
CA VAL A 94 21.19 -10.03 11.34
C VAL A 94 20.09 -9.10 10.89
N ASN A 95 20.08 -7.89 11.48
CA ASN A 95 19.17 -6.80 11.07
C ASN A 95 19.95 -5.70 10.28
N VAL A 96 19.52 -5.41 9.06
CA VAL A 96 20.24 -4.50 8.14
C VAL A 96 19.57 -3.11 7.98
N GLN A 97 18.61 -2.78 8.84
CA GLN A 97 17.88 -1.55 8.72
C GLN A 97 18.40 -0.35 9.55
N PRO A 98 19.16 -0.58 10.66
CA PRO A 98 19.60 0.63 11.38
C PRO A 98 20.36 1.65 10.55
N LEU A 99 20.00 2.91 10.72
CA LEU A 99 20.49 3.96 9.84
C LEU A 99 21.95 4.35 10.07
N SER A 100 22.42 4.15 11.29
CA SER A 100 23.79 4.43 11.65
C SER A 100 24.16 3.66 12.92
N GLY A 101 25.43 3.70 13.26
CA GLY A 101 25.91 3.02 14.41
C GLY A 101 25.22 3.38 15.69
N SER A 102 24.91 4.65 15.84
CA SER A 102 24.35 5.15 17.10
C SER A 102 22.92 4.64 17.26
N ALA A 103 22.19 4.61 16.16
CA ALA A 103 20.85 4.09 16.16
C ALA A 103 20.85 2.57 16.48
N ALA A 104 21.74 1.84 15.81
CA ALA A 104 21.91 0.41 16.00
C ALA A 104 22.16 0.02 17.45
N ASN A 105 23.08 0.72 18.13
CA ASN A 105 23.40 0.41 19.53
C ASN A 105 22.26 0.74 20.53
N VAL A 106 21.55 1.85 20.34
CA VAL A 106 20.40 2.19 21.22
C VAL A 106 19.26 1.17 21.04
N GLN A 107 19.03 0.78 19.79
CA GLN A 107 18.02 -0.18 19.43
C GLN A 107 18.35 -1.53 20.03
N ALA A 108 19.56 -2.02 19.80
CA ALA A 108 19.98 -3.32 20.33
C ALA A 108 19.98 -3.32 21.87
N LEU A 109 20.38 -2.21 22.48
CA LEU A 109 20.38 -2.09 23.93
C LEU A 109 18.96 -2.16 24.46
N TYR A 110 18.05 -1.50 23.78
CA TYR A 110 16.65 -1.46 24.20
C TYR A 110 16.04 -2.88 24.20
N ALA A 111 16.19 -3.56 23.08
CA ALA A 111 15.78 -4.96 22.90
C ALA A 111 16.16 -5.83 24.09
N LEU A 112 17.41 -5.72 24.53
CA LEU A 112 17.93 -6.56 25.61
C LEU A 112 17.42 -6.21 27.01
N VAL A 113 17.33 -4.93 27.34
CA VAL A 113 17.04 -4.51 28.71
C VAL A 113 15.83 -3.61 28.95
N GLY A 114 15.36 -2.90 27.91
CA GLY A 114 14.22 -2.01 28.05
C GLY A 114 14.52 -0.71 28.81
N VAL A 115 13.51 0.16 28.87
CA VAL A 115 13.66 1.41 29.60
C VAL A 115 13.97 1.10 31.05
N LYS A 116 14.83 1.94 31.64
CA LYS A 116 15.38 1.77 32.99
C LYS A 116 16.36 0.57 33.15
N GLY A 117 16.60 -0.20 32.09
CA GLY A 117 17.51 -1.34 32.17
C GLY A 117 18.94 -0.96 32.52
N LYS A 118 19.69 -1.93 33.06
CA LYS A 118 21.01 -1.68 33.60
C LYS A 118 22.05 -2.09 32.57
N ILE A 119 22.97 -1.18 32.26
CA ILE A 119 24.05 -1.46 31.30
C ILE A 119 25.43 -0.98 31.77
N MET A 120 26.46 -1.63 31.27
CA MET A 120 27.83 -1.27 31.58
C MET A 120 28.60 -1.07 30.29
N GLY A 121 29.45 -0.05 30.28
CA GLY A 121 30.30 0.21 29.14
C GLY A 121 31.59 0.91 29.55
N MET A 122 32.55 0.96 28.63
CA MET A 122 33.77 1.73 28.84
C MET A 122 33.48 3.22 28.77
N HIS A 123 34.15 3.96 29.64
CA HIS A 123 34.05 5.41 29.70
C HIS A 123 34.57 6.01 28.39
N LEU A 124 33.98 7.14 27.99
CA LEU A 124 34.36 7.85 26.76
C LEU A 124 35.85 8.21 26.78
N CYS A 125 36.27 8.88 27.86
CA CYS A 125 37.68 9.18 28.18
C CYS A 125 38.69 8.01 28.14
N SER A 126 38.23 6.77 28.25
CA SER A 126 39.10 5.59 28.13
C SER A 126 38.99 4.89 26.78
N GLY A 127 38.13 5.40 25.89
CA GLY A 127 37.97 4.85 24.54
C GLY A 127 36.59 4.32 24.21
N GLY A 128 35.64 4.37 25.14
CA GLY A 128 34.27 3.97 24.84
C GLY A 128 33.52 4.97 23.99
N HIS A 129 32.43 4.50 23.36
CA HIS A 129 31.53 5.36 22.62
C HIS A 129 30.49 6.02 23.47
N LEU A 130 29.91 7.09 22.94
CA LEU A 130 28.78 7.78 23.56
C LEU A 130 27.59 6.86 23.83
N THR A 131 27.34 5.92 22.90
CA THR A 131 26.22 5.00 22.97
C THR A 131 26.50 3.78 23.88
N HIS A 132 27.60 3.82 24.64
CA HIS A 132 27.92 2.80 25.63
C HIS A 132 27.60 3.30 27.04
N GLY A 133 26.65 4.22 27.16
CA GLY A 133 26.21 4.67 28.46
C GLY A 133 26.84 5.94 28.96
N PHE A 134 27.50 6.72 28.10
CA PHE A 134 28.28 7.85 28.58
C PHE A 134 27.45 8.94 29.23
N PHE A 135 27.85 9.32 30.45
CA PHE A 135 27.33 10.49 31.15
C PHE A 135 28.42 11.23 31.92
N ASP A 136 28.05 12.41 32.39
CA ASP A 136 28.93 13.31 33.12
C ASP A 136 28.19 13.70 34.39
N GLU A 137 28.91 14.32 35.31
CA GLU A 137 28.32 14.90 36.51
C GLU A 137 27.23 15.94 36.14
N LYS A 138 27.58 16.83 35.21
CA LYS A 138 26.71 17.94 34.76
C LYS A 138 25.40 17.51 34.08
N LYS A 139 25.44 16.42 33.30
CA LYS A 139 24.26 15.91 32.61
C LYS A 139 24.44 14.47 32.09
N LYS A 140 23.32 13.79 31.86
CA LYS A 140 23.32 12.50 31.15
C LYS A 140 23.44 12.75 29.66
N VAL A 141 24.66 12.64 29.15
CA VAL A 141 25.03 13.10 27.81
C VAL A 141 24.42 12.25 26.71
N SER A 142 24.46 10.94 26.86
CA SER A 142 23.93 10.06 25.84
C SER A 142 22.58 9.59 26.31
N ILE A 143 21.65 9.41 25.37
CA ILE A 143 20.37 8.77 25.67
C ILE A 143 20.62 7.45 26.38
N THR A 144 21.72 6.76 26.06
CA THR A 144 22.06 5.51 26.69
C THR A 144 22.26 5.63 28.20
N SER A 145 22.67 6.80 28.68
CA SER A 145 22.78 7.06 30.14
C SER A 145 21.46 7.47 30.78
N ASP A 146 20.52 7.99 29.98
CA ASP A 146 19.25 8.51 30.49
C ASP A 146 18.10 7.50 30.45
N MET A 147 17.94 6.82 29.32
CA MET A 147 16.88 5.83 29.22
C MET A 147 17.27 4.51 29.89
N PHE A 148 18.56 4.31 30.16
CA PHE A 148 19.07 3.14 30.86
C PHE A 148 19.76 3.64 32.12
N GLU A 149 20.07 2.69 33.02
CA GLU A 149 20.92 2.96 34.21
C GLU A 149 22.30 2.43 33.86
N SER A 150 23.30 3.32 33.77
CA SER A 150 24.62 2.93 33.28
C SER A 150 25.75 3.22 34.24
N LYS A 151 26.73 2.33 34.21
CA LYS A 151 27.91 2.40 35.06
C LYS A 151 29.06 2.34 34.07
N LEU A 152 30.17 3.00 34.37
CA LEU A 152 31.25 3.07 33.40
C LEU A 152 32.51 2.56 34.00
N TYR A 153 33.18 1.68 33.26
CA TYR A 153 34.42 1.06 33.72
C TYR A 153 35.65 1.63 33.03
N LYS A 154 36.49 2.30 33.81
CA LYS A 154 37.71 2.92 33.30
C LYS A 154 38.78 1.88 32.96
N CYS A 155 39.63 2.25 32.00
CA CYS A 155 40.86 1.51 31.71
C CYS A 155 41.90 1.93 32.73
N ASN A 156 42.93 1.13 32.88
CA ASN A 156 44.05 1.42 33.80
C ASN A 156 44.96 2.60 33.35
N SER A 157 45.99 2.89 34.14
CA SER A 157 46.91 4.01 33.84
C SER A 157 47.80 3.78 32.61
N GLN A 158 47.99 2.51 32.22
CA GLN A 158 48.70 2.19 30.98
C GLN A 158 47.81 2.16 29.73
N GLY A 159 46.53 2.49 29.86
CA GLY A 159 45.58 2.47 28.73
C GLY A 159 44.98 1.12 28.37
N TYR A 160 45.14 0.12 29.24
CA TYR A 160 44.56 -1.21 29.01
C TYR A 160 43.24 -1.38 29.77
N VAL A 161 42.31 -2.15 29.20
CA VAL A 161 41.10 -2.60 29.90
C VAL A 161 41.47 -3.42 31.13
N ASP A 162 40.99 -3.00 32.30
CA ASP A 162 41.25 -3.67 33.57
C ASP A 162 40.05 -4.53 33.94
N LEU A 163 40.11 -5.81 33.59
CA LEU A 163 39.01 -6.76 33.83
C LEU A 163 38.62 -6.92 35.29
N ASP A 164 39.60 -6.82 36.20
CA ASP A 164 39.32 -6.88 37.63
C ASP A 164 38.32 -5.78 38.04
N ALA A 165 38.55 -4.57 37.56
CA ALA A 165 37.65 -3.44 37.80
C ALA A 165 36.26 -3.70 37.22
N VAL A 166 36.22 -4.31 36.03
CA VAL A 166 34.97 -4.72 35.35
C VAL A 166 34.16 -5.69 36.20
N ARG A 167 34.82 -6.77 36.65
CA ARG A 167 34.22 -7.79 37.53
C ARG A 167 33.75 -7.21 38.85
N GLU A 168 34.62 -6.47 39.53
CA GLU A 168 34.25 -5.86 40.81
C GLU A 168 33.01 -5.00 40.62
N MET A 169 32.95 -4.29 39.49
CA MET A 169 31.81 -3.44 39.16
C MET A 169 30.61 -4.31 38.76
N ALA A 170 30.79 -5.20 37.79
CA ALA A 170 29.73 -6.12 37.39
C ALA A 170 28.99 -6.83 38.58
N LEU A 171 29.72 -7.32 39.57
CA LEU A 171 29.13 -8.04 40.71
C LEU A 171 28.27 -7.16 41.60
N SER A 172 28.78 -5.97 41.93
CA SER A 172 28.00 -4.99 42.71
C SER A 172 26.85 -4.35 41.93
N PHE A 173 27.12 -3.90 40.72
CA PHE A 173 26.13 -3.20 39.89
C PHE A 173 25.04 -4.10 39.29
N LYS A 174 25.39 -5.34 38.94
CA LYS A 174 24.44 -6.34 38.45
C LYS A 174 23.69 -5.90 37.20
N PRO A 175 24.42 -5.56 36.12
CA PRO A 175 23.69 -5.11 34.94
C PRO A 175 23.14 -6.26 34.10
N LYS A 176 22.16 -5.95 33.25
CA LYS A 176 21.69 -6.90 32.25
C LYS A 176 22.57 -6.96 31.01
N VAL A 177 23.35 -5.90 30.72
CA VAL A 177 24.29 -5.94 29.58
C VAL A 177 25.64 -5.30 29.91
N ILE A 178 26.69 -5.91 29.38
CA ILE A 178 28.03 -5.36 29.46
C ILE A 178 28.53 -5.20 28.04
N ILE A 179 28.94 -3.97 27.69
CA ILE A 179 29.42 -3.66 26.33
C ILE A 179 30.95 -3.67 26.23
N CYS A 180 31.46 -4.27 25.17
CA CYS A 180 32.87 -4.19 24.85
C CYS A 180 33.03 -3.90 23.37
N GLY A 181 34.27 -3.57 22.97
CA GLY A 181 34.54 -3.01 21.63
C GLY A 181 34.40 -1.50 21.72
N TYR A 182 35.37 -0.76 21.16
CA TYR A 182 35.48 0.66 21.53
C TYR A 182 35.75 1.61 20.38
N THR A 183 35.71 2.90 20.66
CA THR A 183 35.88 3.92 19.62
C THR A 183 37.35 4.27 19.41
N SER A 184 38.12 4.39 20.47
CA SER A 184 39.56 4.66 20.32
C SER A 184 40.46 3.83 21.24
N TYR A 185 40.41 2.53 21.05
CA TYR A 185 41.18 1.58 21.81
C TYR A 185 42.11 0.92 20.82
N PRO A 186 43.44 1.04 21.04
CA PRO A 186 44.45 0.51 20.13
C PRO A 186 44.85 -0.97 20.30
N ARG A 187 44.24 -1.70 21.23
CA ARG A 187 44.51 -3.15 21.37
C ARG A 187 43.27 -4.04 21.16
N ASP A 188 43.52 -5.34 21.01
CA ASP A 188 42.46 -6.32 20.82
C ASP A 188 41.75 -6.55 22.15
N ILE A 189 40.57 -7.17 22.08
CA ILE A 189 39.73 -7.43 23.24
C ILE A 189 39.75 -8.92 23.58
N ASP A 190 39.75 -9.22 24.88
CA ASP A 190 39.56 -10.59 25.36
C ASP A 190 38.06 -10.83 25.62
N TYR A 191 37.38 -11.33 24.60
CA TYR A 191 35.95 -11.54 24.66
C TYR A 191 35.66 -12.66 25.65
N GLN A 192 36.50 -13.71 25.64
CA GLN A 192 36.39 -14.81 26.61
C GLN A 192 36.20 -14.37 28.04
N GLN A 193 37.04 -13.44 28.51
CA GLN A 193 36.93 -13.00 29.89
C GLN A 193 35.73 -12.09 30.08
N PHE A 194 35.30 -11.39 29.02
CA PHE A 194 34.05 -10.63 29.10
C PHE A 194 32.87 -11.58 29.28
N ARG A 195 32.86 -12.66 28.49
CA ARG A 195 31.85 -13.73 28.58
C ARG A 195 31.79 -14.41 29.96
N GLN A 196 32.97 -14.67 30.52
CA GLN A 196 33.10 -15.19 31.87
C GLN A 196 32.44 -14.26 32.89
N ILE A 197 32.74 -12.97 32.82
CA ILE A 197 32.15 -12.01 33.78
C ILE A 197 30.63 -11.94 33.61
N CYS A 198 30.18 -12.00 32.36
CA CYS A 198 28.76 -11.86 32.06
C CYS A 198 27.93 -13.03 32.59
N ASP A 199 28.45 -14.25 32.47
CA ASP A 199 27.85 -15.46 33.07
C ASP A 199 27.74 -15.40 34.62
N GLU A 200 28.73 -14.80 35.27
CA GLU A 200 28.73 -14.63 36.72
C GLU A 200 27.60 -13.77 37.24
N VAL A 201 27.19 -12.81 36.41
CA VAL A 201 26.16 -11.85 36.73
C VAL A 201 24.85 -12.08 35.96
N ASN A 202 24.86 -13.07 35.06
CA ASN A 202 23.73 -13.35 34.16
C ASN A 202 23.38 -12.17 33.23
N ALA A 203 24.42 -11.48 32.75
CA ALA A 203 24.27 -10.34 31.85
C ALA A 203 24.53 -10.75 30.41
N TYR A 204 23.96 -10.01 29.47
CA TYR A 204 24.25 -10.21 28.05
C TYR A 204 25.64 -9.65 27.72
N LEU A 205 26.30 -10.24 26.72
CA LEU A 205 27.58 -9.75 26.19
C LEU A 205 27.35 -9.04 24.86
N PHE A 206 27.61 -7.74 24.85
CA PHE A 206 27.44 -6.87 23.70
C PHE A 206 28.84 -6.48 23.25
N ALA A 207 29.16 -6.83 22.01
CA ALA A 207 30.39 -6.43 21.35
C ALA A 207 30.11 -5.42 20.23
N ASP A 208 30.68 -4.21 20.33
CA ASP A 208 30.56 -3.17 19.26
C ASP A 208 31.89 -3.12 18.55
N ILE A 209 31.92 -3.66 17.33
CA ILE A 209 33.18 -3.85 16.58
C ILE A 209 33.32 -2.94 15.33
N SER A 210 32.63 -1.80 15.33
CA SER A 210 32.63 -0.85 14.23
C SER A 210 34.00 -0.42 13.73
N HIS A 211 34.90 -0.15 14.65
CA HIS A 211 36.28 0.23 14.30
C HIS A 211 37.16 -0.90 13.81
N ILE A 212 36.86 -2.12 14.22
CA ILE A 212 37.69 -3.28 13.90
C ILE A 212 36.96 -4.34 13.08
N SER A 213 35.85 -3.97 12.47
CA SER A 213 34.95 -4.95 11.81
C SER A 213 35.65 -5.82 10.77
N SER A 214 36.47 -5.19 9.96
CA SER A 214 37.21 -5.86 8.90
C SER A 214 38.20 -6.85 9.43
N PHE A 215 38.73 -6.59 10.61
CA PHE A 215 39.72 -7.47 11.18
C PHE A 215 39.01 -8.71 11.63
N VAL A 216 37.84 -8.52 12.22
CA VAL A 216 37.05 -9.60 12.77
C VAL A 216 36.56 -10.46 11.60
N ALA A 217 36.11 -9.82 10.54
CA ALA A 217 35.61 -10.53 9.39
C ALA A 217 36.65 -11.45 8.79
N CYS A 218 37.85 -10.93 8.63
CA CYS A 218 38.92 -11.66 7.97
C CYS A 218 39.82 -12.49 8.92
N ASN A 219 39.38 -12.69 10.17
CA ASN A 219 40.07 -13.57 11.15
C ASN A 219 41.51 -13.15 11.48
N ILE A 220 41.74 -11.83 11.45
CA ILE A 220 43.03 -11.24 11.77
C ILE A 220 43.07 -11.00 13.27
N LEU A 221 41.93 -10.63 13.85
CA LEU A 221 41.84 -10.37 15.27
C LEU A 221 40.85 -11.31 15.94
N ASN A 222 40.85 -11.33 17.27
CA ASN A 222 39.89 -12.10 18.02
C ASN A 222 38.45 -11.96 17.49
N ASN A 223 37.70 -13.05 17.63
CA ASN A 223 36.37 -13.17 17.06
C ASN A 223 35.35 -13.09 18.17
N PRO A 224 34.53 -12.05 18.16
CA PRO A 224 33.56 -11.93 19.22
C PRO A 224 32.34 -12.85 19.00
N PHE A 225 32.13 -13.32 17.77
CA PHE A 225 30.99 -14.19 17.47
C PHE A 225 31.01 -15.49 18.29
N LEU A 226 32.20 -15.98 18.61
CA LEU A 226 32.39 -17.12 19.47
C LEU A 226 31.82 -16.96 20.90
N HIS A 227 31.76 -15.73 21.41
CA HIS A 227 31.34 -15.50 22.80
C HIS A 227 30.19 -14.53 23.00
N ALA A 228 29.82 -13.73 21.99
CA ALA A 228 28.87 -12.63 22.22
C ALA A 228 27.43 -12.99 21.85
N ASP A 229 26.49 -12.44 22.62
CA ASP A 229 25.07 -12.54 22.30
C ASP A 229 24.68 -11.54 21.24
N VAL A 230 25.20 -10.32 21.35
CA VAL A 230 24.90 -9.29 20.35
C VAL A 230 26.18 -8.71 19.77
N VAL A 231 26.21 -8.53 18.45
CA VAL A 231 27.32 -7.82 17.84
C VAL A 231 26.81 -6.70 16.96
N THR A 232 27.15 -5.46 17.29
CA THR A 232 26.87 -4.32 16.38
C THR A 232 28.11 -3.85 15.65
N THR A 233 27.89 -3.30 14.47
CA THR A 233 28.93 -2.66 13.72
C THR A 233 28.38 -1.65 12.72
N THR A 234 29.18 -0.60 12.47
CA THR A 234 28.89 0.32 11.39
C THR A 234 29.50 -0.25 10.15
N THR A 235 29.07 0.26 9.00
CA THR A 235 29.54 -0.18 7.67
C THR A 235 30.54 0.80 6.97
N HIS A 236 30.78 1.99 7.55
CA HIS A 236 31.46 3.14 6.83
C HIS A 236 32.93 3.34 7.18
N LYS A 237 33.44 2.57 8.15
CA LYS A 237 34.81 2.73 8.57
C LYS A 237 35.73 1.78 7.80
N ILE A 238 36.48 0.95 8.53
CA ILE A 238 37.43 0.00 7.96
C ILE A 238 36.76 -0.92 6.95
N LEU A 239 35.49 -1.24 7.18
CA LEU A 239 34.69 -2.04 6.24
C LEU A 239 34.46 -1.40 4.88
N ARG A 240 34.58 -0.08 4.80
CA ARG A 240 34.54 0.64 3.52
C ARG A 240 33.14 0.66 2.91
N GLY A 241 32.12 0.53 3.74
CA GLY A 241 30.74 0.60 3.26
C GLY A 241 30.18 2.00 3.26
N PRO A 242 28.87 2.12 3.07
CA PRO A 242 28.20 3.40 3.22
C PRO A 242 27.97 3.67 4.70
N ARG A 243 27.31 4.77 4.99
CA ARG A 243 27.00 5.09 6.37
C ARG A 243 25.75 4.31 6.78
N SER A 244 25.96 3.24 7.52
CA SER A 244 24.88 2.36 7.97
C SER A 244 25.36 1.52 9.10
N ALA A 245 24.46 0.70 9.63
CA ALA A 245 24.81 -0.22 10.70
C ALA A 245 24.09 -1.56 10.61
N LEU A 246 24.70 -2.55 11.28
CA LEU A 246 24.27 -3.94 11.30
C LEU A 246 24.17 -4.36 12.75
N ILE A 247 23.14 -5.14 13.05
CA ILE A 247 22.99 -5.78 14.35
C ILE A 247 22.90 -7.29 14.14
N PHE A 248 23.82 -7.98 14.80
CA PHE A 248 23.94 -9.41 14.84
C PHE A 248 23.46 -9.93 16.20
N PHE A 249 22.68 -11.02 16.18
CA PHE A 249 22.16 -11.63 17.42
C PHE A 249 22.29 -13.14 17.36
N ASN A 250 22.64 -13.73 18.48
CA ASN A 250 22.90 -15.15 18.57
C ASN A 250 21.63 -15.91 18.99
N LYS A 251 20.94 -16.49 18.03
CA LYS A 251 19.73 -17.25 18.31
C LYS A 251 19.91 -18.44 19.28
N LYS A 252 20.94 -19.25 19.09
CA LYS A 252 21.16 -20.43 19.95
C LYS A 252 21.31 -20.14 21.43
N ARG A 253 22.08 -19.11 21.74
CA ARG A 253 22.22 -18.67 23.11
C ARG A 253 20.89 -18.10 23.64
N ASN A 254 20.13 -17.40 22.78
CA ASN A 254 18.92 -16.69 23.20
C ASN A 254 17.79 -16.84 22.16
N PRO A 255 16.98 -17.91 22.25
CA PRO A 255 15.89 -18.00 21.27
C PRO A 255 14.82 -16.92 21.54
N GLY A 256 14.15 -16.46 20.49
CA GLY A 256 13.22 -15.33 20.64
C GLY A 256 13.87 -13.97 20.97
N ILE A 257 15.16 -13.85 20.65
CA ILE A 257 15.86 -12.57 20.58
C ILE A 257 15.73 -11.99 19.18
N GLU A 258 15.56 -12.86 18.17
CA GLU A 258 15.34 -12.43 16.79
C GLU A 258 14.22 -11.41 16.64
N GLN A 259 13.08 -11.71 17.27
CA GLN A 259 11.91 -10.82 17.23
C GLN A 259 12.15 -9.55 18.08
N LYS A 260 12.73 -9.70 19.26
CA LYS A 260 13.08 -8.58 20.16
C LYS A 260 13.98 -7.49 19.52
N ILE A 261 15.03 -7.93 18.86
CA ILE A 261 15.91 -7.06 18.09
C ILE A 261 15.17 -6.48 16.90
N ASN A 262 14.47 -7.33 16.16
CA ASN A 262 13.80 -6.88 14.95
C ASN A 262 12.67 -5.90 15.23
N SER A 263 11.98 -6.04 16.36
CA SER A 263 10.88 -5.13 16.72
C SER A 263 11.44 -3.79 17.26
N ALA A 264 12.56 -3.84 17.96
CA ALA A 264 13.29 -2.67 18.42
C ALA A 264 13.70 -1.76 17.28
N VAL A 265 14.26 -2.31 16.22
CA VAL A 265 14.58 -1.50 15.07
C VAL A 265 13.31 -0.97 14.47
N PHE A 266 12.35 -1.84 14.19
CA PHE A 266 11.03 -1.41 13.76
C PHE A 266 9.99 -2.28 14.37
N PRO A 267 8.92 -1.73 14.92
CA PRO A 267 8.57 -0.30 14.84
C PRO A 267 8.90 0.52 16.09
N SER A 268 9.71 0.00 16.97
CA SER A 268 9.99 0.70 18.21
C SER A 268 10.68 2.07 17.97
N PHE A 269 11.69 2.11 17.09
CA PHE A 269 12.54 3.28 16.89
C PHE A 269 12.44 3.85 15.48
N GLN A 270 12.56 3.03 14.46
CA GLN A 270 12.62 3.55 13.10
C GLN A 270 11.31 3.33 12.38
N GLY A 271 11.16 4.03 11.26
CA GLY A 271 10.07 3.83 10.29
C GLY A 271 10.61 3.14 9.04
N GLY A 272 10.47 3.79 7.90
CA GLY A 272 10.87 3.24 6.61
C GLY A 272 12.37 3.06 6.51
N PRO A 273 12.83 1.89 5.99
CA PRO A 273 14.28 1.76 5.84
C PRO A 273 14.76 2.57 4.67
N HIS A 274 16.06 2.75 4.60
CA HIS A 274 16.67 3.46 3.50
C HIS A 274 17.26 2.43 2.56
N ASN A 275 16.52 2.14 1.50
CA ASN A 275 16.86 1.01 0.64
C ASN A 275 18.12 1.22 -0.17
N ASN A 276 18.46 2.49 -0.48
CA ASN A 276 19.76 2.83 -1.08
C ASN A 276 20.94 2.45 -0.16
N LYS A 277 20.77 2.66 1.14
CA LYS A 277 21.75 2.18 2.12
C LYS A 277 21.92 0.68 2.01
N ILE A 278 20.80 -0.01 2.07
CA ILE A 278 20.82 -1.47 2.12
C ILE A 278 21.49 -2.04 0.87
N ALA A 279 21.15 -1.49 -0.29
CA ALA A 279 21.78 -1.88 -1.55
C ALA A 279 23.28 -1.57 -1.54
N ALA A 280 23.65 -0.40 -1.03
CA ALA A 280 25.06 -0.01 -0.97
C ALA A 280 25.82 -0.93 -0.03
N VAL A 281 25.19 -1.29 1.06
CA VAL A 281 25.80 -2.22 2.01
C VAL A 281 26.03 -3.57 1.39
N ALA A 282 25.04 -4.07 0.67
CA ALA A 282 25.15 -5.38 0.00
C ALA A 282 26.30 -5.38 -0.96
N CYS A 283 26.41 -4.31 -1.74
CA CYS A 283 27.48 -4.16 -2.71
C CYS A 283 28.88 -4.22 -2.11
N GLN A 284 29.03 -3.65 -0.92
CA GLN A 284 30.32 -3.69 -0.24
C GLN A 284 30.51 -5.01 0.48
N LEU A 285 29.45 -5.58 1.07
CA LEU A 285 29.58 -6.90 1.69
C LEU A 285 30.06 -8.00 0.70
N LYS A 286 29.79 -7.86 -0.59
CA LYS A 286 30.35 -8.80 -1.56
C LYS A 286 31.85 -8.67 -1.55
N GLU A 287 32.32 -7.44 -1.73
CA GLU A 287 33.75 -7.15 -1.72
C GLU A 287 34.45 -7.59 -0.44
N VAL A 288 33.79 -7.44 0.71
CA VAL A 288 34.41 -7.84 1.97
C VAL A 288 34.81 -9.30 1.93
N HIS A 289 33.94 -10.18 1.43
CA HIS A 289 34.24 -11.62 1.46
C HIS A 289 35.41 -12.08 0.58
N SER A 290 35.64 -11.36 -0.53
CA SER A 290 36.73 -11.65 -1.46
C SER A 290 38.11 -11.70 -0.80
N PRO A 291 39.07 -12.45 -1.41
CA PRO A 291 40.43 -12.48 -0.85
C PRO A 291 41.20 -11.16 -1.04
N ALA A 292 40.83 -10.37 -2.06
CA ALA A 292 41.40 -9.03 -2.27
C ALA A 292 41.23 -8.08 -1.08
N PHE A 293 40.09 -8.15 -0.39
CA PHE A 293 39.79 -7.26 0.70
C PHE A 293 40.54 -7.64 1.98
N LYS A 294 40.73 -8.94 2.17
CA LYS A 294 41.60 -9.44 3.27
C LYS A 294 42.99 -8.81 3.14
N GLU A 295 43.55 -8.85 1.92
CA GLU A 295 44.89 -8.27 1.66
C GLU A 295 44.95 -6.79 2.08
N TYR A 296 43.91 -6.04 1.70
CA TYR A 296 43.73 -4.65 2.12
C TYR A 296 43.67 -4.50 3.64
N THR A 297 42.87 -5.34 4.28
CA THR A 297 42.79 -5.35 5.76
C THR A 297 44.14 -5.70 6.42
N GLN A 298 44.85 -6.66 5.83
CA GLN A 298 46.21 -7.00 6.27
C GLN A 298 47.10 -5.76 6.11
N GLN A 299 47.00 -5.11 4.96
CA GLN A 299 47.79 -3.90 4.70
C GLN A 299 47.51 -2.75 5.72
N VAL A 300 46.26 -2.64 6.19
CA VAL A 300 45.88 -1.63 7.20
C VAL A 300 46.65 -1.89 8.49
N LEU A 301 46.75 -3.15 8.88
CA LEU A 301 47.49 -3.49 10.10
C LEU A 301 49.00 -3.32 9.91
N LEU A 302 49.53 -3.69 8.74
CA LEU A 302 50.97 -3.52 8.47
C LEU A 302 51.34 -2.04 8.56
N ASN A 303 50.58 -1.21 7.86
CA ASN A 303 50.76 0.24 7.89
C ASN A 303 50.61 0.82 9.28
N SER A 304 49.66 0.30 10.05
CA SER A 304 49.46 0.75 11.42
C SER A 304 50.64 0.41 12.33
N LYS A 305 51.23 -0.76 12.15
CA LYS A 305 52.42 -1.18 12.90
C LYS A 305 53.61 -0.32 12.51
N ALA A 306 53.80 -0.17 11.18
CA ALA A 306 54.90 0.66 10.67
C ALA A 306 54.77 2.09 11.15
N LEU A 307 53.55 2.63 11.18
CA LEU A 307 53.33 3.99 11.63
C LEU A 307 53.69 4.13 13.10
N ALA A 308 53.25 3.19 13.93
CA ALA A 308 53.55 3.25 15.37
C ALA A 308 55.03 3.19 15.63
N LYS A 309 55.69 2.28 14.90
CA LYS A 309 57.12 2.01 15.05
C LYS A 309 57.96 3.24 14.64
N ALA A 310 57.57 3.87 13.54
CA ALA A 310 58.21 5.10 13.07
C ALA A 310 58.00 6.29 14.04
N LEU A 311 56.82 6.41 14.61
CA LEU A 311 56.55 7.48 15.58
C LEU A 311 57.38 7.32 16.85
N ILE A 312 57.59 6.07 17.27
CA ILE A 312 58.42 5.74 18.42
C ILE A 312 59.89 6.01 18.13
N SER A 313 60.37 5.62 16.95
CA SER A 313 61.72 5.98 16.51
C SER A 313 62.04 7.51 16.57
N LYS A 314 60.99 8.34 16.44
CA LYS A 314 61.09 9.82 16.63
C LYS A 314 60.67 10.23 18.01
N GLN A 315 60.78 9.32 18.98
CA GLN A 315 60.56 9.65 20.39
C GLN A 315 59.15 10.14 20.69
N ILE A 316 58.13 9.60 20.02
CA ILE A 316 56.73 9.93 20.33
C ILE A 316 56.10 8.75 21.12
N ASP A 317 55.45 9.09 22.24
CA ASP A 317 54.75 8.15 23.09
C ASP A 317 53.36 7.79 22.55
N LEU A 318 53.08 6.49 22.51
CA LEU A 318 51.81 5.96 22.12
C LEU A 318 51.17 5.28 23.30
N VAL A 319 49.85 5.40 23.42
CA VAL A 319 49.13 4.79 24.54
C VAL A 319 49.20 3.29 24.30
N THR A 320 49.53 2.57 25.37
CA THR A 320 49.90 1.16 25.33
C THR A 320 51.20 0.87 24.56
N ASN A 321 51.95 1.92 24.20
CA ASN A 321 53.18 1.83 23.40
C ASN A 321 53.11 1.02 22.10
N GLY A 322 51.97 1.08 21.42
CA GLY A 322 51.78 0.33 20.19
C GLY A 322 50.33 0.02 19.89
N THR A 323 50.15 -0.94 19.00
CA THR A 323 48.84 -1.23 18.53
C THR A 323 48.70 -2.67 17.98
N ASP A 324 47.50 -3.21 18.11
CA ASP A 324 47.10 -4.47 17.49
C ASP A 324 46.20 -4.29 16.33
N ASN A 325 45.85 -3.04 16.01
CA ASN A 325 44.86 -2.76 15.01
C ASN A 325 45.24 -1.60 14.12
N HIS A 326 44.25 -1.03 13.47
CA HIS A 326 44.34 0.11 12.58
C HIS A 326 44.58 1.48 13.20
N LEU A 327 44.54 1.60 14.54
CA LEU A 327 44.61 2.91 15.16
C LEU A 327 45.66 3.05 16.25
N ILE A 328 46.07 4.29 16.45
CA ILE A 328 47.10 4.63 17.41
C ILE A 328 46.57 5.83 18.16
N VAL A 329 46.94 5.99 19.41
CA VAL A 329 46.66 7.24 20.13
C VAL A 329 47.99 7.78 20.63
N VAL A 330 48.35 8.99 20.19
CA VAL A 330 49.57 9.67 20.60
C VAL A 330 49.32 10.43 21.88
N ASP A 331 50.18 10.18 22.87
CA ASP A 331 50.22 10.94 24.13
C ASP A 331 51.18 12.14 23.95
N LEU A 332 50.66 13.35 24.04
CA LEU A 332 51.45 14.55 23.80
C LEU A 332 52.02 15.24 25.05
N ARG A 333 51.77 14.68 26.24
CA ARG A 333 52.26 15.28 27.51
C ARG A 333 53.76 15.65 27.54
N LYS A 334 54.63 14.86 26.92
CA LYS A 334 56.07 15.18 26.96
C LYS A 334 56.43 16.45 26.15
N PHE A 335 55.55 16.82 25.23
CA PHE A 335 55.66 18.02 24.44
C PHE A 335 54.94 19.23 25.02
N SER A 336 54.20 19.03 26.10
CA SER A 336 53.49 20.10 26.78
C SER A 336 52.45 20.83 25.89
N ILE A 337 51.97 20.17 24.84
CA ILE A 337 50.91 20.70 23.96
C ILE A 337 49.66 19.86 24.12
N THR A 338 48.51 20.43 23.76
CA THR A 338 47.21 19.75 23.85
C THR A 338 46.93 19.12 22.49
N GLY A 339 46.04 18.12 22.48
CA GLY A 339 45.55 17.54 21.24
C GLY A 339 44.84 18.56 20.36
N SER A 340 44.12 19.52 20.97
CA SER A 340 43.36 20.52 20.20
C SER A 340 44.27 21.42 19.38
N LYS A 341 45.38 21.86 19.99
CA LYS A 341 46.39 22.64 19.25
C LYS A 341 46.98 21.86 18.08
N LEU A 342 47.31 20.58 18.29
CA LEU A 342 47.91 19.77 17.23
C LEU A 342 46.94 19.56 16.08
N GLN A 343 45.66 19.45 16.39
CA GLN A 343 44.62 19.28 15.37
C GLN A 343 44.53 20.49 14.43
N GLU A 344 44.49 21.68 15.00
CA GLU A 344 44.45 22.90 14.19
C GLU A 344 45.66 22.94 13.30
N THR A 345 46.84 22.70 13.89
CA THR A 345 48.07 22.68 13.14
C THR A 345 48.01 21.72 11.97
N CYS A 346 47.52 20.53 12.25
CA CYS A 346 47.39 19.50 11.21
C CYS A 346 46.32 19.88 10.16
N ASN A 347 45.24 20.57 10.57
CA ASN A 347 44.25 21.08 9.59
C ASN A 347 44.89 22.11 8.64
N ALA A 348 45.74 22.98 9.18
CA ALA A 348 46.49 23.96 8.36
C ALA A 348 47.45 23.31 7.33
N ILE A 349 47.84 22.06 7.56
CA ILE A 349 48.73 21.35 6.61
C ILE A 349 48.03 20.23 5.86
N ASN A 350 46.70 20.24 5.89
CA ASN A 350 45.86 19.22 5.25
C ASN A 350 46.11 17.79 5.75
N VAL A 351 46.31 17.66 7.07
CA VAL A 351 46.42 16.36 7.71
C VAL A 351 45.21 16.24 8.61
N SER A 352 44.40 15.21 8.35
CA SER A 352 43.17 15.00 9.10
C SER A 352 43.36 14.05 10.26
N LEU A 353 43.10 14.55 11.45
CA LEU A 353 43.15 13.76 12.65
C LEU A 353 42.22 14.34 13.71
N ASN A 354 42.01 13.63 14.80
CA ASN A 354 41.13 14.14 15.85
C ASN A 354 41.81 14.11 17.18
N LYS A 355 41.51 15.12 17.99
CA LYS A 355 41.91 15.15 19.36
C LYS A 355 41.28 13.96 20.12
N ASN A 356 41.98 13.50 21.14
CA ASN A 356 41.59 12.32 21.86
C ASN A 356 42.13 12.37 23.27
N THR A 357 41.35 11.81 24.17
CA THR A 357 41.72 11.70 25.57
C THR A 357 42.78 10.61 25.80
N ILE A 358 43.50 10.72 26.92
CA ILE A 358 44.44 9.71 27.37
C ILE A 358 44.11 9.38 28.84
N PRO A 359 44.64 8.28 29.39
CA PRO A 359 44.32 7.84 30.77
C PRO A 359 44.43 8.89 31.87
N SER A 360 45.47 9.73 31.80
CA SER A 360 45.73 10.73 32.85
C SER A 360 44.72 11.90 32.87
N ASP A 361 44.04 12.16 31.74
CA ASP A 361 43.11 13.29 31.66
C ASP A 361 41.94 13.09 32.63
N VAL A 362 41.63 14.13 33.41
CA VAL A 362 40.49 14.14 34.33
C VAL A 362 39.24 14.76 33.64
N ASP A 363 39.40 15.32 32.44
CA ASP A 363 38.28 15.97 31.76
C ASP A 363 38.50 16.01 30.24
N CYS A 364 37.40 15.87 29.49
CA CYS A 364 37.39 15.91 28.02
C CYS A 364 37.71 17.27 27.37
N VAL A 365 37.69 18.36 28.15
CA VAL A 365 38.21 19.65 27.71
C VAL A 365 39.72 19.60 27.93
N SER A 366 40.48 20.01 26.94
CA SER A 366 41.95 19.89 26.94
C SER A 366 42.45 18.42 27.03
N PRO A 367 42.06 17.55 26.05
CA PRO A 367 42.60 16.19 26.01
C PRO A 367 44.07 16.18 25.59
N SER A 368 44.84 15.22 26.09
CA SER A 368 46.27 15.29 25.91
C SER A 368 46.77 14.46 24.73
N GLY A 369 45.89 14.12 23.77
CA GLY A 369 46.31 13.29 22.66
C GLY A 369 45.62 13.54 21.36
N VAL A 370 46.08 12.80 20.36
CA VAL A 370 45.42 12.74 19.10
C VAL A 370 45.33 11.28 18.73
N ARG A 371 44.34 10.93 17.91
CA ARG A 371 44.18 9.60 17.44
C ARG A 371 44.31 9.58 15.93
N ILE A 372 45.03 8.59 15.42
CA ILE A 372 45.23 8.40 14.01
C ILE A 372 44.90 6.97 13.61
N GLY A 373 44.66 6.78 12.32
CA GLY A 373 44.37 5.45 11.81
C GLY A 373 44.78 5.36 10.37
N THR A 374 45.01 4.14 9.92
CA THR A 374 45.49 3.89 8.57
C THR A 374 44.49 3.49 7.50
N PRO A 375 43.19 3.25 7.86
CA PRO A 375 42.33 2.69 6.80
C PRO A 375 42.13 3.57 5.56
N ALA A 376 41.93 4.86 5.75
CA ALA A 376 41.77 5.75 4.61
C ALA A 376 43.02 5.78 3.72
N MET A 377 44.18 5.99 4.34
CA MET A 377 45.42 6.06 3.55
C MET A 377 45.81 4.72 2.91
N THR A 378 45.48 3.63 3.58
CA THR A 378 45.64 2.30 3.02
C THR A 378 44.71 2.14 1.85
N THR A 379 43.52 2.71 1.94
CA THR A 379 42.63 2.72 0.79
C THR A 379 43.28 3.46 -0.39
N ARG A 380 43.95 4.56 -0.11
CA ARG A 380 44.61 5.32 -1.16
C ARG A 380 45.97 4.78 -1.63
N GLY A 381 46.37 3.59 -1.19
CA GLY A 381 47.52 2.89 -1.78
C GLY A 381 48.84 3.01 -1.04
N ALA A 382 48.86 3.67 0.12
CA ALA A 382 50.07 3.80 0.93
C ALA A 382 50.52 2.45 1.51
N LYS A 383 51.83 2.24 1.51
CA LYS A 383 52.44 1.01 1.98
C LYS A 383 53.29 1.32 3.22
N GLU A 384 53.95 0.31 3.78
CA GLU A 384 54.77 0.53 5.01
C GLU A 384 55.84 1.64 4.92
N LYS A 385 56.49 1.77 3.76
CA LYS A 385 57.58 2.76 3.51
C LYS A 385 57.05 4.19 3.53
N ASP A 386 55.77 4.34 3.17
CA ASP A 386 55.07 5.63 3.17
C ASP A 386 54.78 6.13 4.59
N MET A 387 54.87 5.24 5.57
CA MET A 387 54.52 5.60 6.93
C MET A 387 55.58 6.46 7.61
N GLU A 388 56.84 6.31 7.23
CA GLU A 388 57.92 7.16 7.80
C GLU A 388 57.65 8.61 7.45
N PHE A 389 57.32 8.85 6.19
CA PHE A 389 56.92 10.16 5.73
C PHE A 389 55.70 10.74 6.47
N ILE A 390 54.71 9.90 6.78
CA ILE A 390 53.57 10.36 7.60
C ILE A 390 54.00 10.68 9.01
N ALA A 391 54.78 9.77 9.59
CA ALA A 391 55.35 10.00 10.89
C ALA A 391 56.22 11.26 10.91
N ASP A 392 56.98 11.49 9.82
CA ASP A 392 57.80 12.70 9.66
C ASP A 392 56.95 13.98 9.70
N VAL A 393 55.88 13.99 8.93
CA VAL A 393 54.99 15.16 8.88
C VAL A 393 54.37 15.43 10.26
N LEU A 394 53.93 14.38 10.94
CA LEU A 394 53.37 14.55 12.30
C LEU A 394 54.36 15.09 13.31
N ALA A 395 55.59 14.59 13.27
CA ALA A 395 56.64 15.12 14.16
C ALA A 395 56.97 16.61 13.87
N ARG A 396 57.05 16.95 12.58
CA ARG A 396 57.26 18.34 12.18
C ARG A 396 56.10 19.20 12.66
N ALA A 397 54.87 18.69 12.56
CA ALA A 397 53.71 19.43 13.03
C ALA A 397 53.71 19.58 14.52
N ILE A 398 54.17 18.55 15.22
CA ILE A 398 54.33 18.65 16.67
C ILE A 398 55.36 19.70 17.02
N LYS A 399 56.49 19.68 16.30
CA LYS A 399 57.54 20.71 16.53
C LYS A 399 57.00 22.16 16.32
N ILE A 400 56.37 22.39 15.17
CA ILE A 400 55.79 23.69 14.86
C ILE A 400 54.76 24.08 15.90
N THR A 401 53.93 23.12 16.29
CA THR A 401 52.96 23.37 17.34
C THR A 401 53.61 23.85 18.64
N VAL A 402 54.79 23.31 18.96
CA VAL A 402 55.50 23.73 20.16
C VAL A 402 56.07 25.15 19.98
N ASP A 403 56.64 25.38 18.80
CA ASP A 403 57.22 26.68 18.39
C ASP A 403 56.17 27.78 18.48
N LEU A 404 55.00 27.55 17.88
CA LEU A 404 53.88 28.50 17.95
C LEU A 404 53.32 28.69 19.38
N GLN A 405 53.35 27.66 20.19
CA GLN A 405 52.90 27.78 21.59
C GLN A 405 53.89 28.59 22.44
N GLU A 406 55.18 28.46 22.09
CA GLU A 406 56.25 29.27 22.68
C GLU A 406 56.07 30.76 22.35
N GLN A 407 55.73 31.05 21.09
CA GLN A 407 55.60 32.42 20.62
C GLN A 407 54.33 33.15 21.15
N TYR A 408 53.18 32.50 21.00
CA TYR A 408 51.89 33.14 21.33
C TYR A 408 51.25 32.68 22.63
N GLY A 409 51.81 31.65 23.26
CA GLY A 409 51.26 31.12 24.52
C GLY A 409 50.19 30.05 24.35
N LYS A 410 49.81 29.48 25.50
CA LYS A 410 48.95 28.29 25.58
C LYS A 410 47.44 28.51 25.35
N LYS A 411 46.95 29.74 25.52
CA LYS A 411 45.54 30.05 25.26
C LYS A 411 45.24 29.78 23.80
N LEU A 412 44.17 29.02 23.53
CA LEU A 412 43.89 28.56 22.17
C LEU A 412 43.66 29.73 21.22
N VAL A 413 42.89 30.73 21.69
CA VAL A 413 42.68 32.01 20.94
C VAL A 413 43.99 32.56 20.38
N ASP A 414 44.96 32.72 21.29
CA ASP A 414 46.28 33.26 20.96
C ASP A 414 47.02 32.29 20.01
N PHE A 415 47.04 30.99 20.36
CA PHE A 415 47.72 29.97 19.55
C PHE A 415 47.26 29.92 18.08
N LYS A 416 45.95 30.06 17.88
CA LYS A 416 45.36 30.00 16.54
C LYS A 416 45.81 31.18 15.69
N LYS A 417 46.06 32.33 16.33
CA LYS A 417 46.50 33.54 15.62
C LYS A 417 47.84 33.35 14.94
N GLY A 418 48.74 32.57 15.55
CA GLY A 418 50.03 32.25 14.94
C GLY A 418 49.96 31.44 13.66
N LEU A 419 48.83 30.75 13.47
CA LEU A 419 48.66 29.72 12.43
C LEU A 419 48.55 30.24 10.99
N PRO A 420 47.75 31.30 10.75
CA PRO A 420 47.65 31.77 9.37
C PRO A 420 48.93 32.47 8.91
N GLY A 421 49.37 32.10 7.70
CA GLY A 421 50.58 32.68 7.12
C GLY A 421 51.93 32.03 7.44
N ASN A 422 52.00 31.15 8.46
CA ASN A 422 53.26 30.56 8.91
C ASN A 422 54.04 29.89 7.77
N ALA A 423 55.25 30.39 7.50
CA ALA A 423 56.08 29.88 6.38
C ALA A 423 56.23 28.37 6.37
N GLN A 424 56.55 27.78 7.53
CA GLN A 424 56.78 26.33 7.62
C GLN A 424 55.51 25.55 7.31
N LEU A 425 54.37 26.02 7.83
CA LEU A 425 53.08 25.39 7.56
C LEU A 425 52.71 25.42 6.09
N GLN A 426 52.93 26.57 5.44
CA GLN A 426 52.71 26.70 3.98
C GLN A 426 53.58 25.71 3.26
N GLN A 427 54.83 25.59 3.70
CA GLN A 427 55.76 24.60 3.14
C GLN A 427 55.36 23.14 3.45
N LEU A 428 54.89 22.87 4.66
CA LEU A 428 54.48 21.53 5.03
C LEU A 428 53.20 21.12 4.31
N LYS A 429 52.16 21.97 4.39
CA LYS A 429 50.94 21.82 3.57
C LYS A 429 51.23 21.48 2.11
N GLN A 430 52.11 22.27 1.49
CA GLN A 430 52.46 22.10 0.10
C GLN A 430 53.03 20.70 -0.13
N GLU A 431 53.96 20.29 0.73
CA GLU A 431 54.50 18.92 0.72
C GLU A 431 53.40 17.86 0.87
N VAL A 432 52.51 18.08 1.84
CA VAL A 432 51.39 17.17 2.06
C VAL A 432 50.51 17.04 0.81
N VAL A 433 50.15 18.21 0.25
CA VAL A 433 49.30 18.31 -0.94
C VAL A 433 49.93 17.63 -2.15
N THR A 434 51.25 17.74 -2.31
CA THR A 434 51.87 17.16 -3.49
C THR A 434 51.84 15.66 -3.38
N TRP A 435 52.14 15.12 -2.21
CA TRP A 435 52.17 13.65 -2.06
C TRP A 435 50.75 13.06 -2.03
N ALA A 436 49.86 13.69 -1.26
CA ALA A 436 48.43 13.26 -1.18
C ALA A 436 47.71 13.36 -2.52
N GLY A 437 47.94 14.46 -3.21
CA GLY A 437 47.28 14.77 -4.48
C GLY A 437 47.44 13.74 -5.57
N ALA A 438 48.54 12.98 -5.57
CA ALA A 438 48.82 12.00 -6.63
C ALA A 438 48.46 10.55 -6.27
N LEU A 439 48.05 10.31 -5.03
CA LEU A 439 47.70 8.95 -4.59
C LEU A 439 46.40 8.50 -5.25
N PRO A 440 46.26 7.21 -5.62
CA PRO A 440 44.99 6.76 -6.20
C PRO A 440 43.78 7.18 -5.35
N PHE A 441 42.72 7.63 -6.03
CA PHE A 441 41.54 8.21 -5.39
C PHE A 441 40.29 7.53 -5.95
N PRO A 442 39.54 6.80 -5.10
CA PRO A 442 38.28 6.28 -5.60
C PRO A 442 37.22 7.36 -5.60
N MET B 1 44.39 1.00 -3.38
CA MET B 1 44.12 -0.48 -3.16
C MET B 1 42.61 -0.75 -3.13
N PHE B 2 41.93 -0.31 -4.19
CA PHE B 2 40.48 -0.45 -4.29
C PHE B 2 40.04 -0.92 -5.67
N ASN B 3 38.78 -1.38 -5.75
CA ASN B 3 38.12 -1.74 -7.01
C ASN B 3 37.22 -0.62 -7.56
N ASN B 4 37.66 -0.01 -8.66
CA ASN B 4 36.91 1.09 -9.27
C ASN B 4 35.92 0.69 -10.40
N GLU B 5 35.82 -0.60 -10.70
CA GLU B 5 34.85 -1.09 -11.72
C GLU B 5 33.40 -0.62 -11.47
N PRO B 6 32.65 -0.27 -12.55
CA PRO B 6 31.26 0.17 -12.32
C PRO B 6 30.35 -0.92 -11.81
N LEU B 7 29.27 -0.50 -11.14
CA LEU B 7 28.33 -1.37 -10.43
C LEU B 7 27.93 -2.63 -11.22
N GLU B 8 27.67 -2.45 -12.52
CA GLU B 8 27.29 -3.56 -13.42
C GLU B 8 28.35 -4.69 -13.49
N GLN B 9 29.62 -4.31 -13.60
CA GLN B 9 30.73 -5.28 -13.62
C GLN B 9 31.02 -5.85 -12.23
N ILE B 10 31.17 -4.96 -11.24
CA ILE B 10 31.44 -5.39 -9.85
C ILE B 10 30.35 -6.29 -9.27
N ASP B 11 29.07 -5.93 -9.44
CA ASP B 11 27.98 -6.71 -8.83
C ASP B 11 26.83 -6.80 -9.79
N LYS B 12 26.94 -7.79 -10.69
CA LYS B 12 25.91 -8.06 -11.68
C LYS B 12 24.63 -8.53 -11.00
N GLU B 13 24.73 -9.36 -9.95
CA GLU B 13 23.54 -9.85 -9.25
C GLU B 13 22.67 -8.72 -8.69
N LEU B 14 23.29 -7.75 -8.01
CA LEU B 14 22.59 -6.58 -7.43
C LEU B 14 22.09 -5.64 -8.48
N HIS B 15 22.92 -5.42 -9.49
CA HIS B 15 22.61 -4.50 -10.56
C HIS B 15 21.39 -4.91 -11.41
N ASP B 16 21.10 -6.22 -11.46
CA ASP B 16 19.93 -6.72 -12.18
C ASP B 16 18.66 -6.30 -11.46
N ILE B 17 18.64 -6.56 -10.16
CA ILE B 17 17.50 -6.27 -9.32
C ILE B 17 17.19 -4.77 -9.34
N LEU B 18 18.21 -3.93 -9.29
CA LEU B 18 18.01 -2.48 -9.33
C LEU B 18 17.47 -2.04 -10.68
N ALA B 19 17.89 -2.69 -11.77
CA ALA B 19 17.28 -2.45 -13.08
C ALA B 19 15.83 -2.94 -13.06
N ASP B 20 15.60 -4.07 -12.39
CA ASP B 20 14.25 -4.57 -12.20
C ASP B 20 13.38 -3.58 -11.45
N GLU B 21 13.85 -3.16 -10.28
CA GLU B 21 13.21 -2.13 -9.43
C GLU B 21 12.92 -0.87 -10.23
N GLU B 22 13.88 -0.42 -11.04
CA GLU B 22 13.69 0.75 -11.90
C GLU B 22 12.51 0.58 -12.87
N LYS B 23 12.45 -0.60 -13.47
CA LYS B 23 11.38 -0.97 -14.40
C LYS B 23 9.99 -1.00 -13.68
N ARG B 24 9.91 -1.63 -12.53
CA ARG B 24 8.66 -1.65 -11.77
C ARG B 24 8.15 -0.22 -11.37
N GLN B 25 9.03 0.68 -10.98
CA GLN B 25 8.65 2.07 -10.68
C GLN B 25 8.12 2.83 -11.92
N ARG B 26 8.79 2.57 -13.03
CA ARG B 26 8.44 3.11 -14.34
C ARG B 26 7.08 2.65 -14.84
N GLU B 27 6.66 1.46 -14.43
CA GLU B 27 5.45 0.85 -14.97
C GLU B 27 4.38 0.60 -13.90
N THR B 28 4.39 1.44 -12.87
CA THR B 28 3.46 1.31 -11.75
C THR B 28 2.66 2.60 -11.66
N ILE B 29 1.37 2.46 -11.33
CA ILE B 29 0.59 3.61 -10.89
C ILE B 29 0.80 3.68 -9.37
N ASN B 30 1.63 4.64 -8.96
CA ASN B 30 2.04 4.78 -7.57
C ASN B 30 1.13 5.76 -6.88
N LEU B 31 0.23 5.22 -6.06
CA LEU B 31 -0.67 6.02 -5.24
C LEU B 31 -0.30 5.98 -3.75
N ILE B 32 0.94 5.59 -3.40
CA ILE B 32 1.40 5.65 -1.99
C ILE B 32 1.52 7.13 -1.61
N ALA B 33 0.80 7.52 -0.57
CA ALA B 33 0.62 8.95 -0.23
C ALA B 33 1.92 9.57 0.18
N SER B 34 2.75 8.78 0.84
CA SER B 34 4.09 9.17 1.32
C SER B 34 5.23 8.99 0.31
N GLU B 35 4.97 8.55 -0.92
CA GLU B 35 6.06 8.33 -1.87
C GLU B 35 6.13 9.41 -2.91
N ASN B 36 7.30 9.56 -3.51
CA ASN B 36 7.57 10.52 -4.56
C ASN B 36 8.74 10.01 -5.38
N LEU B 37 9.15 10.77 -6.37
CA LEU B 37 10.34 10.42 -7.16
C LEU B 37 11.31 11.55 -7.20
N THR B 38 12.54 11.28 -6.77
CA THR B 38 13.58 12.31 -6.70
C THR B 38 14.19 12.51 -8.06
N ASN B 39 14.65 13.73 -8.31
CA ASN B 39 15.32 14.07 -9.58
C ASN B 39 16.76 13.62 -9.58
N GLY B 40 17.39 13.69 -10.74
CA GLY B 40 18.76 13.22 -10.92
C GLY B 40 19.74 14.00 -10.07
N ALA B 41 19.46 15.29 -9.86
CA ALA B 41 20.31 16.13 -9.04
C ALA B 41 20.35 15.72 -7.57
N VAL B 42 19.19 15.38 -7.03
CA VAL B 42 19.11 14.91 -5.64
C VAL B 42 19.86 13.58 -5.48
N ARG B 43 19.76 12.70 -6.46
CA ARG B 43 20.55 11.46 -6.48
C ARG B 43 22.06 11.62 -6.71
N GLU B 44 22.49 12.69 -7.35
CA GLU B 44 23.92 13.04 -7.48
C GLU B 44 24.53 13.41 -6.15
N CYS B 45 23.75 14.10 -5.33
CA CYS B 45 24.13 14.44 -3.98
C CYS B 45 24.18 13.25 -3.03
N LEU B 46 23.23 12.32 -3.16
CA LEU B 46 23.22 11.13 -2.35
C LEU B 46 24.41 10.23 -2.70
N GLY B 47 24.84 10.27 -3.96
CA GLY B 47 26.04 9.55 -4.39
C GLY B 47 27.35 10.32 -4.26
N ASN B 48 27.33 11.48 -3.60
CA ASN B 48 28.52 12.35 -3.53
C ASN B 48 29.52 11.85 -2.48
N ARG B 49 30.81 12.09 -2.72
CA ARG B 49 31.87 11.70 -1.74
C ARG B 49 31.80 12.43 -0.39
N VAL B 50 30.93 13.41 -0.28
CA VAL B 50 30.71 14.10 0.97
C VAL B 50 30.33 13.18 2.15
N SER B 51 29.67 12.05 1.88
CA SER B 51 29.35 11.04 2.92
C SER B 51 30.60 10.37 3.54
N ASN B 52 31.77 10.50 2.89
CA ASN B 52 33.05 10.09 3.52
C ASN B 52 33.41 10.80 4.84
N LYS B 53 32.86 11.98 5.05
CA LYS B 53 33.32 12.82 6.14
C LYS B 53 32.57 12.60 7.41
N TYR B 54 33.32 12.47 8.50
CA TYR B 54 32.79 12.54 9.87
C TYR B 54 32.80 13.99 10.33
N SER B 55 31.67 14.49 10.82
CA SER B 55 31.53 15.85 11.31
C SER B 55 30.56 15.92 12.46
N GLU B 56 30.84 15.14 13.52
CA GLU B 56 30.09 15.22 14.77
C GLU B 56 30.03 16.63 15.34
N GLY B 57 28.87 17.01 15.84
CA GLY B 57 28.64 18.37 16.35
C GLY B 57 27.85 19.21 15.36
N TYR B 58 28.14 20.51 15.34
CA TYR B 58 27.42 21.48 14.51
C TYR B 58 28.44 22.38 13.86
N PRO B 59 28.02 23.23 12.89
CA PRO B 59 29.01 24.08 12.18
C PRO B 59 29.74 25.08 13.11
N LYS B 60 31.06 25.22 12.90
CA LYS B 60 31.92 26.06 13.76
C LYS B 60 32.09 25.50 15.20
N LYS B 61 31.59 24.28 15.44
CA LYS B 61 31.74 23.54 16.71
C LYS B 61 31.98 22.06 16.42
N ARG B 62 32.65 21.81 15.31
CA ARG B 62 32.92 20.46 14.88
C ARG B 62 33.96 19.93 15.82
N TYR B 63 33.90 18.64 16.11
CA TYR B 63 34.92 18.00 16.91
C TYR B 63 36.17 18.00 16.10
N TYR B 64 36.07 17.59 14.84
CA TYR B 64 37.25 17.54 13.95
C TYR B 64 37.30 18.79 13.08
N GLY B 65 38.48 19.15 12.61
CA GLY B 65 38.62 20.20 11.59
C GLY B 65 38.48 19.56 10.22
N GLY B 66 38.78 20.33 9.18
CA GLY B 66 38.70 19.84 7.81
C GLY B 66 37.24 19.72 7.43
N ASN B 67 36.42 20.56 8.04
CA ASN B 67 35.01 20.61 7.85
C ASN B 67 34.63 21.99 7.32
N ASP B 68 35.55 22.61 6.57
CA ASP B 68 35.29 23.95 6.05
C ASP B 68 34.14 23.88 5.04
N PHE B 69 34.23 22.94 4.11
CA PHE B 69 33.21 22.79 3.10
C PHE B 69 31.92 22.15 3.64
N ILE B 70 32.07 21.19 4.55
CA ILE B 70 30.91 20.56 5.21
C ILE B 70 30.13 21.56 6.06
N ASP B 71 30.85 22.44 6.75
CA ASP B 71 30.21 23.55 7.47
C ASP B 71 29.37 24.42 6.53
N LYS B 72 29.90 24.70 5.33
CA LYS B 72 29.14 25.53 4.38
C LYS B 72 27.86 24.84 3.93
N ILE B 73 27.95 23.54 3.62
CA ILE B 73 26.79 22.77 3.19
C ILE B 73 25.75 22.69 4.29
N GLU B 74 26.15 22.40 5.53
CA GLU B 74 25.16 22.36 6.61
C GLU B 74 24.44 23.70 6.81
N GLU B 75 25.17 24.83 6.70
CA GLU B 75 24.58 26.21 6.88
C GLU B 75 23.69 26.62 5.73
N LEU B 76 24.11 26.29 4.52
CA LEU B 76 23.29 26.53 3.33
C LEU B 76 21.95 25.78 3.37
N CYS B 77 21.95 24.60 3.96
CA CYS B 77 20.74 23.79 4.15
C CYS B 77 19.80 24.39 5.18
N GLN B 78 20.37 24.82 6.30
CA GLN B 78 19.56 25.40 7.39
C GLN B 78 18.98 26.75 6.96
N LYS B 79 19.77 27.51 6.19
CA LYS B 79 19.30 28.76 5.60
C LYS B 79 18.10 28.45 4.69
N ARG B 80 18.36 27.64 3.67
CA ARG B 80 17.35 27.24 2.68
C ARG B 80 16.08 26.64 3.28
N ALA B 81 16.17 25.99 4.44
CA ALA B 81 15.00 25.40 5.12
C ALA B 81 14.09 26.44 5.73
N LEU B 82 14.73 27.43 6.31
CA LEU B 82 14.03 28.55 6.93
C LEU B 82 13.44 29.47 5.84
N GLU B 83 14.19 29.69 4.76
CA GLU B 83 13.61 30.37 3.61
C GLU B 83 12.34 29.64 3.13
N ALA B 84 12.48 28.35 2.81
CA ALA B 84 11.40 27.56 2.19
C ALA B 84 10.12 27.59 3.02
N PHE B 85 10.27 27.50 4.34
CA PHE B 85 9.13 27.50 5.23
C PHE B 85 8.75 28.89 5.77
N ASN B 86 9.20 29.96 5.08
CA ASN B 86 8.75 31.34 5.35
C ASN B 86 8.83 31.76 6.82
N VAL B 87 9.98 31.51 7.44
CA VAL B 87 10.21 31.79 8.84
C VAL B 87 11.51 32.56 8.91
N SER B 88 11.53 33.52 9.84
CA SER B 88 12.69 34.38 10.04
C SER B 88 13.71 33.60 10.85
N ASP B 89 14.97 33.66 10.43
CA ASP B 89 16.05 32.94 11.11
C ASP B 89 16.37 33.54 12.49
N GLU B 90 15.83 34.73 12.77
CA GLU B 90 15.94 35.34 14.11
C GLU B 90 14.93 34.71 15.04
N GLU B 91 13.75 34.39 14.50
CA GLU B 91 12.66 33.80 15.27
C GLU B 91 12.67 32.26 15.38
N TRP B 92 13.17 31.57 14.35
CA TRP B 92 13.11 30.10 14.26
C TRP B 92 14.47 29.52 13.96
N GLY B 93 14.76 28.38 14.56
CA GLY B 93 15.92 27.59 14.19
C GLY B 93 15.54 26.25 13.60
N VAL B 94 16.49 25.69 12.85
CA VAL B 94 16.31 24.37 12.24
C VAL B 94 17.51 23.45 12.42
N ASN B 95 17.23 22.20 12.82
CA ASN B 95 18.24 21.13 12.84
C ASN B 95 18.09 20.16 11.62
N VAL B 96 19.16 20.02 10.86
CA VAL B 96 19.18 19.28 9.59
C VAL B 96 19.91 17.92 9.66
N GLN B 97 20.25 17.46 10.86
CA GLN B 97 20.97 16.21 11.00
C GLN B 97 20.11 14.94 11.19
N PRO B 98 18.84 15.05 11.66
CA PRO B 98 18.09 13.78 11.83
C PRO B 98 17.99 12.92 10.57
N LEU B 99 18.26 11.63 10.73
CA LEU B 99 18.40 10.75 9.61
C LEU B 99 17.07 10.40 8.98
N SER B 100 15.99 10.49 9.73
CA SER B 100 14.66 10.18 9.20
C SER B 100 13.56 10.66 10.16
N GLY B 101 12.33 10.66 9.66
CA GLY B 101 11.22 11.20 10.41
C GLY B 101 11.04 10.68 11.81
N SER B 102 11.18 9.38 11.96
CA SER B 102 10.93 8.74 13.24
C SER B 102 12.01 9.16 14.23
N ALA B 103 13.24 9.23 13.75
CA ALA B 103 14.35 9.72 14.56
C ALA B 103 14.14 11.19 15.02
N ALA B 104 13.78 12.07 14.09
CA ALA B 104 13.51 13.47 14.36
C ALA B 104 12.42 13.65 15.39
N ASN B 105 11.32 12.91 15.28
CA ASN B 105 10.24 13.02 16.27
C ASN B 105 10.64 12.50 17.67
N VAL B 106 11.41 11.42 17.74
CA VAL B 106 11.84 10.89 19.05
C VAL B 106 12.82 11.87 19.72
N GLN B 107 13.71 12.40 18.90
CA GLN B 107 14.68 13.36 19.33
C GLN B 107 13.98 14.60 19.86
N ALA B 108 13.13 15.19 19.04
CA ALA B 108 12.42 16.43 19.41
C ALA B 108 11.57 16.22 20.65
N LEU B 109 10.92 15.06 20.76
CA LEU B 109 10.07 14.80 21.90
C LEU B 109 10.92 14.72 23.15
N TYR B 110 12.07 14.08 23.04
CA TYR B 110 12.95 13.95 24.19
C TYR B 110 13.45 15.32 24.69
N ALA B 111 13.94 16.12 23.75
CA ALA B 111 14.30 17.51 23.99
C ALA B 111 13.26 18.23 24.84
N LEU B 112 11.99 18.13 24.44
CA LEU B 112 10.92 18.85 25.13
C LEU B 112 10.57 18.33 26.51
N VAL B 113 10.48 17.02 26.69
CA VAL B 113 9.94 16.43 27.91
C VAL B 113 10.79 15.45 28.68
N GLY B 114 11.82 14.88 28.05
CA GLY B 114 12.69 13.91 28.69
C GLY B 114 12.03 12.56 28.98
N VAL B 115 12.84 11.63 29.47
CA VAL B 115 12.35 10.31 29.82
C VAL B 115 11.28 10.44 30.88
N LYS B 116 10.27 9.56 30.80
CA LYS B 116 9.06 9.60 31.63
C LYS B 116 8.13 10.80 31.34
N GLY B 117 8.51 11.66 30.39
CA GLY B 117 7.69 12.81 30.01
C GLY B 117 6.30 12.41 29.52
N LYS B 118 5.32 13.27 29.80
CA LYS B 118 3.95 13.03 29.39
C LYS B 118 3.69 13.64 28.00
N ILE B 119 3.15 12.85 27.08
CA ILE B 119 2.78 13.34 25.74
C ILE B 119 1.40 12.85 25.23
N MET B 120 0.81 13.61 24.32
CA MET B 120 -0.44 13.23 23.70
C MET B 120 -0.27 13.27 22.19
N GLY B 121 -0.92 12.34 21.52
CA GLY B 121 -0.91 12.28 20.07
C GLY B 121 -2.15 11.56 19.56
N MET B 122 -2.35 11.62 18.25
CA MET B 122 -3.45 10.91 17.63
C MET B 122 -3.11 9.44 17.52
N HIS B 123 -4.14 8.61 17.75
CA HIS B 123 -4.04 7.17 17.69
C HIS B 123 -3.66 6.72 16.27
N LEU B 124 -2.90 5.63 16.18
CA LEU B 124 -2.50 5.04 14.87
C LEU B 124 -3.70 4.69 13.99
N CYS B 125 -4.63 3.89 14.54
CA CYS B 125 -5.94 3.57 13.89
C CYS B 125 -6.75 4.78 13.37
N SER B 126 -6.60 5.95 13.98
CA SER B 126 -7.29 7.17 13.57
C SER B 126 -6.49 8.07 12.64
N GLY B 127 -5.24 7.70 12.36
CA GLY B 127 -4.42 8.42 11.38
C GLY B 127 -3.12 9.02 11.90
N GLY B 128 -2.79 8.78 13.16
CA GLY B 128 -1.53 9.21 13.73
C GLY B 128 -0.36 8.31 13.35
N HIS B 129 0.86 8.83 13.58
CA HIS B 129 2.06 8.06 13.36
C HIS B 129 2.46 7.25 14.59
N LEU B 130 3.30 6.26 14.35
CA LEU B 130 3.89 5.44 15.41
C LEU B 130 4.66 6.28 16.42
N THR B 131 5.42 7.24 15.89
CA THR B 131 6.23 8.12 16.72
C THR B 131 5.42 9.22 17.46
N HIS B 132 4.09 9.18 17.36
CA HIS B 132 3.22 10.04 18.14
C HIS B 132 2.65 9.33 19.38
N GLY B 133 3.37 8.38 19.91
CA GLY B 133 2.97 7.74 21.15
C GLY B 133 2.21 6.44 21.02
N PHE B 134 2.23 5.81 19.85
CA PHE B 134 1.39 4.63 19.64
C PHE B 134 1.74 3.45 20.50
N PHE B 135 0.71 2.91 21.15
CA PHE B 135 0.81 1.64 21.83
C PHE B 135 -0.51 0.88 21.74
N ASP B 136 -0.44 -0.35 22.22
CA ASP B 136 -1.57 -1.26 22.35
C ASP B 136 -1.55 -1.74 23.79
N GLU B 137 -2.72 -2.06 24.35
CA GLU B 137 -2.76 -2.61 25.73
C GLU B 137 -1.72 -3.75 25.90
N LYS B 138 -1.66 -4.63 24.89
CA LYS B 138 -0.76 -5.78 24.87
C LYS B 138 0.73 -5.42 24.90
N LYS B 139 1.12 -4.36 24.18
CA LYS B 139 2.54 -3.96 24.08
C LYS B 139 2.73 -2.47 23.73
N LYS B 140 3.76 -1.87 24.31
CA LYS B 140 4.23 -0.52 23.92
C LYS B 140 4.99 -0.61 22.62
N VAL B 141 4.28 -0.37 21.53
CA VAL B 141 4.77 -0.65 20.19
C VAL B 141 5.87 0.33 19.81
N SER B 142 5.66 1.61 20.10
CA SER B 142 6.65 2.62 19.81
C SER B 142 7.43 2.94 21.07
N ILE B 143 8.72 3.23 20.90
CA ILE B 143 9.53 3.78 21.98
C ILE B 143 8.86 5.01 22.57
N THR B 144 8.11 5.75 21.76
CA THR B 144 7.36 6.89 22.25
C THR B 144 6.31 6.53 23.30
N SER B 145 5.75 5.34 23.25
CA SER B 145 4.85 4.92 24.34
C SER B 145 5.61 4.42 25.56
N ASP B 146 6.84 3.95 25.33
CA ASP B 146 7.67 3.32 26.35
C ASP B 146 8.60 4.28 27.11
N MET B 147 9.37 5.09 26.41
CA MET B 147 10.26 6.04 27.08
C MET B 147 9.55 7.30 27.55
N PHE B 148 8.32 7.51 27.08
CA PHE B 148 7.44 8.59 27.51
C PHE B 148 6.19 7.92 28.07
N GLU B 149 5.35 8.72 28.72
CA GLU B 149 3.99 8.30 29.09
C GLU B 149 3.08 8.99 28.10
N SER B 150 2.35 8.21 27.31
CA SER B 150 1.49 8.77 26.25
C SER B 150 0.02 8.42 26.42
N LYS B 151 -0.81 9.34 25.95
CA LYS B 151 -2.26 9.21 25.88
C LYS B 151 -2.63 9.44 24.40
N LEU B 152 -3.66 8.76 23.93
CA LEU B 152 -4.01 8.79 22.51
C LEU B 152 -5.42 9.27 22.31
N TYR B 153 -5.57 10.26 21.43
CA TYR B 153 -6.89 10.86 21.17
C TYR B 153 -7.41 10.44 19.81
N LYS B 154 -8.64 9.90 19.83
CA LYS B 154 -9.30 9.38 18.63
C LYS B 154 -10.03 10.48 17.87
N CYS B 155 -10.15 10.27 16.56
CA CYS B 155 -11.01 11.06 15.69
C CYS B 155 -12.43 10.55 15.89
N ASN B 156 -13.42 11.40 15.62
CA ASN B 156 -14.84 11.02 15.69
C ASN B 156 -15.28 9.98 14.64
N SER B 157 -16.55 9.56 14.70
CA SER B 157 -17.07 8.53 13.77
C SER B 157 -17.08 8.95 12.29
N GLN B 158 -17.08 10.27 12.04
CA GLN B 158 -16.94 10.83 10.68
C GLN B 158 -15.49 10.96 10.17
N GLY B 159 -14.50 10.57 10.98
CA GLY B 159 -13.07 10.68 10.60
C GLY B 159 -12.39 12.04 10.80
N TYR B 160 -12.97 12.89 11.65
CA TYR B 160 -12.44 14.24 11.94
C TYR B 160 -11.81 14.25 13.36
N VAL B 161 -10.76 15.05 13.53
CA VAL B 161 -10.21 15.36 14.85
C VAL B 161 -11.30 16.01 15.69
N ASP B 162 -11.63 15.45 16.85
CA ASP B 162 -12.60 16.06 17.77
C ASP B 162 -11.87 16.79 18.89
N LEU B 163 -11.83 18.11 18.78
CA LEU B 163 -11.09 18.94 19.73
C LEU B 163 -11.64 18.92 21.15
N ASP B 164 -12.96 18.77 21.30
CA ASP B 164 -13.54 18.58 22.64
C ASP B 164 -12.86 17.42 23.37
N ALA B 165 -12.69 16.29 22.68
CA ALA B 165 -12.00 15.12 23.22
C ALA B 165 -10.53 15.40 23.57
N VAL B 166 -9.85 16.16 22.72
CA VAL B 166 -8.45 16.59 22.97
C VAL B 166 -8.35 17.35 24.30
N ARG B 167 -9.18 18.40 24.43
CA ARG B 167 -9.24 19.24 25.65
C ARG B 167 -9.64 18.44 26.87
N GLU B 168 -10.68 17.62 26.75
CA GLU B 168 -11.11 16.79 27.86
C GLU B 168 -9.96 15.90 28.34
N MET B 169 -9.12 15.46 27.40
CA MET B 169 -7.98 14.61 27.71
C MET B 169 -6.81 15.46 28.22
N ALA B 170 -6.48 16.54 27.53
CA ALA B 170 -5.41 17.42 28.00
C ALA B 170 -5.60 17.90 29.47
N LEU B 171 -6.80 18.34 29.82
CA LEU B 171 -7.08 18.83 31.19
C LEU B 171 -6.96 17.75 32.29
N SER B 172 -7.33 16.51 31.98
CA SER B 172 -7.16 15.40 32.93
C SER B 172 -5.79 14.71 32.88
N PHE B 173 -5.21 14.57 31.68
CA PHE B 173 -3.90 13.94 31.50
C PHE B 173 -2.70 14.85 31.79
N LYS B 174 -2.84 16.15 31.49
CA LYS B 174 -1.84 17.15 31.83
C LYS B 174 -0.49 16.92 31.12
N PRO B 175 -0.51 16.66 29.80
CA PRO B 175 0.78 16.33 29.19
C PRO B 175 1.67 17.55 29.06
N LYS B 176 2.96 17.30 28.89
CA LYS B 176 3.88 18.38 28.53
C LYS B 176 3.87 18.70 27.03
N VAL B 177 3.54 17.72 26.17
CA VAL B 177 3.48 17.95 24.72
C VAL B 177 2.23 17.36 24.07
N ILE B 178 1.68 18.11 23.10
CA ILE B 178 0.51 17.69 22.34
C ILE B 178 0.87 17.69 20.90
N ILE B 179 0.75 16.53 20.25
CA ILE B 179 1.15 16.37 18.84
C ILE B 179 -0.03 16.43 17.86
N CYS B 180 0.12 17.22 16.81
CA CYS B 180 -0.83 17.23 15.71
C CYS B 180 -0.03 17.19 14.41
N GLY B 181 -0.75 16.99 13.29
CA GLY B 181 -0.12 16.65 12.01
C GLY B 181 -0.01 15.11 11.94
N TYR B 182 -0.40 14.53 10.81
CA TYR B 182 -0.69 13.08 10.82
C TYR B 182 -0.22 12.31 9.61
N THR B 183 -0.33 10.99 9.70
CA THR B 183 0.22 10.15 8.64
C THR B 183 -0.83 9.87 7.59
N SER B 184 -2.07 9.61 8.03
CA SER B 184 -3.16 9.43 7.07
C SER B 184 -4.45 10.19 7.40
N TYR B 185 -4.35 11.51 7.44
CA TYR B 185 -5.47 12.36 7.71
C TYR B 185 -5.68 13.23 6.48
N PRO B 186 -6.86 13.08 5.81
CA PRO B 186 -7.17 13.76 4.57
C PRO B 186 -7.64 15.21 4.71
N ARG B 187 -7.76 15.72 5.95
CA ARG B 187 -8.15 17.13 6.17
C ARG B 187 -7.05 17.99 6.82
N ASP B 188 -7.25 19.31 6.73
CA ASP B 188 -6.33 20.29 7.31
C ASP B 188 -6.52 20.30 8.84
N ILE B 189 -5.58 20.95 9.51
CA ILE B 189 -5.59 21.04 10.97
C ILE B 189 -5.87 22.47 11.45
N ASP B 190 -6.63 22.56 12.54
CA ASP B 190 -6.83 23.85 13.21
C ASP B 190 -5.73 23.97 14.27
N TYR B 191 -4.60 24.51 13.84
CA TYR B 191 -3.42 24.66 14.71
C TYR B 191 -3.71 25.65 15.81
N GLN B 192 -4.31 26.80 15.43
CA GLN B 192 -4.80 27.81 16.39
C GLN B 192 -5.53 27.21 17.56
N GLN B 193 -6.45 26.30 17.26
CA GLN B 193 -7.22 25.60 18.27
C GLN B 193 -6.38 24.66 19.09
N PHE B 194 -5.36 24.05 18.50
CA PHE B 194 -4.42 23.20 19.26
C PHE B 194 -3.58 24.01 20.27
N ARG B 195 -3.12 25.18 19.83
CA ARG B 195 -2.39 26.14 20.68
C ARG B 195 -3.21 26.57 21.89
N GLN B 196 -4.49 26.83 21.66
CA GLN B 196 -5.43 27.18 22.70
C GLN B 196 -5.53 26.10 23.78
N ILE B 197 -5.52 24.83 23.38
CA ILE B 197 -5.56 23.73 24.35
C ILE B 197 -4.23 23.63 25.09
N CYS B 198 -3.14 23.80 24.36
CA CYS B 198 -1.81 23.64 24.92
C CYS B 198 -1.57 24.68 26.02
N ASP B 199 -1.87 25.96 25.74
CA ASP B 199 -1.77 27.08 26.72
C ASP B 199 -2.56 26.87 28.01
N GLU B 200 -3.71 26.22 27.89
CA GLU B 200 -4.59 25.94 29.02
C GLU B 200 -4.03 24.92 29.99
N VAL B 201 -3.21 24.03 29.46
CA VAL B 201 -2.52 23.00 30.24
C VAL B 201 -1.04 23.31 30.45
N ASN B 202 -0.51 24.30 29.72
CA ASN B 202 0.91 24.71 29.74
C ASN B 202 1.81 23.66 29.07
N ALA B 203 1.28 23.07 27.99
CA ALA B 203 1.96 22.03 27.23
C ALA B 203 2.55 22.64 25.97
N TYR B 204 3.62 22.03 25.45
CA TYR B 204 4.16 22.44 24.16
C TYR B 204 3.25 22.00 22.98
N LEU B 205 3.27 22.75 21.87
CA LEU B 205 2.56 22.38 20.62
C LEU B 205 3.56 21.85 19.58
N PHE B 206 3.36 20.58 19.24
CA PHE B 206 4.20 19.84 18.33
C PHE B 206 3.35 19.56 17.10
N ALA B 207 3.82 20.03 15.96
CA ALA B 207 3.18 19.80 14.68
C ALA B 207 4.08 18.98 13.74
N ASP B 208 3.65 17.75 13.40
CA ASP B 208 4.40 16.89 12.45
C ASP B 208 3.72 16.99 11.11
N ILE B 209 4.35 17.71 10.18
CA ILE B 209 3.78 18.07 8.86
C ILE B 209 4.46 17.34 7.64
N SER B 210 4.99 16.15 7.90
CA SER B 210 5.70 15.35 6.90
C SER B 210 4.90 15.09 5.65
N HIS B 211 3.65 14.71 5.83
CA HIS B 211 2.74 14.52 4.69
C HIS B 211 2.32 15.77 3.93
N ILE B 212 2.26 16.90 4.61
CA ILE B 212 1.72 18.15 4.03
C ILE B 212 2.75 19.27 3.93
N SER B 213 4.02 18.91 4.07
CA SER B 213 5.08 19.93 4.19
C SER B 213 4.98 20.97 3.09
N SER B 214 4.95 20.52 1.84
CA SER B 214 4.81 21.39 0.65
C SER B 214 3.64 22.33 0.70
N PHE B 215 2.53 21.90 1.26
CA PHE B 215 1.35 22.74 1.30
C PHE B 215 1.61 23.87 2.27
N VAL B 216 2.23 23.52 3.39
CA VAL B 216 2.56 24.47 4.41
C VAL B 216 3.59 25.46 3.87
N ALA B 217 4.58 24.97 3.15
CA ALA B 217 5.64 25.80 2.62
C ALA B 217 5.20 26.78 1.56
N CYS B 218 4.34 26.32 0.66
CA CYS B 218 3.86 27.16 -0.45
C CYS B 218 2.52 27.86 -0.11
N ASN B 219 2.07 27.75 1.14
CA ASN B 219 0.91 28.50 1.68
C ASN B 219 -0.48 28.12 1.18
N ILE B 220 -0.65 26.89 0.69
CA ILE B 220 -1.93 26.41 0.22
C ILE B 220 -2.77 26.02 1.43
N LEU B 221 -2.12 25.49 2.46
CA LEU B 221 -2.82 25.07 3.67
C LEU B 221 -2.41 25.90 4.90
N ASN B 222 -3.15 25.70 5.99
CA ASN B 222 -2.85 26.31 7.29
C ASN B 222 -1.38 26.22 7.68
N ASN B 223 -0.93 27.22 8.42
CA ASN B 223 0.48 27.38 8.76
C ASN B 223 0.67 27.10 10.22
N PRO B 224 1.35 25.98 10.55
CA PRO B 224 1.51 25.66 11.97
C PRO B 224 2.57 26.56 12.64
N PHE B 225 3.44 27.19 11.84
CA PHE B 225 4.50 28.05 12.35
C PHE B 225 3.98 29.23 13.17
N LEU B 226 2.79 29.71 12.82
CA LEU B 226 2.10 30.76 13.53
C LEU B 226 1.80 30.42 14.99
N HIS B 227 1.55 29.14 15.28
CA HIS B 227 1.14 28.71 16.62
C HIS B 227 1.98 27.60 17.26
N ALA B 228 2.96 27.01 16.55
CA ALA B 228 3.64 25.81 17.09
C ALA B 228 5.01 26.10 17.67
N ASP B 229 5.33 25.45 18.78
CA ASP B 229 6.68 25.54 19.35
C ASP B 229 7.67 24.71 18.54
N VAL B 230 7.28 23.47 18.22
CA VAL B 230 8.13 22.59 17.41
C VAL B 230 7.41 22.12 16.15
N VAL B 231 8.08 22.19 15.01
CA VAL B 231 7.58 21.57 13.80
C VAL B 231 8.59 20.57 13.28
N THR B 232 8.18 19.31 13.14
CA THR B 232 9.01 18.29 12.45
C THR B 232 8.46 17.96 11.08
N THR B 233 9.34 17.60 10.17
CA THR B 233 8.94 17.11 8.87
C THR B 233 9.99 16.19 8.25
N THR B 234 9.54 15.22 7.48
CA THR B 234 10.48 14.45 6.63
C THR B 234 10.66 15.21 5.36
N THR B 235 11.71 14.88 4.63
CA THR B 235 12.03 15.55 3.35
C THR B 235 11.71 14.72 2.09
N HIS B 236 11.21 13.48 2.25
CA HIS B 236 11.12 12.48 1.13
C HIS B 236 9.71 12.28 0.53
N LYS B 237 8.68 12.84 1.15
CA LYS B 237 7.33 12.64 0.69
C LYS B 237 6.95 13.75 -0.30
N ILE B 238 5.89 14.52 -0.01
CA ILE B 238 5.40 15.58 -0.91
C ILE B 238 6.50 16.62 -1.26
N LEU B 239 7.38 16.90 -0.30
CA LEU B 239 8.53 17.82 -0.50
C LEU B 239 9.52 17.35 -1.56
N ARG B 240 9.53 16.04 -1.82
CA ARG B 240 10.29 15.47 -2.94
C ARG B 240 11.79 15.53 -2.71
N GLY B 241 12.20 15.44 -1.45
CA GLY B 241 13.64 15.44 -1.13
C GLY B 241 14.14 14.03 -0.96
N PRO B 242 15.32 13.89 -0.36
CA PRO B 242 15.81 12.57 0.01
C PRO B 242 15.18 12.08 1.28
N ARG B 243 15.60 10.90 1.67
CA ARG B 243 15.14 10.34 2.92
C ARG B 243 15.90 10.97 4.09
N SER B 244 15.27 11.98 4.68
CA SER B 244 15.85 12.72 5.80
C SER B 244 14.78 13.45 6.53
N ALA B 245 15.16 14.16 7.57
CA ALA B 245 14.21 14.94 8.33
C ALA B 245 14.79 16.26 8.88
N LEU B 246 13.86 17.18 9.19
CA LEU B 246 14.11 18.54 9.71
C LEU B 246 13.32 18.76 10.99
N ILE B 247 13.95 19.40 11.98
CA ILE B 247 13.29 19.83 13.20
C ILE B 247 13.38 21.36 13.32
N PHE B 248 12.20 22.00 13.36
CA PHE B 248 12.05 23.42 13.55
C PHE B 248 11.62 23.72 14.98
N PHE B 249 12.21 24.78 15.57
CA PHE B 249 11.89 25.18 16.95
C PHE B 249 11.73 26.69 17.07
N ASN B 250 10.74 27.10 17.83
CA ASN B 250 10.43 28.51 17.98
C ASN B 250 11.26 29.12 19.13
N LYS B 251 12.34 29.80 18.78
CA LYS B 251 13.20 30.48 19.76
C LYS B 251 12.43 31.53 20.57
N LYS B 252 11.73 32.42 19.89
CA LYS B 252 10.95 33.49 20.53
C LYS B 252 10.02 33.04 21.63
N ARG B 253 9.23 32.03 21.33
CA ARG B 253 8.27 31.48 22.30
C ARG B 253 9.02 30.82 23.48
N ASN B 254 10.12 30.12 23.19
CA ASN B 254 10.89 29.39 24.22
C ASN B 254 12.39 29.56 23.99
N PRO B 255 13.05 30.48 24.74
CA PRO B 255 14.50 30.61 24.55
C PRO B 255 15.25 29.42 25.20
N GLY B 256 16.43 29.11 24.68
CA GLY B 256 17.16 27.92 25.12
C GLY B 256 16.59 26.58 24.65
N ILE B 257 15.59 26.64 23.75
CA ILE B 257 15.10 25.47 23.00
C ILE B 257 16.14 25.03 21.99
N GLU B 258 16.89 25.98 21.42
CA GLU B 258 17.93 25.70 20.43
C GLU B 258 18.95 24.67 20.91
N GLN B 259 19.45 24.85 22.13
CA GLN B 259 20.44 23.94 22.68
C GLN B 259 19.77 22.59 22.99
N LYS B 260 18.64 22.60 23.69
CA LYS B 260 17.85 21.40 24.02
C LYS B 260 17.53 20.44 22.83
N ILE B 261 17.12 21.01 21.70
CA ILE B 261 16.88 20.27 20.47
C ILE B 261 18.19 19.80 19.84
N ASN B 262 19.17 20.68 19.73
CA ASN B 262 20.43 20.36 19.09
C ASN B 262 21.20 19.31 19.88
N SER B 263 21.10 19.40 21.20
CA SER B 263 21.72 18.45 22.13
C SER B 263 21.06 17.06 22.03
N ALA B 264 19.74 17.05 21.82
CA ALA B 264 18.96 15.83 21.65
C ALA B 264 19.35 15.08 20.39
N VAL B 265 19.47 15.79 19.29
CA VAL B 265 19.91 15.17 18.06
C VAL B 265 21.34 14.68 18.23
N PHE B 266 22.21 15.56 18.70
CA PHE B 266 23.57 15.16 19.08
C PHE B 266 24.03 15.89 20.32
N PRO B 267 24.67 15.23 21.27
CA PRO B 267 25.09 13.85 21.19
C PRO B 267 24.14 12.86 21.82
N SER B 268 22.94 13.29 22.16
CA SER B 268 22.03 12.41 22.86
C SER B 268 21.67 11.12 22.06
N PHE B 269 21.28 11.24 20.78
CA PHE B 269 20.77 10.10 20.00
C PHE B 269 21.70 9.66 18.89
N GLN B 270 22.11 10.58 18.04
CA GLN B 270 22.90 10.24 16.86
C GLN B 270 24.37 10.54 17.09
N GLY B 271 25.21 10.07 16.17
CA GLY B 271 26.63 10.40 16.09
C GLY B 271 26.85 11.25 14.84
N GLY B 272 27.64 10.73 13.91
CA GLY B 272 28.01 11.46 12.70
C GLY B 272 26.81 11.78 11.81
N PRO B 273 26.76 13.01 11.24
CA PRO B 273 25.69 13.30 10.27
C PRO B 273 26.00 12.59 8.98
N HIS B 274 24.95 12.44 8.18
CA HIS B 274 25.10 11.85 6.88
C HIS B 274 25.08 12.99 5.92
N ASN B 275 26.29 13.38 5.46
CA ASN B 275 26.44 14.67 4.77
C ASN B 275 25.89 14.67 3.38
N ASN B 276 25.86 13.50 2.75
CA ASN B 276 25.16 13.34 1.46
C ASN B 276 23.66 13.64 1.55
N LYS B 277 23.05 13.33 2.68
CA LYS B 277 21.66 13.67 2.91
C LYS B 277 21.51 15.17 2.96
N ILE B 278 22.36 15.83 3.74
CA ILE B 278 22.27 17.27 3.96
C ILE B 278 22.49 18.00 2.61
N ALA B 279 23.49 17.58 1.86
CA ALA B 279 23.69 18.13 0.52
C ALA B 279 22.43 17.91 -0.32
N ALA B 280 21.87 16.68 -0.26
CA ALA B 280 20.71 16.34 -1.06
C ALA B 280 19.52 17.16 -0.65
N VAL B 281 19.39 17.38 0.64
CA VAL B 281 18.30 18.16 1.15
C VAL B 281 18.41 19.60 0.71
N ALA B 282 19.62 20.15 0.76
CA ALA B 282 19.85 21.53 0.34
C ALA B 282 19.41 21.72 -1.09
N CYS B 283 19.78 20.78 -1.93
CA CYS B 283 19.45 20.80 -3.36
C CYS B 283 17.95 20.86 -3.64
N GLN B 284 17.19 20.06 -2.91
CA GLN B 284 15.74 20.08 -3.07
C GLN B 284 15.17 21.35 -2.46
N LEU B 285 15.73 21.82 -1.35
CA LEU B 285 15.22 23.04 -0.73
C LEU B 285 15.34 24.27 -1.64
N LYS B 286 16.32 24.32 -2.53
CA LYS B 286 16.35 25.38 -3.51
C LYS B 286 15.13 25.26 -4.38
N GLU B 287 14.94 24.09 -4.99
CA GLU B 287 13.75 23.82 -5.82
C GLU B 287 12.43 24.15 -5.10
N VAL B 288 12.31 23.86 -3.80
CA VAL B 288 11.06 24.12 -3.10
C VAL B 288 10.69 25.58 -3.17
N HIS B 289 11.67 26.47 -3.08
CA HIS B 289 11.38 27.91 -3.03
C HIS B 289 10.98 28.56 -4.36
N SER B 290 11.30 27.90 -5.47
CA SER B 290 10.95 28.38 -6.81
C SER B 290 9.44 28.49 -6.99
N PRO B 291 8.98 29.41 -7.87
CA PRO B 291 7.54 29.49 -8.10
C PRO B 291 7.01 28.26 -8.86
N ALA B 292 7.91 27.60 -9.62
CA ALA B 292 7.59 26.35 -10.31
C ALA B 292 7.09 25.23 -9.36
N PHE B 293 7.70 25.09 -8.20
CA PHE B 293 7.36 24.02 -7.27
C PHE B 293 5.98 24.20 -6.63
N LYS B 294 5.63 25.47 -6.37
CA LYS B 294 4.27 25.87 -5.96
C LYS B 294 3.24 25.35 -6.97
N GLU B 295 3.55 25.53 -8.26
CA GLU B 295 2.66 25.05 -9.33
C GLU B 295 2.44 23.53 -9.19
N TYR B 296 3.54 22.79 -9.02
CA TYR B 296 3.49 21.34 -8.80
C TYR B 296 2.67 20.98 -7.55
N THR B 297 2.95 21.66 -6.44
CA THR B 297 2.17 21.48 -5.21
C THR B 297 0.67 21.75 -5.46
N GLN B 298 0.36 22.84 -6.16
CA GLN B 298 -1.04 23.16 -6.51
C GLN B 298 -1.64 22.02 -7.33
N GLN B 299 -0.85 21.52 -8.28
CA GLN B 299 -1.30 20.39 -9.11
C GLN B 299 -1.60 19.14 -8.27
N VAL B 300 -0.86 18.92 -7.18
CA VAL B 300 -1.10 17.75 -6.31
C VAL B 300 -2.48 17.88 -5.70
N LEU B 301 -2.86 19.09 -5.29
CA LEU B 301 -4.18 19.32 -4.71
C LEU B 301 -5.26 19.21 -5.79
N LEU B 302 -5.04 19.79 -6.95
CA LEU B 302 -6.02 19.74 -8.05
C LEU B 302 -6.31 18.27 -8.38
N ASN B 303 -5.25 17.50 -8.62
CA ASN B 303 -5.37 16.06 -8.84
C ASN B 303 -6.00 15.26 -7.72
N SER B 304 -5.69 15.62 -6.47
CA SER B 304 -6.32 14.95 -5.33
C SER B 304 -7.85 15.22 -5.23
N LYS B 305 -8.25 16.45 -5.55
CA LYS B 305 -9.65 16.84 -5.60
C LYS B 305 -10.36 16.09 -6.72
N ALA B 306 -9.78 16.13 -7.92
CA ALA B 306 -10.35 15.41 -9.06
C ALA B 306 -10.48 13.90 -8.80
N LEU B 307 -9.50 13.32 -8.12
CA LEU B 307 -9.54 11.90 -7.82
C LEU B 307 -10.66 11.56 -6.86
N ALA B 308 -10.84 12.38 -5.84
CA ALA B 308 -11.89 12.13 -4.84
C ALA B 308 -13.26 12.19 -5.46
N LYS B 309 -13.43 13.19 -6.33
CA LYS B 309 -14.68 13.47 -7.04
C LYS B 309 -15.03 12.32 -7.99
N ALA B 310 -14.05 11.83 -8.75
CA ALA B 310 -14.25 10.69 -9.63
C ALA B 310 -14.59 9.41 -8.87
N LEU B 311 -13.94 9.18 -7.74
CA LEU B 311 -14.25 8.00 -6.92
C LEU B 311 -15.67 8.07 -6.43
N ILE B 312 -16.09 9.27 -6.02
CA ILE B 312 -17.45 9.50 -5.53
C ILE B 312 -18.47 9.35 -6.65
N SER B 313 -18.17 9.92 -7.83
CA SER B 313 -19.00 9.67 -9.03
C SER B 313 -19.25 8.17 -9.33
N LYS B 314 -18.26 7.31 -9.03
CA LYS B 314 -18.41 5.83 -9.15
C LYS B 314 -18.92 5.21 -7.86
N GLN B 315 -19.54 6.01 -6.99
CA GLN B 315 -20.13 5.53 -5.75
C GLN B 315 -19.13 4.90 -4.79
N ILE B 316 -17.91 5.42 -4.75
CA ILE B 316 -16.95 4.98 -3.73
C ILE B 316 -16.94 6.03 -2.58
N ASP B 317 -17.07 5.52 -1.35
CA ASP B 317 -17.02 6.31 -0.13
C ASP B 317 -15.60 6.67 0.34
N LEU B 318 -15.43 7.95 0.67
CA LEU B 318 -14.18 8.51 1.13
C LEU B 318 -14.38 8.97 2.54
N VAL B 319 -13.36 8.78 3.38
CA VAL B 319 -13.43 9.18 4.80
C VAL B 319 -13.42 10.69 4.82
N THR B 320 -14.33 11.26 5.60
CA THR B 320 -14.65 12.70 5.60
C THR B 320 -15.32 13.14 4.30
N ASN B 321 -15.73 12.19 3.44
CA ASN B 321 -16.32 12.46 2.13
C ASN B 321 -15.52 13.41 1.20
N GLY B 322 -14.20 13.40 1.33
CA GLY B 322 -13.38 14.35 0.59
C GLY B 322 -12.01 14.59 1.21
N THR B 323 -11.35 15.61 0.70
CA THR B 323 -9.99 15.89 1.02
C THR B 323 -9.62 17.39 0.86
N ASP B 324 -8.72 17.87 1.71
CA ASP B 324 -8.15 19.21 1.62
C ASP B 324 -6.75 19.17 1.11
N ASN B 325 -6.19 17.96 0.95
CA ASN B 325 -4.78 17.81 0.67
C ASN B 325 -4.55 16.76 -0.41
N HIS B 326 -3.35 16.21 -0.41
CA HIS B 326 -2.85 15.20 -1.31
C HIS B 326 -3.35 13.77 -1.13
N LEU B 327 -4.16 13.50 -0.10
CA LEU B 327 -4.49 12.13 0.19
C LEU B 327 -5.97 11.87 0.42
N ILE B 328 -6.37 10.64 0.11
CA ILE B 328 -7.73 10.18 0.27
C ILE B 328 -7.64 8.88 1.03
N VAL B 329 -8.64 8.56 1.82
CA VAL B 329 -8.72 7.22 2.42
C VAL B 329 -10.06 6.67 1.98
N VAL B 330 -10.08 5.48 1.38
CA VAL B 330 -11.29 4.85 0.86
C VAL B 330 -11.85 3.88 1.89
N ASP B 331 -13.13 4.07 2.20
CA ASP B 331 -13.87 3.16 3.08
C ASP B 331 -14.50 2.02 2.26
N LEU B 332 -14.00 0.81 2.43
CA LEU B 332 -14.41 -0.30 1.57
C LEU B 332 -15.58 -1.13 2.11
N ARG B 333 -16.09 -0.79 3.30
CA ARG B 333 -17.14 -1.55 3.99
C ARG B 333 -18.38 -1.88 3.17
N LYS B 334 -18.84 -0.96 2.33
CA LYS B 334 -20.05 -1.21 1.50
C LYS B 334 -19.85 -2.32 0.46
N PHE B 335 -18.58 -2.65 0.17
CA PHE B 335 -18.21 -3.72 -0.73
C PHE B 335 -17.87 -5.03 0.01
N SER B 336 -17.87 -5.01 1.34
CA SER B 336 -17.59 -6.19 2.16
C SER B 336 -16.20 -6.82 1.88
N ILE B 337 -15.24 -6.02 1.44
CA ILE B 337 -13.86 -6.44 1.23
C ILE B 337 -12.95 -5.64 2.19
N THR B 338 -11.78 -6.19 2.49
CA THR B 338 -10.82 -5.57 3.39
C THR B 338 -9.83 -4.83 2.53
N GLY B 339 -9.11 -3.87 3.11
CA GLY B 339 -8.01 -3.19 2.41
C GLY B 339 -6.85 -4.11 2.05
N SER B 340 -6.59 -5.14 2.88
CA SER B 340 -5.52 -6.13 2.59
C SER B 340 -5.78 -6.83 1.26
N LYS B 341 -7.02 -7.26 1.06
CA LYS B 341 -7.42 -7.87 -0.21
C LYS B 341 -7.25 -6.94 -1.43
N LEU B 342 -7.65 -5.68 -1.30
CA LEU B 342 -7.53 -4.72 -2.40
C LEU B 342 -6.09 -4.36 -2.72
N GLN B 343 -5.23 -4.41 -1.70
CA GLN B 343 -3.82 -4.10 -1.87
C GLN B 343 -3.09 -5.17 -2.70
N GLU B 344 -3.33 -6.43 -2.38
CA GLU B 344 -2.78 -7.55 -3.17
C GLU B 344 -3.31 -7.44 -4.59
N THR B 345 -4.63 -7.30 -4.71
CA THR B 345 -5.25 -7.10 -6.01
C THR B 345 -4.55 -6.00 -6.79
N CYS B 346 -4.32 -4.88 -6.12
CA CYS B 346 -3.72 -3.73 -6.77
C CYS B 346 -2.26 -3.99 -7.12
N ASN B 347 -1.54 -4.69 -6.24
CA ASN B 347 -0.15 -5.08 -6.55
C ASN B 347 -0.14 -5.96 -7.80
N ALA B 348 -1.12 -6.85 -7.95
CA ALA B 348 -1.18 -7.70 -9.17
C ALA B 348 -1.39 -6.89 -10.46
N ILE B 349 -1.96 -5.69 -10.36
CA ILE B 349 -2.15 -4.84 -11.55
C ILE B 349 -1.16 -3.65 -11.63
N ASN B 350 -0.07 -3.76 -10.87
CA ASN B 350 0.92 -2.69 -10.72
C ASN B 350 0.41 -1.31 -10.26
N VAL B 351 -0.52 -1.34 -9.29
CA VAL B 351 -1.03 -0.12 -8.65
C VAL B 351 -0.57 -0.17 -7.19
N SER B 352 0.22 0.83 -6.82
CA SER B 352 0.75 0.89 -5.45
C SER B 352 -0.12 1.75 -4.56
N LEU B 353 -0.73 1.09 -3.58
CA LEU B 353 -1.45 1.78 -2.55
C LEU B 353 -1.24 1.00 -1.24
N ASN B 354 -1.76 1.49 -0.13
CA ASN B 354 -1.59 0.79 1.14
C ASN B 354 -2.89 0.68 1.88
N LYS B 355 -3.03 -0.44 2.57
CA LYS B 355 -4.16 -0.64 3.45
C LYS B 355 -4.09 0.37 4.59
N ASN B 356 -5.28 0.74 5.08
CA ASN B 356 -5.42 1.77 6.07
C ASN B 356 -6.69 1.52 6.89
N THR B 357 -6.61 1.81 8.17
CA THR B 357 -7.76 1.74 9.04
C THR B 357 -8.75 2.87 8.75
N ILE B 358 -9.96 2.70 9.26
CA ILE B 358 -11.01 3.73 9.22
C ILE B 358 -11.57 3.87 10.64
N PRO B 359 -12.39 4.91 10.89
CA PRO B 359 -12.94 5.14 12.25
C PRO B 359 -13.70 3.96 12.84
N SER B 360 -14.50 3.30 12.01
CA SER B 360 -15.26 2.14 12.46
C SER B 360 -14.36 0.99 12.91
N ASP B 361 -13.16 0.87 12.30
CA ASP B 361 -12.27 -0.27 12.57
C ASP B 361 -11.83 -0.29 14.03
N VAL B 362 -11.71 -1.51 14.55
CA VAL B 362 -11.23 -1.79 15.91
C VAL B 362 -9.93 -2.63 15.86
N ASP B 363 -9.32 -2.78 14.68
CA ASP B 363 -8.16 -3.66 14.53
C ASP B 363 -7.28 -3.27 13.33
N CYS B 364 -5.97 -3.40 13.53
CA CYS B 364 -4.94 -3.21 12.50
C CYS B 364 -4.59 -4.50 11.73
N VAL B 365 -5.31 -5.58 12.07
CA VAL B 365 -5.54 -6.74 11.21
C VAL B 365 -6.97 -6.55 10.68
N SER B 366 -7.15 -6.78 9.39
CA SER B 366 -8.44 -6.53 8.72
C SER B 366 -8.88 -5.04 8.78
N PRO B 367 -8.00 -4.07 8.38
CA PRO B 367 -8.47 -2.70 8.23
C PRO B 367 -9.42 -2.53 7.03
N SER B 368 -10.39 -1.63 7.15
CA SER B 368 -11.46 -1.56 6.21
C SER B 368 -11.20 -0.53 5.11
N GLY B 369 -9.93 -0.13 4.89
CA GLY B 369 -9.64 0.84 3.84
C GLY B 369 -8.32 0.76 3.16
N VAL B 370 -8.18 1.63 2.17
CA VAL B 370 -6.92 1.87 1.55
C VAL B 370 -6.72 3.38 1.54
N ARG B 371 -5.46 3.80 1.56
CA ARG B 371 -5.08 5.16 1.46
C ARG B 371 -4.38 5.38 0.14
N ILE B 372 -4.71 6.46 -0.54
CA ILE B 372 -4.09 6.81 -1.80
C ILE B 372 -3.65 8.27 -1.73
N GLY B 373 -2.71 8.64 -2.60
CA GLY B 373 -2.24 10.00 -2.70
C GLY B 373 -1.71 10.29 -4.08
N THR B 374 -1.70 11.57 -4.43
CA THR B 374 -1.31 12.01 -5.77
C THR B 374 0.10 12.53 -5.99
N PRO B 375 0.93 12.72 -4.93
CA PRO B 375 2.22 13.35 -5.21
C PRO B 375 3.12 12.66 -6.23
N ALA B 376 3.25 11.33 -6.14
CA ALA B 376 4.11 10.62 -7.10
C ALA B 376 3.60 10.80 -8.55
N MET B 377 2.31 10.56 -8.78
CA MET B 377 1.73 10.67 -10.13
C MET B 377 1.71 12.10 -10.66
N THR B 378 1.54 13.07 -9.77
CA THR B 378 1.67 14.46 -10.13
C THR B 378 3.09 14.73 -10.55
N THR B 379 4.03 14.10 -9.86
CA THR B 379 5.42 14.20 -10.25
C THR B 379 5.65 13.65 -11.66
N ARG B 380 4.97 12.57 -12.01
CA ARG B 380 5.13 12.03 -13.35
C ARG B 380 4.35 12.74 -14.50
N GLY B 381 3.66 13.85 -14.23
CA GLY B 381 3.05 14.67 -15.27
C GLY B 381 1.55 14.46 -15.45
N ALA B 382 0.92 13.64 -14.61
CA ALA B 382 -0.52 13.43 -14.68
C ALA B 382 -1.30 14.67 -14.25
N LYS B 383 -2.39 14.94 -14.97
CA LYS B 383 -3.21 16.12 -14.76
C LYS B 383 -4.60 15.71 -14.29
N GLU B 384 -5.50 16.68 -14.12
CA GLU B 384 -6.88 16.39 -13.62
C GLU B 384 -7.65 15.33 -14.42
N LYS B 385 -7.62 15.46 -15.74
CA LYS B 385 -8.28 14.51 -16.66
C LYS B 385 -7.82 13.06 -16.52
N ASP B 386 -6.56 12.86 -16.13
CA ASP B 386 -6.00 11.52 -15.93
C ASP B 386 -6.54 10.81 -14.70
N MET B 387 -7.17 11.55 -13.81
CA MET B 387 -7.68 10.98 -12.57
C MET B 387 -8.88 10.09 -12.79
N GLU B 388 -9.69 10.35 -13.80
CA GLU B 388 -10.86 9.46 -14.07
C GLU B 388 -10.39 8.04 -14.33
N PHE B 389 -9.35 7.92 -15.15
CA PHE B 389 -8.72 6.65 -15.47
C PHE B 389 -8.14 5.95 -14.26
N ILE B 390 -7.54 6.70 -13.35
CA ILE B 390 -7.04 6.08 -12.12
C ILE B 390 -8.22 5.60 -11.32
N ALA B 391 -9.19 6.50 -11.14
CA ALA B 391 -10.42 6.16 -10.46
C ALA B 391 -11.12 4.98 -11.13
N ASP B 392 -11.11 4.97 -12.47
CA ASP B 392 -11.63 3.83 -13.24
C ASP B 392 -10.88 2.51 -12.89
N VAL B 393 -9.54 2.55 -12.91
CA VAL B 393 -8.74 1.37 -12.56
C VAL B 393 -9.02 0.88 -11.15
N LEU B 394 -9.16 1.79 -10.19
CA LEU B 394 -9.42 1.37 -8.78
C LEU B 394 -10.77 0.72 -8.58
N ALA B 395 -11.80 1.32 -9.20
CA ALA B 395 -13.16 0.75 -9.22
C ALA B 395 -13.19 -0.65 -9.85
N ARG B 396 -12.46 -0.83 -10.95
CA ARG B 396 -12.34 -2.13 -11.60
C ARG B 396 -11.65 -3.11 -10.67
N ALA B 397 -10.59 -2.68 -10.00
CA ALA B 397 -9.91 -3.54 -9.05
C ALA B 397 -10.80 -3.87 -7.90
N ILE B 398 -11.62 -2.93 -7.46
CA ILE B 398 -12.54 -3.20 -6.37
C ILE B 398 -13.53 -4.24 -6.82
N LYS B 399 -14.06 -4.05 -8.02
CA LYS B 399 -14.96 -5.04 -8.58
C LYS B 399 -14.32 -6.46 -8.67
N ILE B 400 -13.12 -6.55 -9.27
CA ILE B 400 -12.42 -7.83 -9.40
C ILE B 400 -12.20 -8.49 -8.04
N THR B 401 -11.79 -7.69 -7.07
CA THR B 401 -11.62 -8.12 -5.69
C THR B 401 -12.88 -8.73 -5.08
N VAL B 402 -14.03 -8.14 -5.38
CA VAL B 402 -15.29 -8.66 -4.86
C VAL B 402 -15.60 -10.02 -5.51
N ASP B 403 -15.37 -10.10 -6.83
CA ASP B 403 -15.55 -11.33 -7.60
C ASP B 403 -14.69 -12.48 -7.07
N LEU B 404 -13.41 -12.22 -6.82
CA LEU B 404 -12.50 -13.23 -6.27
C LEU B 404 -12.87 -13.65 -4.84
N GLN B 405 -13.32 -12.72 -4.01
CA GLN B 405 -13.82 -13.07 -2.69
C GLN B 405 -15.06 -13.97 -2.77
N GLU B 406 -15.92 -13.67 -3.76
CA GLU B 406 -17.07 -14.52 -4.02
C GLU B 406 -16.60 -15.93 -4.41
N GLN B 407 -15.65 -16.03 -5.33
CA GLN B 407 -15.19 -17.31 -5.85
C GLN B 407 -14.39 -18.19 -4.84
N TYR B 408 -13.37 -17.62 -4.20
CA TYR B 408 -12.47 -18.38 -3.32
C TYR B 408 -12.67 -18.18 -1.83
N GLY B 409 -13.53 -17.24 -1.44
CA GLY B 409 -13.81 -16.96 -0.03
C GLY B 409 -12.98 -15.83 0.56
N LYS B 410 -13.33 -15.48 1.79
CA LYS B 410 -12.77 -14.31 2.48
C LYS B 410 -11.41 -14.51 3.16
N LYS B 411 -11.01 -15.76 3.40
CA LYS B 411 -9.71 -16.06 3.98
C LYS B 411 -8.64 -15.58 3.02
N LEU B 412 -7.65 -14.86 3.53
CA LEU B 412 -6.67 -14.18 2.68
C LEU B 412 -5.82 -15.15 1.87
N VAL B 413 -5.33 -16.21 2.53
CA VAL B 413 -4.60 -17.30 1.82
C VAL B 413 -5.40 -17.88 0.64
N ASP B 414 -6.67 -18.19 0.86
CA ASP B 414 -7.57 -18.67 -0.19
C ASP B 414 -7.79 -17.59 -1.26
N PHE B 415 -7.98 -16.34 -0.82
CA PHE B 415 -8.22 -15.22 -1.72
C PHE B 415 -7.04 -14.99 -2.64
N LYS B 416 -5.84 -15.02 -2.07
CA LYS B 416 -4.60 -14.80 -2.85
C LYS B 416 -4.41 -15.84 -3.96
N LYS B 417 -4.87 -17.07 -3.72
CA LYS B 417 -4.84 -18.15 -4.70
C LYS B 417 -5.53 -17.76 -6.01
N GLY B 418 -6.62 -16.99 -5.90
CA GLY B 418 -7.34 -16.52 -7.07
C GLY B 418 -6.58 -15.60 -8.03
N LEU B 419 -5.55 -14.92 -7.54
CA LEU B 419 -4.87 -13.84 -8.31
C LEU B 419 -3.96 -14.26 -9.47
N PRO B 420 -3.11 -15.28 -9.27
CA PRO B 420 -2.18 -15.61 -10.35
C PRO B 420 -2.89 -16.12 -11.61
N GLY B 421 -2.54 -15.53 -12.75
CA GLY B 421 -3.14 -15.90 -14.03
C GLY B 421 -4.51 -15.32 -14.40
N ASN B 422 -5.18 -14.63 -13.47
CA ASN B 422 -6.50 -14.04 -13.74
C ASN B 422 -6.47 -13.19 -15.00
N ALA B 423 -7.36 -13.52 -15.94
CA ALA B 423 -7.44 -12.83 -17.24
C ALA B 423 -7.68 -11.34 -17.10
N GLN B 424 -8.61 -10.96 -16.22
CA GLN B 424 -8.99 -9.55 -16.07
C GLN B 424 -7.84 -8.74 -15.51
N LEU B 425 -7.20 -9.30 -14.47
CA LEU B 425 -6.02 -8.70 -13.85
C LEU B 425 -4.87 -8.57 -14.83
N GLN B 426 -4.66 -9.59 -15.67
CA GLN B 426 -3.55 -9.58 -16.65
C GLN B 426 -3.78 -8.44 -17.62
N GLN B 427 -5.03 -8.34 -18.09
CA GLN B 427 -5.50 -7.27 -18.96
C GLN B 427 -5.41 -5.90 -18.27
N LEU B 428 -5.82 -5.83 -17.00
CA LEU B 428 -5.79 -4.58 -16.29
C LEU B 428 -4.34 -4.12 -16.05
N LYS B 429 -3.47 -5.05 -15.61
CA LYS B 429 -2.01 -4.80 -15.51
C LYS B 429 -1.43 -4.20 -16.80
N GLN B 430 -1.72 -4.82 -17.93
CA GLN B 430 -1.17 -4.34 -19.20
C GLN B 430 -1.70 -2.96 -19.54
N GLU B 431 -2.96 -2.73 -19.24
CA GLU B 431 -3.57 -1.40 -19.40
C GLU B 431 -2.81 -0.39 -18.52
N VAL B 432 -2.55 -0.78 -17.29
CA VAL B 432 -1.75 0.03 -16.37
C VAL B 432 -0.33 0.25 -16.90
N VAL B 433 0.35 -0.86 -17.26
CA VAL B 433 1.73 -0.84 -17.73
C VAL B 433 1.89 0.03 -18.97
N THR B 434 0.90 0.04 -19.87
CA THR B 434 1.00 0.85 -21.08
C THR B 434 0.88 2.31 -20.75
N TRP B 435 -0.03 2.68 -19.84
CA TRP B 435 -0.22 4.09 -19.51
C TRP B 435 0.91 4.62 -18.62
N ALA B 436 1.30 3.82 -17.61
CA ALA B 436 2.41 4.17 -16.68
C ALA B 436 3.79 4.28 -17.36
N GLY B 437 4.11 3.30 -18.21
CA GLY B 437 5.40 3.29 -18.93
C GLY B 437 5.62 4.49 -19.82
N ALA B 438 4.53 5.09 -20.31
CA ALA B 438 4.59 6.28 -21.16
C ALA B 438 4.92 7.59 -20.43
N LEU B 439 4.64 7.67 -19.13
CA LEU B 439 4.72 8.93 -18.38
C LEU B 439 6.18 9.36 -18.11
N PRO B 440 6.47 10.68 -18.07
CA PRO B 440 7.83 11.11 -17.72
C PRO B 440 8.32 10.51 -16.40
N PHE B 441 9.57 10.07 -16.43
CA PHE B 441 10.20 9.40 -15.31
C PHE B 441 11.47 10.18 -14.99
N PRO B 442 11.54 10.80 -13.80
CA PRO B 442 12.82 11.36 -13.39
C PRO B 442 13.76 10.23 -13.00
N MET C 1 -74.68 -33.14 -29.53
CA MET C 1 -74.21 -33.51 -30.91
C MET C 1 -72.70 -33.27 -31.02
N PHE C 2 -71.95 -34.10 -30.30
CA PHE C 2 -70.48 -34.00 -30.22
C PHE C 2 -69.84 -35.37 -30.00
N ASN C 3 -68.53 -35.43 -30.25
CA ASN C 3 -67.73 -36.63 -29.97
C ASN C 3 -66.97 -36.51 -28.64
N ASN C 4 -67.31 -37.37 -27.67
CA ASN C 4 -66.70 -37.31 -26.33
C ASN C 4 -65.54 -38.28 -26.08
N GLU C 5 -65.06 -38.97 -27.12
CA GLU C 5 -63.95 -39.91 -26.98
C GLU C 5 -62.68 -39.21 -26.42
N PRO C 6 -61.88 -39.94 -25.60
CA PRO C 6 -60.59 -39.40 -25.13
C PRO C 6 -59.64 -39.05 -26.25
N LEU C 7 -58.72 -38.13 -25.98
CA LEU C 7 -57.74 -37.61 -26.95
C LEU C 7 -57.03 -38.69 -27.75
N GLU C 8 -56.67 -39.79 -27.08
CA GLU C 8 -56.00 -40.95 -27.72
C GLU C 8 -56.81 -41.62 -28.85
N GLN C 9 -58.11 -41.80 -28.63
CA GLN C 9 -58.99 -42.42 -29.63
C GLN C 9 -59.28 -41.43 -30.78
N ILE C 10 -59.80 -40.25 -30.43
CA ILE C 10 -60.14 -39.19 -31.40
C ILE C 10 -58.97 -38.71 -32.28
N ASP C 11 -57.77 -38.59 -31.71
CA ASP C 11 -56.61 -38.15 -32.48
C ASP C 11 -55.37 -38.87 -32.02
N LYS C 12 -55.21 -40.10 -32.51
CA LYS C 12 -54.03 -40.91 -32.23
C LYS C 12 -52.76 -40.21 -32.73
N GLU C 13 -52.81 -39.57 -33.91
CA GLU C 13 -51.64 -38.88 -34.47
C GLU C 13 -51.08 -37.76 -33.56
N LEU C 14 -51.96 -36.88 -33.07
CA LEU C 14 -51.58 -35.79 -32.16
C LEU C 14 -51.13 -36.31 -30.82
N HIS C 15 -51.88 -37.25 -30.28
CA HIS C 15 -51.61 -37.82 -28.97
C HIS C 15 -50.22 -38.43 -28.86
N ASP C 16 -49.71 -38.96 -29.96
CA ASP C 16 -48.37 -39.57 -29.98
C ASP C 16 -47.26 -38.54 -29.87
N ILE C 17 -47.40 -37.43 -30.60
CA ILE C 17 -46.41 -36.35 -30.55
C ILE C 17 -46.37 -35.70 -29.16
N LEU C 18 -47.52 -35.58 -28.51
CA LEU C 18 -47.61 -35.07 -27.12
C LEU C 18 -46.99 -36.04 -26.12
N ALA C 19 -47.14 -37.34 -26.35
CA ALA C 19 -46.46 -38.36 -25.50
C ALA C 19 -44.94 -38.30 -25.73
N ASP C 20 -44.54 -38.01 -26.97
CA ASP C 20 -43.14 -37.80 -27.29
C ASP C 20 -42.59 -36.58 -26.57
N GLU C 21 -43.28 -35.44 -26.74
CA GLU C 21 -42.95 -34.16 -26.06
C GLU C 21 -42.79 -34.38 -24.56
N GLU C 22 -43.72 -35.12 -23.94
CA GLU C 22 -43.66 -35.39 -22.51
C GLU C 22 -42.37 -36.13 -22.12
N LYS C 23 -42.05 -37.15 -22.90
CA LYS C 23 -40.83 -37.94 -22.71
C LYS C 23 -39.53 -37.09 -22.91
N ARG C 24 -39.47 -36.28 -23.96
CA ARG C 24 -38.33 -35.38 -24.14
C ARG C 24 -38.14 -34.38 -22.96
N GLN C 25 -39.22 -33.80 -22.46
CA GLN C 25 -39.17 -32.92 -21.28
C GLN C 25 -38.65 -33.66 -20.03
N ARG C 26 -39.13 -34.88 -19.89
CA ARG C 26 -38.70 -35.78 -18.82
C ARG C 26 -37.23 -36.21 -18.93
N GLU C 27 -36.68 -36.21 -20.14
CA GLU C 27 -35.33 -36.72 -20.38
C GLU C 27 -34.36 -35.62 -20.81
N THR C 28 -34.69 -34.38 -20.41
CA THR C 28 -33.93 -33.20 -20.83
C THR C 28 -33.39 -32.54 -19.57
N ILE C 29 -32.16 -32.06 -19.68
CA ILE C 29 -31.63 -31.11 -18.70
C ILE C 29 -32.01 -29.74 -19.27
N ASN C 30 -33.06 -29.16 -18.69
CA ASN C 30 -33.66 -27.92 -19.17
C ASN C 30 -33.06 -26.73 -18.41
N LEU C 31 -32.13 -26.06 -19.07
CA LEU C 31 -31.56 -24.83 -18.56
C LEU C 31 -32.15 -23.58 -19.25
N ILE C 32 -33.34 -23.65 -19.86
CA ILE C 32 -33.91 -22.40 -20.42
C ILE C 32 -34.33 -21.53 -19.25
N ALA C 33 -33.81 -20.31 -19.22
CA ALA C 33 -33.94 -19.45 -18.05
C ALA C 33 -35.38 -19.08 -17.85
N SER C 34 -36.13 -19.00 -18.94
CA SER C 34 -37.55 -18.62 -18.92
C SER C 34 -38.55 -19.76 -18.81
N GLU C 35 -38.09 -21.01 -18.70
CA GLU C 35 -39.00 -22.16 -18.66
C GLU C 35 -39.14 -22.69 -17.27
N ASN C 36 -40.16 -23.50 -17.09
CA ASN C 36 -40.47 -24.12 -15.80
C ASN C 36 -41.41 -25.28 -16.03
N LEU C 37 -41.84 -25.94 -14.98
CA LEU C 37 -42.79 -27.03 -15.13
C LEU C 37 -43.93 -26.82 -14.20
N THR C 38 -45.13 -26.78 -14.76
CA THR C 38 -46.33 -26.57 -13.99
C THR C 38 -46.75 -27.88 -13.39
N ASN C 39 -47.43 -27.79 -12.25
CA ASN C 39 -47.99 -28.97 -11.56
C ASN C 39 -49.36 -29.34 -12.11
N GLY C 40 -49.91 -30.46 -11.64
CA GLY C 40 -51.19 -30.98 -12.12
C GLY C 40 -52.37 -30.05 -11.78
N ALA C 41 -52.31 -29.35 -10.66
CA ALA C 41 -53.37 -28.41 -10.31
C ALA C 41 -53.48 -27.23 -11.28
N VAL C 42 -52.35 -26.68 -11.70
CA VAL C 42 -52.34 -25.61 -12.70
C VAL C 42 -52.87 -26.10 -14.05
N ARG C 43 -52.53 -27.32 -14.42
CA ARG C 43 -53.02 -27.89 -15.69
C ARG C 43 -54.49 -28.33 -15.68
N GLU C 44 -55.05 -28.59 -14.50
CA GLU C 44 -56.47 -28.86 -14.35
C GLU C 44 -57.28 -27.62 -14.60
N CYS C 45 -56.76 -26.47 -14.19
CA CYS C 45 -57.40 -25.18 -14.46
C CYS C 45 -57.37 -24.80 -15.94
N LEU C 46 -56.27 -25.11 -16.61
CA LEU C 46 -56.13 -24.79 -18.02
C LEU C 46 -57.04 -25.67 -18.86
N GLY C 47 -57.31 -26.88 -18.38
CA GLY C 47 -58.30 -27.76 -19.03
C GLY C 47 -59.74 -27.61 -18.58
N ASN C 48 -60.05 -26.59 -17.77
CA ASN C 48 -61.36 -26.45 -17.16
C ASN C 48 -62.36 -25.88 -18.16
N ARG C 49 -63.64 -26.17 -17.95
CA ARG C 49 -64.71 -25.58 -18.76
C ARG C 49 -64.94 -24.11 -18.54
N VAL C 50 -64.24 -23.52 -17.60
CA VAL C 50 -64.34 -22.07 -17.40
C VAL C 50 -63.99 -21.27 -18.68
N SER C 51 -63.11 -21.80 -19.53
CA SER C 51 -62.76 -21.17 -20.84
C SER C 51 -63.91 -21.11 -21.87
N ASN C 52 -65.01 -21.83 -21.61
CA ASN C 52 -66.25 -21.66 -22.40
C ASN C 52 -66.88 -20.27 -22.37
N LYS C 53 -66.59 -19.51 -21.33
CA LYS C 53 -67.35 -18.32 -21.04
C LYS C 53 -66.74 -17.07 -21.63
N TYR C 54 -67.59 -16.28 -22.28
CA TYR C 54 -67.27 -14.94 -22.78
C TYR C 54 -67.59 -13.93 -21.65
N SER C 55 -66.61 -13.16 -21.20
CA SER C 55 -66.80 -12.23 -20.12
C SER C 55 -66.03 -10.95 -20.33
N GLU C 56 -66.28 -10.32 -21.48
CA GLU C 56 -65.72 -9.01 -21.80
C GLU C 56 -66.03 -7.96 -20.75
N GLY C 57 -65.03 -7.22 -20.36
CA GLY C 57 -65.17 -6.18 -19.35
C GLY C 57 -64.40 -6.57 -18.10
N TYR C 58 -64.89 -6.10 -16.95
CA TYR C 58 -64.25 -6.36 -15.66
C TYR C 58 -65.30 -6.85 -14.66
N PRO C 59 -64.86 -7.36 -13.49
CA PRO C 59 -65.86 -7.88 -12.53
C PRO C 59 -66.91 -6.82 -12.09
N LYS C 60 -68.19 -7.20 -12.08
CA LYS C 60 -69.31 -6.30 -11.79
C LYS C 60 -69.49 -5.17 -12.83
N LYS C 61 -68.78 -5.26 -13.95
CA LYS C 61 -68.91 -4.36 -15.10
C LYS C 61 -68.88 -5.20 -16.36
N ARG C 62 -69.49 -6.38 -16.26
CA ARG C 62 -69.43 -7.35 -17.33
C ARG C 62 -70.44 -6.90 -18.32
N TYR C 63 -70.15 -7.15 -19.59
CA TYR C 63 -71.10 -6.86 -20.63
C TYR C 63 -72.25 -7.82 -20.49
N TYR C 64 -71.94 -9.10 -20.29
CA TYR C 64 -72.98 -10.15 -20.14
C TYR C 64 -73.19 -10.58 -18.69
N GLY C 65 -74.34 -11.19 -18.41
CA GLY C 65 -74.60 -11.83 -17.11
C GLY C 65 -74.17 -13.27 -17.20
N GLY C 66 -74.36 -14.00 -16.11
CA GLY C 66 -73.95 -15.40 -16.03
C GLY C 66 -72.46 -15.48 -15.74
N ASN C 67 -71.92 -14.40 -15.19
CA ASN C 67 -70.53 -14.28 -14.82
C ASN C 67 -70.37 -14.19 -13.30
N ASP C 68 -71.32 -14.79 -12.59
CA ASP C 68 -71.28 -14.76 -11.12
C ASP C 68 -70.05 -15.51 -10.64
N PHE C 69 -69.84 -16.70 -11.18
CA PHE C 69 -68.70 -17.51 -10.82
C PHE C 69 -67.40 -17.04 -11.44
N ILE C 70 -67.46 -16.54 -12.69
CA ILE C 70 -66.27 -15.88 -13.32
C ILE C 70 -65.80 -14.65 -12.55
N ASP C 71 -66.74 -13.79 -12.17
CA ASP C 71 -66.41 -12.59 -11.38
C ASP C 71 -65.68 -12.96 -10.09
N LYS C 72 -66.07 -14.07 -9.47
CA LYS C 72 -65.40 -14.53 -8.23
C LYS C 72 -63.95 -14.92 -8.52
N ILE C 73 -63.75 -15.67 -9.61
CA ILE C 73 -62.43 -16.15 -10.00
C ILE C 73 -61.52 -15.00 -10.39
N GLU C 74 -62.02 -14.04 -11.19
CA GLU C 74 -61.19 -12.88 -11.51
C GLU C 74 -60.81 -12.07 -10.27
N GLU C 75 -61.69 -11.97 -9.26
CA GLU C 75 -61.44 -11.17 -8.02
C GLU C 75 -60.48 -11.87 -7.03
N LEU C 76 -60.69 -13.17 -6.89
CA LEU C 76 -59.75 -14.01 -6.16
C LEU C 76 -58.31 -13.99 -6.70
N CYS C 77 -58.17 -13.79 -8.02
CA CYS C 77 -56.87 -13.71 -8.68
C CYS C 77 -56.15 -12.40 -8.36
N GLN C 78 -56.88 -11.29 -8.46
CA GLN C 78 -56.31 -9.95 -8.25
C GLN C 78 -55.93 -9.77 -6.77
N LYS C 79 -56.75 -10.33 -5.89
CA LYS C 79 -56.48 -10.32 -4.46
C LYS C 79 -55.15 -11.04 -4.19
N ARG C 80 -55.08 -12.31 -4.62
CA ARG C 80 -53.89 -13.16 -4.44
C ARG C 80 -52.64 -12.60 -5.08
N ALA C 81 -52.76 -11.86 -6.18
CA ALA C 81 -51.62 -11.25 -6.86
C ALA C 81 -51.02 -10.10 -6.06
N LEU C 82 -51.90 -9.27 -5.55
CA LEU C 82 -51.53 -8.15 -4.68
C LEU C 82 -50.99 -8.64 -3.31
N GLU C 83 -51.61 -9.68 -2.76
CA GLU C 83 -51.03 -10.34 -1.58
C GLU C 83 -49.62 -10.89 -1.87
N ALA C 84 -49.50 -11.70 -2.92
CA ALA C 84 -48.24 -12.38 -3.26
C ALA C 84 -47.09 -11.40 -3.46
N PHE C 85 -47.37 -10.27 -4.11
CA PHE C 85 -46.35 -9.26 -4.33
C PHE C 85 -46.25 -8.19 -3.25
N ASN C 86 -46.84 -8.50 -2.08
CA ASN C 86 -46.69 -7.69 -0.87
C ASN C 86 -47.00 -6.23 -1.12
N VAL C 87 -48.20 -5.98 -1.62
CA VAL C 87 -48.67 -4.62 -1.87
C VAL C 87 -50.10 -4.51 -1.33
N SER C 88 -50.45 -3.29 -0.97
CA SER C 88 -51.76 -3.01 -0.40
C SER C 88 -52.71 -2.75 -1.56
N ASP C 89 -53.92 -3.28 -1.47
CA ASP C 89 -54.95 -3.14 -2.51
C ASP C 89 -55.55 -1.73 -2.57
N GLU C 90 -55.25 -0.94 -1.53
CA GLU C 90 -55.62 0.48 -1.53
C GLU C 90 -54.58 1.23 -2.32
N GLU C 91 -53.31 0.90 -2.12
CA GLU C 91 -52.18 1.57 -2.79
C GLU C 91 -51.90 1.12 -4.26
N TRP C 92 -52.11 -0.17 -4.54
CA TRP C 92 -51.80 -0.77 -5.84
C TRP C 92 -53.00 -1.49 -6.41
N GLY C 93 -53.15 -1.40 -7.72
CA GLY C 93 -54.08 -2.26 -8.45
C GLY C 93 -53.41 -3.23 -9.41
N VAL C 94 -54.19 -4.22 -9.85
CA VAL C 94 -53.68 -5.23 -10.77
C VAL C 94 -54.71 -5.71 -11.78
N ASN C 95 -54.29 -5.73 -13.06
CA ASN C 95 -55.07 -6.35 -14.15
C ASN C 95 -54.56 -7.79 -14.47
N VAL C 96 -55.48 -8.76 -14.42
CA VAL C 96 -55.18 -10.19 -14.62
C VAL C 96 -55.61 -10.71 -16.01
N GLN C 97 -56.01 -9.82 -16.91
CA GLN C 97 -56.51 -10.24 -18.21
C GLN C 97 -55.43 -10.44 -19.30
N PRO C 98 -54.27 -9.76 -19.24
CA PRO C 98 -53.34 -9.96 -20.37
C PRO C 98 -52.96 -11.43 -20.68
N LEU C 99 -52.97 -11.77 -21.96
CA LEU C 99 -52.83 -13.16 -22.37
C LEU C 99 -51.39 -13.64 -22.30
N SER C 100 -50.44 -12.73 -22.40
CA SER C 100 -49.04 -13.07 -22.30
C SER C 100 -48.20 -11.83 -22.01
N GLY C 101 -46.92 -12.04 -21.78
CA GLY C 101 -46.04 -10.98 -21.41
C GLY C 101 -45.98 -9.83 -22.37
N SER C 102 -45.95 -10.15 -23.64
CA SER C 102 -45.69 -9.16 -24.66
C SER C 102 -46.91 -8.27 -24.81
N ALA C 103 -48.08 -8.90 -24.72
CA ALA C 103 -49.35 -8.18 -24.75
C ALA C 103 -49.47 -7.22 -23.55
N ALA C 104 -49.11 -7.72 -22.37
CA ALA C 104 -49.15 -6.95 -21.14
C ALA C 104 -48.28 -5.72 -21.18
N ASN C 105 -47.05 -5.83 -21.68
CA ASN C 105 -46.16 -4.65 -21.83
C ASN C 105 -46.65 -3.65 -22.90
N VAL C 106 -47.18 -4.12 -24.03
CA VAL C 106 -47.63 -3.20 -25.09
C VAL C 106 -48.86 -2.41 -24.59
N GLN C 107 -49.78 -3.13 -23.96
CA GLN C 107 -50.92 -2.58 -23.28
C GLN C 107 -50.52 -1.52 -22.25
N ALA C 108 -49.71 -1.91 -21.28
CA ALA C 108 -49.28 -0.97 -20.23
C ALA C 108 -48.57 0.27 -20.80
N LEU C 109 -47.73 0.07 -21.82
CA LEU C 109 -47.01 1.17 -22.44
C LEU C 109 -47.97 2.14 -23.11
N TYR C 110 -48.95 1.59 -23.83
CA TYR C 110 -49.93 2.43 -24.49
C TYR C 110 -50.70 3.31 -23.48
N ALA C 111 -51.17 2.68 -22.42
CA ALA C 111 -51.88 3.35 -21.33
C ALA C 111 -51.16 4.60 -20.84
N LEU C 112 -49.87 4.46 -20.58
CA LEU C 112 -49.06 5.57 -20.06
C LEU C 112 -48.76 6.68 -21.04
N VAL C 113 -48.49 6.34 -22.29
CA VAL C 113 -47.94 7.29 -23.26
C VAL C 113 -48.70 7.51 -24.55
N GLY C 114 -49.49 6.52 -24.98
CA GLY C 114 -50.26 6.65 -26.20
C GLY C 114 -49.42 6.55 -27.47
N VAL C 115 -50.10 6.57 -28.61
CA VAL C 115 -49.43 6.47 -29.90
C VAL C 115 -48.52 7.67 -30.05
N LYS C 116 -47.37 7.42 -30.70
CA LYS C 116 -46.29 8.39 -30.87
C LYS C 116 -45.54 8.72 -29.58
N GLY C 117 -45.93 8.08 -28.46
CA GLY C 117 -45.34 8.36 -27.16
C GLY C 117 -43.90 7.91 -27.07
N LYS C 118 -43.13 8.59 -26.22
CA LYS C 118 -41.68 8.41 -26.12
C LYS C 118 -41.32 7.47 -24.98
N ILE C 119 -40.53 6.44 -25.29
CA ILE C 119 -40.10 5.44 -24.30
C ILE C 119 -38.62 5.08 -24.42
N MET C 120 -38.07 4.63 -23.31
CA MET C 120 -36.67 4.21 -23.26
C MET C 120 -36.66 2.83 -22.63
N GLY C 121 -35.77 1.99 -23.15
CA GLY C 121 -35.60 0.63 -22.64
C GLY C 121 -34.21 0.10 -22.96
N MET C 122 -33.85 -1.00 -22.30
CA MET C 122 -32.59 -1.64 -22.60
C MET C 122 -32.62 -2.33 -23.96
N HIS C 123 -31.52 -2.19 -24.69
CA HIS C 123 -31.34 -2.84 -25.99
C HIS C 123 -31.42 -4.35 -25.85
N LEU C 124 -31.94 -5.00 -26.89
CA LEU C 124 -32.07 -6.46 -26.93
C LEU C 124 -30.72 -7.17 -26.74
N CYS C 125 -29.73 -6.78 -27.53
CA CYS C 125 -28.31 -7.21 -27.41
C CYS C 125 -27.70 -7.08 -26.01
N SER C 126 -28.17 -6.12 -25.20
CA SER C 126 -27.68 -5.94 -23.83
C SER C 126 -28.49 -6.65 -22.76
N GLY C 127 -29.58 -7.32 -23.15
CA GLY C 127 -30.43 -8.08 -22.22
C GLY C 127 -31.85 -7.58 -22.08
N GLY C 128 -32.27 -6.60 -22.88
CA GLY C 128 -33.64 -6.12 -22.91
C GLY C 128 -34.56 -7.00 -23.72
N HIS C 129 -35.87 -6.86 -23.47
CA HIS C 129 -36.87 -7.54 -24.26
C HIS C 129 -37.20 -6.83 -25.56
N LEU C 130 -37.84 -7.57 -26.45
CA LEU C 130 -38.37 -7.04 -27.70
C LEU C 130 -39.38 -5.93 -27.47
N THR C 131 -40.29 -6.16 -26.52
CA THR C 131 -41.32 -5.22 -26.12
C THR C 131 -40.80 -4.00 -25.34
N HIS C 132 -39.49 -3.86 -25.18
CA HIS C 132 -38.88 -2.69 -24.54
C HIS C 132 -38.39 -1.64 -25.56
N GLY C 133 -39.03 -1.58 -26.71
CA GLY C 133 -38.69 -0.61 -27.73
C GLY C 133 -37.67 -1.03 -28.77
N PHE C 134 -37.44 -2.33 -28.90
CA PHE C 134 -36.35 -2.79 -29.77
C PHE C 134 -36.55 -2.50 -31.26
N PHE C 135 -35.51 -1.97 -31.90
CA PHE C 135 -35.47 -1.86 -33.36
C PHE C 135 -34.04 -2.02 -33.93
N ASP C 136 -33.97 -2.16 -35.25
CA ASP C 136 -32.72 -2.27 -36.01
C ASP C 136 -32.71 -1.14 -37.02
N GLU C 137 -31.56 -0.85 -37.61
CA GLU C 137 -31.43 0.30 -38.52
C GLU C 137 -32.60 0.40 -39.49
N LYS C 138 -33.45 1.41 -39.25
CA LYS C 138 -34.65 1.71 -40.06
C LYS C 138 -35.82 0.72 -39.90
N LYS C 139 -35.55 -0.46 -39.35
CA LYS C 139 -36.52 -1.56 -39.27
C LYS C 139 -37.05 -1.68 -37.83
N LYS C 140 -38.28 -1.22 -37.63
CA LYS C 140 -38.94 -1.30 -36.34
C LYS C 140 -39.40 -2.71 -36.12
N VAL C 141 -38.61 -3.46 -35.36
CA VAL C 141 -38.77 -4.90 -35.18
C VAL C 141 -39.93 -5.18 -34.25
N SER C 142 -40.05 -4.41 -33.20
CA SER C 142 -41.15 -4.57 -32.28
C SER C 142 -42.15 -3.48 -32.58
N ILE C 143 -43.42 -3.78 -32.36
CA ILE C 143 -44.46 -2.75 -32.39
C ILE C 143 -44.09 -1.61 -31.45
N THR C 144 -43.44 -1.95 -30.34
CA THR C 144 -43.02 -0.96 -29.37
C THR C 144 -42.07 0.06 -29.92
N SER C 145 -41.30 -0.27 -30.96
CA SER C 145 -40.46 0.74 -31.64
C SER C 145 -41.22 1.52 -32.70
N ASP C 146 -42.27 0.89 -33.24
CA ASP C 146 -43.08 1.47 -34.31
C ASP C 146 -44.24 2.35 -33.84
N MET C 147 -45.03 1.89 -32.87
CA MET C 147 -46.17 2.67 -32.41
C MET C 147 -45.79 3.72 -31.35
N PHE C 148 -44.59 3.58 -30.80
CA PHE C 148 -43.99 4.52 -29.87
C PHE C 148 -42.69 5.01 -30.54
N GLU C 149 -42.12 6.08 -29.99
CA GLU C 149 -40.77 6.53 -30.37
C GLU C 149 -39.85 6.03 -29.26
N SER C 150 -38.92 5.13 -29.61
CA SER C 150 -38.08 4.48 -28.61
C SER C 150 -36.61 4.76 -28.77
N LYS C 151 -35.93 4.81 -27.64
CA LYS C 151 -34.50 5.01 -27.60
C LYS C 151 -33.96 3.89 -26.72
N LEU C 152 -32.77 3.37 -27.04
CA LEU C 152 -32.28 2.19 -26.36
C LEU C 152 -30.97 2.46 -25.69
N TYR C 153 -30.85 2.03 -24.44
CA TYR C 153 -29.62 2.22 -23.66
C TYR C 153 -28.86 0.93 -23.49
N LYS C 154 -27.57 0.98 -23.81
CA LYS C 154 -26.69 -0.19 -23.74
C LYS C 154 -26.16 -0.38 -22.34
N CYS C 155 -25.85 -1.64 -22.01
CA CYS C 155 -25.10 -1.98 -20.80
C CYS C 155 -23.66 -1.69 -21.17
N ASN C 156 -22.82 -1.46 -20.17
CA ASN C 156 -21.37 -1.27 -20.39
C ASN C 156 -20.62 -2.54 -20.85
N SER C 157 -19.30 -2.43 -21.07
CA SER C 157 -18.50 -3.56 -21.58
C SER C 157 -18.37 -4.74 -20.61
N GLN C 158 -18.54 -4.48 -19.30
CA GLN C 158 -18.54 -5.55 -18.28
C GLN C 158 -19.90 -6.22 -18.11
N GLY C 159 -20.90 -5.75 -18.87
CA GLY C 159 -22.25 -6.32 -18.85
C GLY C 159 -23.18 -5.78 -17.78
N TYR C 160 -22.85 -4.61 -17.23
CA TYR C 160 -23.70 -3.97 -16.20
C TYR C 160 -24.46 -2.81 -16.82
N VAL C 161 -25.63 -2.52 -16.26
CA VAL C 161 -26.43 -1.34 -16.60
C VAL C 161 -25.65 -0.10 -16.17
N ASP C 162 -25.39 0.80 -17.09
CA ASP C 162 -24.61 1.99 -16.81
C ASP C 162 -25.56 3.17 -16.69
N LEU C 163 -25.85 3.56 -15.44
CA LEU C 163 -26.85 4.59 -15.18
C LEU C 163 -26.49 5.97 -15.68
N ASP C 164 -25.20 6.29 -15.71
CA ASP C 164 -24.76 7.53 -16.33
C ASP C 164 -25.31 7.65 -17.77
N ALA C 165 -25.30 6.54 -18.50
CA ALA C 165 -25.79 6.52 -19.88
C ALA C 165 -27.30 6.73 -19.94
N VAL C 166 -28.01 6.14 -18.98
CA VAL C 166 -29.47 6.30 -18.84
C VAL C 166 -29.85 7.78 -18.66
N ARG C 167 -29.26 8.43 -17.65
CA ARG C 167 -29.51 9.84 -17.35
C ARG C 167 -29.17 10.77 -18.50
N GLU C 168 -28.00 10.58 -19.12
CA GLU C 168 -27.61 11.42 -20.26
C GLU C 168 -28.63 11.26 -21.38
N MET C 169 -29.07 10.02 -21.60
CA MET C 169 -30.05 9.71 -22.63
C MET C 169 -31.41 10.24 -22.21
N ALA C 170 -31.83 9.97 -20.98
CA ALA C 170 -33.08 10.52 -20.47
C ALA C 170 -33.20 12.06 -20.65
N LEU C 171 -32.16 12.81 -20.26
CA LEU C 171 -32.18 14.29 -20.38
C LEU C 171 -32.25 14.80 -21.83
N SER C 172 -31.49 14.20 -22.75
CA SER C 172 -31.55 14.56 -24.17
C SER C 172 -32.80 14.04 -24.90
N PHE C 173 -33.19 12.78 -24.65
CA PHE C 173 -34.37 12.17 -25.30
C PHE C 173 -35.72 12.57 -24.68
N LYS C 174 -35.74 12.80 -23.36
CA LYS C 174 -36.93 13.29 -22.65
C LYS C 174 -38.12 12.35 -22.82
N PRO C 175 -37.96 11.07 -22.46
CA PRO C 175 -39.09 10.19 -22.66
C PRO C 175 -40.19 10.39 -21.64
N LYS C 176 -41.35 9.81 -21.94
CA LYS C 176 -42.44 9.68 -20.97
C LYS C 176 -42.37 8.38 -20.14
N VAL C 177 -41.69 7.33 -20.62
CA VAL C 177 -41.48 6.09 -19.84
C VAL C 177 -40.08 5.51 -19.99
N ILE C 178 -39.55 4.99 -18.88
CA ILE C 178 -38.26 4.30 -18.85
C ILE C 178 -38.47 2.92 -18.32
N ILE C 179 -38.13 1.91 -19.16
CA ILE C 179 -38.30 0.52 -18.77
C ILE C 179 -37.01 -0.06 -18.18
N CYS C 180 -37.14 -0.77 -17.07
CA CYS C 180 -36.07 -1.55 -16.50
C CYS C 180 -36.67 -2.89 -16.09
N GLY C 181 -35.80 -3.86 -15.77
CA GLY C 181 -36.21 -5.27 -15.63
C GLY C 181 -36.02 -5.93 -16.99
N TYR C 182 -35.33 -7.08 -17.04
CA TYR C 182 -34.82 -7.54 -18.32
C TYR C 182 -35.03 -9.00 -18.63
N THR C 183 -34.68 -9.39 -19.85
CA THR C 183 -34.87 -10.79 -20.29
C THR C 183 -33.64 -11.64 -20.00
N SER C 184 -32.45 -11.12 -20.25
CA SER C 184 -31.23 -11.87 -19.88
C SER C 184 -30.14 -11.06 -19.21
N TYR C 185 -30.48 -10.51 -18.06
CA TYR C 185 -29.59 -9.71 -17.27
C TYR C 185 -29.38 -10.48 -15.96
N PRO C 186 -28.12 -10.91 -15.70
CA PRO C 186 -27.82 -11.75 -14.53
C PRO C 186 -27.62 -11.06 -13.18
N ARG C 187 -27.77 -9.73 -13.12
CA ARG C 187 -27.70 -9.00 -11.84
C ARG C 187 -28.99 -8.25 -11.46
N ASP C 188 -29.08 -7.94 -10.17
CA ASP C 188 -30.20 -7.18 -9.62
C ASP C 188 -30.15 -5.74 -10.14
N ILE C 189 -31.29 -5.05 -9.99
CA ILE C 189 -31.46 -3.69 -10.46
C ILE C 189 -31.55 -2.69 -9.29
N ASP C 190 -30.99 -1.50 -9.50
CA ASP C 190 -31.14 -0.38 -8.57
C ASP C 190 -32.35 0.45 -9.02
N TYR C 191 -33.51 0.07 -8.51
CA TYR C 191 -34.76 0.71 -8.89
C TYR C 191 -34.74 2.14 -8.38
N GLN C 192 -34.24 2.34 -7.16
CA GLN C 192 -34.16 3.67 -6.58
C GLN C 192 -33.46 4.67 -7.47
N GLN C 193 -32.34 4.26 -8.07
CA GLN C 193 -31.62 5.16 -8.95
C GLN C 193 -32.38 5.34 -10.23
N PHE C 194 -33.18 4.35 -10.65
CA PHE C 194 -34.06 4.51 -11.81
C PHE C 194 -35.15 5.55 -11.55
N ARG C 195 -35.78 5.45 -10.39
CA ARG C 195 -36.79 6.42 -9.88
C ARG C 195 -36.29 7.85 -9.82
N GLN C 196 -35.07 8.03 -9.36
CA GLN C 196 -34.38 9.31 -9.36
C GLN C 196 -34.30 9.89 -10.76
N ILE C 197 -33.92 9.07 -11.74
CA ILE C 197 -33.78 9.56 -13.11
C ILE C 197 -35.13 9.93 -13.71
N CYS C 198 -36.14 9.13 -13.39
CA CYS C 198 -37.48 9.33 -13.93
C CYS C 198 -38.05 10.66 -13.47
N ASP C 199 -37.84 10.98 -12.18
CA ASP C 199 -38.26 12.26 -11.61
C ASP C 199 -37.63 13.48 -12.28
N GLU C 200 -36.35 13.39 -12.64
CA GLU C 200 -35.66 14.51 -13.30
C GLU C 200 -36.25 14.93 -14.63
N VAL C 201 -36.71 13.94 -15.38
CA VAL C 201 -37.35 14.15 -16.69
C VAL C 201 -38.88 14.08 -16.62
N ASN C 202 -39.41 13.72 -15.45
CA ASN C 202 -40.85 13.55 -15.16
C ASN C 202 -41.48 12.33 -15.88
N ALA C 203 -40.65 11.33 -16.15
CA ALA C 203 -41.07 10.12 -16.88
C ALA C 203 -41.62 9.09 -15.93
N TYR C 204 -42.47 8.21 -16.44
CA TYR C 204 -42.93 7.06 -15.66
C TYR C 204 -41.82 5.99 -15.52
N LEU C 205 -41.82 5.29 -14.38
CA LEU C 205 -40.90 4.18 -14.12
C LEU C 205 -41.62 2.84 -14.32
N PHE C 206 -41.12 2.07 -15.29
CA PHE C 206 -41.73 0.80 -15.69
C PHE C 206 -40.72 -0.28 -15.35
N ALA C 207 -41.15 -1.21 -14.51
CA ALA C 207 -40.35 -2.34 -14.13
C ALA C 207 -40.94 -3.66 -14.66
N ASP C 208 -40.23 -4.34 -15.56
CA ASP C 208 -40.67 -5.66 -16.11
C ASP C 208 -39.89 -6.72 -15.36
N ILE C 209 -40.54 -7.38 -14.40
CA ILE C 209 -39.89 -8.34 -13.50
C ILE C 209 -40.24 -9.83 -13.77
N SER C 210 -40.59 -10.14 -15.03
CA SER C 210 -41.00 -11.49 -15.46
C SER C 210 -40.01 -12.61 -15.15
N HIS C 211 -38.74 -12.34 -15.39
CA HIS C 211 -37.65 -13.30 -15.06
C HIS C 211 -37.36 -13.46 -13.57
N ILE C 212 -37.58 -12.38 -12.81
CA ILE C 212 -37.21 -12.39 -11.39
C ILE C 212 -38.43 -12.31 -10.46
N SER C 213 -39.61 -12.59 -11.00
CA SER C 213 -40.86 -12.28 -10.30
C SER C 213 -40.89 -12.89 -8.90
N SER C 214 -40.55 -14.18 -8.82
CA SER C 214 -40.44 -14.93 -7.57
C SER C 214 -39.49 -14.33 -6.56
N PHE C 215 -38.41 -13.73 -7.02
CA PHE C 215 -37.43 -13.15 -6.12
C PHE C 215 -38.01 -11.90 -5.48
N VAL C 216 -38.71 -11.11 -6.28
CA VAL C 216 -39.31 -9.87 -5.84
C VAL C 216 -40.41 -10.19 -4.84
N ALA C 217 -41.20 -11.21 -5.13
CA ALA C 217 -42.30 -11.59 -4.28
C ALA C 217 -41.86 -12.02 -2.89
N CYS C 218 -40.86 -12.88 -2.84
CA CYS C 218 -40.38 -13.45 -1.58
C CYS C 218 -39.27 -12.61 -0.93
N ASN C 219 -39.02 -11.40 -1.43
CA ASN C 219 -38.11 -10.42 -0.81
C ASN C 219 -36.64 -10.83 -0.76
N ILE C 220 -36.24 -11.68 -1.71
CA ILE C 220 -34.88 -12.15 -1.84
C ILE C 220 -34.12 -11.03 -2.55
N LEU C 221 -34.76 -10.37 -3.50
CA LEU C 221 -34.13 -9.31 -4.26
C LEU C 221 -34.82 -7.97 -4.07
N ASN C 222 -34.18 -6.92 -4.58
CA ASN C 222 -34.75 -5.58 -4.55
C ASN C 222 -36.21 -5.55 -4.98
N ASN C 223 -36.96 -4.64 -4.36
CA ASN C 223 -38.40 -4.55 -4.55
C ASN C 223 -38.74 -3.32 -5.39
N PRO C 224 -39.22 -3.54 -6.62
CA PRO C 224 -39.50 -2.42 -7.48
C PRO C 224 -40.80 -1.70 -7.09
N PHE C 225 -41.64 -2.33 -6.27
CA PHE C 225 -42.88 -1.72 -5.82
C PHE C 225 -42.71 -0.45 -5.00
N LEU C 226 -41.58 -0.32 -4.32
CA LEU C 226 -41.27 0.84 -3.53
C LEU C 226 -41.02 2.07 -4.40
N HIS C 227 -40.63 1.87 -5.66
CA HIS C 227 -40.28 2.98 -6.56
C HIS C 227 -41.05 3.01 -7.89
N ALA C 228 -41.64 1.91 -8.33
CA ALA C 228 -42.21 1.87 -9.67
C ALA C 228 -43.67 2.35 -9.73
N ASP C 229 -44.02 3.00 -10.84
CA ASP C 229 -45.42 3.28 -11.17
C ASP C 229 -46.13 2.08 -11.73
N VAL C 230 -45.46 1.40 -12.67
CA VAL C 230 -46.02 0.21 -13.31
C VAL C 230 -45.08 -0.97 -13.16
N VAL C 231 -45.62 -2.12 -12.79
CA VAL C 231 -44.82 -3.32 -12.75
C VAL C 231 -45.53 -4.39 -13.55
N THR C 232 -44.88 -4.90 -14.59
CA THR C 232 -45.41 -6.06 -15.34
C THR C 232 -44.61 -7.32 -15.06
N THR C 233 -45.28 -8.46 -15.16
CA THR C 233 -44.66 -9.75 -15.06
C THR C 233 -45.47 -10.81 -15.79
N THR C 234 -44.77 -11.83 -16.31
CA THR C 234 -45.42 -13.02 -16.83
C THR C 234 -45.53 -13.94 -15.67
N THR C 235 -46.39 -14.94 -15.79
CA THR C 235 -46.63 -15.90 -14.71
C THR C 235 -46.06 -17.32 -14.98
N HIS C 236 -45.41 -17.53 -16.13
CA HIS C 236 -44.99 -18.90 -16.60
C HIS C 236 -43.53 -19.23 -16.37
N LYS C 237 -42.73 -18.25 -15.91
CA LYS C 237 -41.32 -18.47 -15.76
C LYS C 237 -41.04 -18.91 -14.32
N ILE C 238 -40.14 -18.20 -13.62
CA ILE C 238 -39.76 -18.55 -12.24
C ILE C 238 -40.95 -18.66 -11.29
N LEU C 239 -42.01 -17.88 -11.55
CA LEU C 239 -43.27 -17.99 -10.78
C LEU C 239 -44.01 -19.33 -10.91
N ARG C 240 -43.77 -20.05 -12.01
CA ARG C 240 -44.31 -21.39 -12.22
C ARG C 240 -45.83 -21.40 -12.52
N GLY C 241 -46.35 -20.28 -13.00
CA GLY C 241 -47.79 -20.23 -13.33
C GLY C 241 -48.05 -20.73 -14.72
N PRO C 242 -49.27 -20.53 -15.21
CA PRO C 242 -49.50 -20.79 -16.63
C PRO C 242 -48.96 -19.66 -17.48
N ARG C 243 -49.18 -19.78 -18.77
CA ARG C 243 -48.73 -18.74 -19.69
C ARG C 243 -49.73 -17.57 -19.67
N SER C 244 -49.37 -16.50 -18.97
CA SER C 244 -50.22 -15.33 -18.80
C SER C 244 -49.39 -14.20 -18.30
N ALA C 245 -50.04 -13.08 -18.07
CA ALA C 245 -49.35 -11.93 -17.51
C ALA C 245 -50.22 -11.08 -16.56
N LEU C 246 -49.49 -10.32 -15.74
CA LEU C 246 -50.04 -9.37 -14.75
C LEU C 246 -49.49 -7.99 -15.01
N ILE C 247 -50.37 -7.00 -14.88
CA ILE C 247 -49.98 -5.59 -14.87
C ILE C 247 -50.39 -4.97 -13.54
N PHE C 248 -49.38 -4.41 -12.85
CA PHE C 248 -49.54 -3.73 -11.58
C PHE C 248 -49.37 -2.22 -11.80
N PHE C 249 -50.25 -1.44 -11.14
CA PHE C 249 -50.22 0.02 -11.21
C PHE C 249 -50.33 0.67 -9.82
N ASN C 250 -49.57 1.74 -9.64
CA ASN C 250 -49.54 2.47 -8.37
C ASN C 250 -50.58 3.60 -8.44
N LYS C 251 -51.74 3.35 -7.87
CA LYS C 251 -52.81 4.36 -7.79
C LYS C 251 -52.38 5.60 -7.01
N LYS C 252 -51.72 5.38 -5.88
CA LYS C 252 -51.27 6.44 -4.98
C LYS C 252 -50.35 7.46 -5.63
N ARG C 253 -49.39 6.98 -6.41
CA ARG C 253 -48.48 7.87 -7.11
C ARG C 253 -49.15 8.53 -8.30
N ASN C 254 -50.08 7.83 -8.93
CA ASN C 254 -50.79 8.33 -10.12
C ASN C 254 -52.27 7.97 -10.06
N PRO C 255 -53.13 8.93 -9.64
CA PRO C 255 -54.56 8.61 -9.64
C PRO C 255 -55.12 8.67 -11.06
N GLY C 256 -56.15 7.88 -11.32
CA GLY C 256 -56.66 7.75 -12.68
C GLY C 256 -55.82 6.91 -13.65
N ILE C 257 -54.78 6.26 -13.13
CA ILE C 257 -54.02 5.25 -13.85
C ILE C 257 -54.84 3.96 -13.96
N GLU C 258 -55.61 3.62 -12.93
CA GLU C 258 -56.40 2.39 -12.93
C GLU C 258 -57.28 2.23 -14.16
N GLN C 259 -58.01 3.30 -14.48
CA GLN C 259 -58.86 3.31 -15.68
C GLN C 259 -58.01 3.25 -16.96
N LYS C 260 -56.95 4.07 -17.05
CA LYS C 260 -56.04 4.10 -18.21
C LYS C 260 -55.43 2.72 -18.61
N ILE C 261 -55.01 1.95 -17.62
CA ILE C 261 -54.49 0.62 -17.82
C ILE C 261 -55.59 -0.41 -18.11
N ASN C 262 -56.68 -0.36 -17.36
CA ASN C 262 -57.77 -1.29 -17.59
C ASN C 262 -58.46 -1.12 -18.95
N SER C 263 -58.52 0.12 -19.46
CA SER C 263 -59.10 0.40 -20.77
C SER C 263 -58.09 0.01 -21.90
N ALA C 264 -56.80 0.11 -21.63
CA ALA C 264 -55.76 -0.35 -22.53
C ALA C 264 -55.81 -1.87 -22.75
N VAL C 265 -56.01 -2.64 -21.69
CA VAL C 265 -56.18 -4.07 -21.86
C VAL C 265 -57.48 -4.33 -22.58
N PHE C 266 -58.57 -3.76 -22.05
CA PHE C 266 -59.85 -3.79 -22.75
C PHE C 266 -60.61 -2.50 -22.63
N PRO C 267 -61.22 -1.99 -23.70
CA PRO C 267 -61.29 -2.62 -25.02
C PRO C 267 -60.25 -2.15 -26.04
N SER C 268 -59.23 -1.44 -25.60
CA SER C 268 -58.23 -0.98 -26.55
C SER C 268 -57.57 -2.15 -27.35
N PHE C 269 -57.13 -3.22 -26.67
CA PHE C 269 -56.30 -4.27 -27.27
C PHE C 269 -56.98 -5.63 -27.30
N GLN C 270 -57.49 -6.11 -26.20
CA GLN C 270 -58.03 -7.45 -26.15
C GLN C 270 -59.55 -7.46 -26.20
N GLY C 271 -60.12 -8.66 -26.42
CA GLY C 271 -61.55 -8.94 -26.26
C GLY C 271 -61.83 -9.78 -25.01
N GLY C 272 -62.42 -10.95 -25.20
CA GLY C 272 -62.80 -11.84 -24.08
C GLY C 272 -61.58 -12.29 -23.30
N PRO C 273 -61.65 -12.32 -21.95
CA PRO C 273 -60.50 -12.88 -21.22
C PRO C 273 -60.49 -14.38 -21.35
N HIS C 274 -59.34 -14.99 -21.09
CA HIS C 274 -59.27 -16.44 -21.09
C HIS C 274 -59.36 -16.89 -19.67
N ASN C 275 -60.55 -17.33 -19.28
CA ASN C 275 -60.83 -17.55 -17.86
C ASN C 275 -60.07 -18.71 -17.26
N ASN C 276 -59.83 -19.76 -18.04
CA ASN C 276 -58.92 -20.86 -17.66
C ASN C 276 -57.50 -20.38 -17.29
N LYS C 277 -57.00 -19.41 -18.04
CA LYS C 277 -55.75 -18.75 -17.68
C LYS C 277 -55.85 -18.13 -16.30
N ILE C 278 -56.91 -17.34 -16.11
CA ILE C 278 -57.11 -16.63 -14.87
C ILE C 278 -57.25 -17.61 -13.70
N ALA C 279 -58.04 -18.67 -13.87
CA ALA C 279 -58.15 -19.73 -12.86
C ALA C 279 -56.80 -20.38 -12.55
N ALA C 280 -55.98 -20.62 -13.58
CA ALA C 280 -54.68 -21.22 -13.37
C ALA C 280 -53.77 -20.27 -12.61
N VAL C 281 -53.84 -18.99 -12.94
CA VAL C 281 -52.99 -18.01 -12.29
C VAL C 281 -53.31 -17.90 -10.82
N ALA C 282 -54.61 -17.89 -10.50
CA ALA C 282 -55.07 -17.86 -9.11
C ALA C 282 -54.51 -19.05 -8.31
N CYS C 283 -54.58 -20.22 -8.92
CA CYS C 283 -54.08 -21.47 -8.32
C CYS C 283 -52.59 -21.46 -8.01
N GLN C 284 -51.81 -20.83 -8.89
CA GLN C 284 -50.39 -20.69 -8.64
C GLN C 284 -50.12 -19.60 -7.63
N LEU C 285 -50.86 -18.50 -7.69
CA LEU C 285 -50.67 -17.40 -6.75
C LEU C 285 -50.93 -17.77 -5.26
N LYS C 286 -51.75 -18.80 -5.00
CA LYS C 286 -51.83 -19.35 -3.66
C LYS C 286 -50.50 -19.96 -3.29
N GLU C 287 -50.04 -20.91 -4.09
CA GLU C 287 -48.75 -21.55 -3.87
C GLU C 287 -47.62 -20.55 -3.71
N VAL C 288 -47.62 -19.46 -4.48
CA VAL C 288 -46.56 -18.49 -4.34
C VAL C 288 -46.46 -17.99 -2.91
N HIS C 289 -47.61 -17.79 -2.24
CA HIS C 289 -47.61 -17.19 -0.88
C HIS C 289 -47.20 -18.10 0.29
N SER C 290 -47.31 -19.40 0.10
CA SER C 290 -46.87 -20.40 1.06
C SER C 290 -45.39 -20.25 1.39
N PRO C 291 -44.97 -20.60 2.63
CA PRO C 291 -43.54 -20.53 2.93
C PRO C 291 -42.71 -21.57 2.15
N ALA C 292 -43.36 -22.63 1.67
CA ALA C 292 -42.73 -23.67 0.82
C ALA C 292 -42.14 -23.12 -0.49
N PHE C 293 -42.85 -22.20 -1.14
CA PHE C 293 -42.43 -21.65 -2.42
C PHE C 293 -41.24 -20.71 -2.26
N LYS C 294 -41.22 -20.00 -1.14
CA LYS C 294 -40.05 -19.19 -0.72
C LYS C 294 -38.84 -20.12 -0.68
N GLU C 295 -39.00 -21.28 -0.05
CA GLU C 295 -37.90 -22.25 0.01
C GLU C 295 -37.39 -22.64 -1.40
N TYR C 296 -38.31 -22.97 -2.30
CA TYR C 296 -38.03 -23.25 -3.70
C TYR C 296 -37.25 -22.12 -4.38
N THR C 297 -37.75 -20.90 -4.23
CA THR C 297 -37.11 -19.72 -4.78
C THR C 297 -35.70 -19.56 -4.26
N GLN C 298 -35.53 -19.80 -2.96
CA GLN C 298 -34.20 -19.70 -2.32
C GLN C 298 -33.29 -20.73 -2.97
N GLN C 299 -33.82 -21.93 -3.13
CA GLN C 299 -33.10 -23.00 -3.79
C GLN C 299 -32.66 -22.65 -5.23
N VAL C 300 -33.50 -21.90 -5.95
CA VAL C 300 -33.17 -21.45 -7.30
C VAL C 300 -31.90 -20.60 -7.25
N LEU C 301 -31.81 -19.73 -6.25
CA LEU C 301 -30.64 -18.86 -6.14
C LEU C 301 -29.38 -19.61 -5.69
N LEU C 302 -29.53 -20.55 -4.76
CA LEU C 302 -28.40 -21.38 -4.30
C LEU C 302 -27.87 -22.15 -5.47
N ASN C 303 -28.75 -22.82 -6.21
CA ASN C 303 -28.37 -23.54 -7.41
C ASN C 303 -27.70 -22.67 -8.46
N SER C 304 -28.20 -21.46 -8.66
CA SER C 304 -27.62 -20.53 -9.64
C SER C 304 -26.21 -20.07 -9.26
N LYS C 305 -25.98 -19.89 -7.98
CA LYS C 305 -24.68 -19.46 -7.45
C LYS C 305 -23.70 -20.63 -7.61
N ALA C 306 -24.10 -21.80 -7.12
CA ALA C 306 -23.29 -23.00 -7.26
C ALA C 306 -22.96 -23.30 -8.74
N LEU C 307 -23.92 -23.10 -9.65
CA LEU C 307 -23.67 -23.35 -11.04
C LEU C 307 -22.64 -22.37 -11.57
N ALA C 308 -22.79 -21.10 -11.23
CA ALA C 308 -21.84 -20.09 -11.66
C ALA C 308 -20.44 -20.39 -11.15
N LYS C 309 -20.35 -20.75 -9.88
CA LYS C 309 -19.07 -21.03 -9.24
C LYS C 309 -18.39 -22.26 -9.86
N ALA C 310 -19.16 -23.32 -10.10
CA ALA C 310 -18.66 -24.52 -10.76
C ALA C 310 -18.20 -24.24 -12.19
N LEU C 311 -18.92 -23.39 -12.91
CA LEU C 311 -18.52 -23.06 -14.29
C LEU C 311 -17.18 -22.31 -14.29
N ILE C 312 -17.03 -21.39 -13.34
CA ILE C 312 -15.80 -20.64 -13.17
C ILE C 312 -14.62 -21.53 -12.74
N SER C 313 -14.85 -22.45 -11.81
CA SER C 313 -13.79 -23.43 -11.48
C SER C 313 -13.27 -24.26 -12.68
N LYS C 314 -14.08 -24.41 -13.75
CA LYS C 314 -13.65 -25.03 -15.04
C LYS C 314 -13.24 -23.99 -16.07
N GLN C 315 -12.86 -22.79 -15.62
CA GLN C 315 -12.28 -21.77 -16.48
C GLN C 315 -13.23 -21.33 -17.59
N ILE C 316 -14.51 -21.21 -17.27
CA ILE C 316 -15.51 -20.68 -18.18
C ILE C 316 -15.88 -19.28 -17.67
N ASP C 317 -15.86 -18.31 -18.58
CA ASP C 317 -16.22 -16.92 -18.27
C ASP C 317 -17.73 -16.66 -18.28
N LEU C 318 -18.20 -15.94 -17.26
CA LEU C 318 -19.58 -15.53 -17.12
C LEU C 318 -19.65 -14.02 -17.27
N VAL C 319 -20.75 -13.54 -17.85
CA VAL C 319 -20.97 -12.09 -18.00
C VAL C 319 -21.25 -11.52 -16.61
N THR C 320 -20.56 -10.43 -16.28
CA THR C 320 -20.52 -9.86 -14.92
C THR C 320 -19.85 -10.78 -13.89
N ASN C 321 -19.21 -11.87 -14.36
CA ASN C 321 -18.50 -12.85 -13.51
C ASN C 321 -19.31 -13.53 -12.41
N GLY C 322 -20.62 -13.63 -12.63
CA GLY C 322 -21.48 -14.22 -11.64
C GLY C 322 -22.91 -13.81 -11.81
N THR C 323 -23.68 -14.09 -10.75
CA THR C 323 -25.09 -13.87 -10.79
C THR C 323 -25.70 -13.52 -9.42
N ASP C 324 -26.70 -12.66 -9.43
CA ASP C 324 -27.53 -12.39 -8.24
C ASP C 324 -28.86 -13.08 -8.29
N ASN C 325 -29.17 -13.70 -9.43
CA ASN C 325 -30.48 -14.29 -9.62
C ASN C 325 -30.34 -15.72 -10.11
N HIS C 326 -31.39 -16.18 -10.79
CA HIS C 326 -31.55 -17.48 -11.40
C HIS C 326 -30.82 -17.72 -12.72
N LEU C 327 -30.13 -16.72 -13.28
CA LEU C 327 -29.60 -16.86 -14.61
C LEU C 327 -28.14 -16.47 -14.77
N ILE C 328 -27.49 -17.13 -15.71
CA ILE C 328 -26.08 -16.92 -15.99
C ILE C 328 -26.04 -16.71 -17.48
N VAL C 329 -25.10 -15.94 -17.97
CA VAL C 329 -24.84 -15.86 -19.43
C VAL C 329 -23.38 -16.24 -19.58
N VAL C 330 -23.09 -17.21 -20.44
CA VAL C 330 -21.71 -17.66 -20.64
C VAL C 330 -21.13 -16.93 -21.84
N ASP C 331 -19.94 -16.36 -21.63
CA ASP C 331 -19.17 -15.71 -22.68
C ASP C 331 -18.25 -16.78 -23.32
N LEU C 332 -18.48 -17.12 -24.59
CA LEU C 332 -17.74 -18.21 -25.25
C LEU C 332 -16.54 -17.77 -26.13
N ARG C 333 -16.18 -16.49 -26.09
CA ARG C 333 -15.12 -15.95 -26.96
C ARG C 333 -13.73 -16.57 -26.78
N LYS C 334 -13.40 -17.06 -25.59
CA LYS C 334 -12.11 -17.73 -25.35
C LYS C 334 -12.02 -19.13 -26.01
N PHE C 335 -13.17 -19.68 -26.39
CA PHE C 335 -13.25 -20.95 -27.05
C PHE C 335 -13.43 -20.80 -28.57
N SER C 336 -13.55 -19.57 -29.06
CA SER C 336 -13.71 -19.28 -30.48
C SER C 336 -14.86 -20.08 -31.13
N ILE C 337 -15.92 -20.35 -30.35
CA ILE C 337 -17.15 -20.98 -30.84
C ILE C 337 -18.29 -20.00 -30.60
N THR C 338 -19.42 -20.19 -31.29
CA THR C 338 -20.58 -19.31 -31.16
C THR C 338 -21.59 -19.99 -30.27
N GLY C 339 -22.57 -19.21 -29.82
CA GLY C 339 -23.69 -19.77 -29.07
C GLY C 339 -24.57 -20.65 -29.93
N SER C 340 -24.70 -20.32 -31.22
CA SER C 340 -25.49 -21.14 -32.17
C SER C 340 -24.92 -22.55 -32.20
N LYS C 341 -23.60 -22.63 -32.32
CA LYS C 341 -22.92 -23.92 -32.30
C LYS C 341 -23.14 -24.70 -30.99
N LEU C 342 -23.06 -24.04 -29.83
CA LEU C 342 -23.23 -24.73 -28.54
C LEU C 342 -24.65 -25.19 -28.29
N GLN C 343 -25.62 -24.44 -28.82
CA GLN C 343 -27.05 -24.77 -28.67
C GLN C 343 -27.43 -26.06 -29.40
N GLU C 344 -26.98 -26.23 -30.64
CA GLU C 344 -27.21 -27.47 -31.37
C GLU C 344 -26.52 -28.60 -30.66
N THR C 345 -25.24 -28.40 -30.31
CA THR C 345 -24.51 -29.42 -29.58
C THR C 345 -25.26 -29.84 -28.33
N CYS C 346 -25.83 -28.86 -27.65
CA CYS C 346 -26.54 -29.13 -26.41
C CYS C 346 -27.89 -29.82 -26.69
N ASN C 347 -28.58 -29.45 -27.78
CA ASN C 347 -29.80 -30.19 -28.15
C ASN C 347 -29.48 -31.66 -28.50
N ALA C 348 -28.37 -31.90 -29.22
CA ALA C 348 -27.93 -33.28 -29.51
C ALA C 348 -27.71 -34.15 -28.25
N ILE C 349 -27.41 -33.49 -27.12
CA ILE C 349 -27.22 -34.20 -25.84
C ILE C 349 -28.36 -33.98 -24.85
N ASN C 350 -29.51 -33.57 -25.37
CA ASN C 350 -30.72 -33.29 -24.59
C ASN C 350 -30.53 -32.25 -23.46
N VAL C 351 -29.75 -31.21 -23.76
CA VAL C 351 -29.54 -30.12 -22.85
C VAL C 351 -30.22 -28.91 -23.49
N SER C 352 -31.23 -28.39 -22.81
CA SER C 352 -31.95 -27.22 -23.33
C SER C 352 -31.36 -25.91 -22.83
N LEU C 353 -30.88 -25.12 -23.77
CA LEU C 353 -30.41 -23.78 -23.49
C LEU C 353 -30.62 -22.88 -24.73
N ASN C 354 -30.31 -21.59 -24.64
CA ASN C 354 -30.48 -20.70 -25.79
C ASN C 354 -29.27 -19.86 -26.03
N LYS C 355 -29.01 -19.59 -27.29
CA LYS C 355 -27.97 -18.63 -27.67
C LYS C 355 -28.31 -17.24 -27.11
N ASN C 356 -27.28 -16.46 -26.84
CA ASN C 356 -27.44 -15.17 -26.21
C ASN C 356 -26.32 -14.24 -26.60
N THR C 357 -26.67 -12.98 -26.79
CA THR C 357 -25.69 -11.94 -27.05
C THR C 357 -24.86 -11.61 -25.80
N ILE C 358 -23.71 -10.98 -26.04
CA ILE C 358 -22.87 -10.48 -24.98
C ILE C 358 -22.52 -9.02 -25.29
N PRO C 359 -21.87 -8.29 -24.35
CA PRO C 359 -21.58 -6.88 -24.59
C PRO C 359 -20.71 -6.56 -25.80
N SER C 360 -19.70 -7.39 -26.05
CA SER C 360 -18.82 -7.20 -27.21
C SER C 360 -19.55 -7.42 -28.56
N ASP C 361 -20.64 -8.19 -28.56
CA ASP C 361 -21.35 -8.50 -29.79
C ASP C 361 -21.99 -7.26 -30.42
N VAL C 362 -21.77 -7.12 -31.73
CA VAL C 362 -22.33 -6.06 -32.57
C VAL C 362 -23.44 -6.67 -33.48
N ASP C 363 -23.90 -7.88 -33.19
CA ASP C 363 -24.88 -8.54 -34.05
C ASP C 363 -25.64 -9.68 -33.36
N CYS C 364 -26.88 -9.88 -33.80
CA CYS C 364 -27.75 -10.99 -33.38
C CYS C 364 -27.63 -12.22 -34.32
N VAL C 365 -26.62 -12.21 -35.18
CA VAL C 365 -26.08 -13.35 -35.90
C VAL C 365 -24.66 -13.53 -35.36
N SER C 366 -24.28 -14.77 -35.09
CA SER C 366 -23.02 -15.07 -34.42
C SER C 366 -22.91 -14.52 -32.99
N PRO C 367 -24.00 -14.61 -32.16
CA PRO C 367 -23.83 -14.18 -30.76
C PRO C 367 -22.85 -15.09 -30.00
N SER C 368 -22.05 -14.49 -29.13
CA SER C 368 -20.97 -15.20 -28.48
C SER C 368 -21.34 -15.81 -27.14
N GLY C 369 -22.64 -16.04 -26.86
CA GLY C 369 -22.99 -16.65 -25.61
C GLY C 369 -24.15 -17.61 -25.60
N VAL C 370 -24.33 -18.17 -24.41
CA VAL C 370 -25.49 -18.93 -24.10
C VAL C 370 -26.00 -18.44 -22.75
N ARG C 371 -27.31 -18.47 -22.56
CA ARG C 371 -27.91 -18.15 -21.33
C ARG C 371 -28.49 -19.42 -20.73
N ILE C 372 -28.22 -19.63 -19.46
CA ILE C 372 -28.76 -20.75 -18.73
C ILE C 372 -29.45 -20.23 -17.46
N GLY C 373 -30.36 -21.04 -16.94
CA GLY C 373 -31.05 -20.71 -15.70
C GLY C 373 -31.44 -21.97 -14.98
N THR C 374 -31.67 -21.84 -13.68
CA THR C 374 -31.96 -22.95 -12.78
C THR C 374 -33.39 -23.21 -12.35
N PRO C 375 -34.37 -22.33 -12.72
CA PRO C 375 -35.70 -22.60 -12.17
C PRO C 375 -36.29 -23.95 -12.56
N ALA C 376 -36.14 -24.37 -13.81
CA ALA C 376 -36.72 -25.64 -14.23
C ALA C 376 -36.12 -26.83 -13.45
N MET C 377 -34.78 -26.91 -13.40
CA MET C 377 -34.12 -28.04 -12.70
C MET C 377 -34.29 -27.99 -11.17
N THR C 378 -34.45 -26.79 -10.62
CA THR C 378 -34.80 -26.64 -9.21
C THR C 378 -36.20 -27.18 -8.96
N THR C 379 -37.09 -26.99 -9.94
CA THR C 379 -38.38 -27.63 -9.87
C THR C 379 -38.28 -29.17 -9.93
N ARG C 380 -37.30 -29.71 -10.65
CA ARG C 380 -37.11 -31.17 -10.72
C ARG C 380 -36.42 -31.78 -9.47
N GLY C 381 -36.04 -30.96 -8.48
CA GLY C 381 -35.47 -31.47 -7.23
C GLY C 381 -33.96 -31.40 -7.15
N ALA C 382 -33.29 -30.93 -8.22
CA ALA C 382 -31.83 -30.80 -8.22
C ALA C 382 -31.37 -29.82 -7.13
N LYS C 383 -30.29 -30.18 -6.44
CA LYS C 383 -29.69 -29.41 -5.36
C LYS C 383 -28.34 -28.84 -5.76
N GLU C 384 -27.67 -28.16 -4.85
CA GLU C 384 -26.36 -27.55 -5.16
C GLU C 384 -25.30 -28.50 -5.68
N LYS C 385 -25.21 -29.69 -5.06
CA LYS C 385 -24.27 -30.75 -5.46
C LYS C 385 -24.49 -31.26 -6.88
N ASP C 386 -25.73 -31.13 -7.37
CA ASP C 386 -26.09 -31.52 -8.74
C ASP C 386 -25.58 -30.53 -9.79
N MET C 387 -25.19 -29.33 -9.37
CA MET C 387 -24.75 -28.32 -10.31
C MET C 387 -23.40 -28.64 -10.89
N GLU C 388 -22.54 -29.31 -10.14
CA GLU C 388 -21.20 -29.68 -10.67
C GLU C 388 -21.33 -30.54 -11.91
N PHE C 389 -22.25 -31.50 -11.83
CA PHE C 389 -22.60 -32.38 -12.95
C PHE C 389 -23.14 -31.60 -14.15
N ILE C 390 -23.95 -30.58 -13.92
CA ILE C 390 -24.46 -29.77 -15.03
C ILE C 390 -23.34 -28.94 -15.63
N ALA C 391 -22.53 -28.36 -14.76
CA ALA C 391 -21.35 -27.66 -15.20
C ALA C 391 -20.40 -28.61 -15.95
N ASP C 392 -20.25 -29.85 -15.44
CA ASP C 392 -19.45 -30.89 -16.12
C ASP C 392 -19.97 -31.16 -17.55
N VAL C 393 -21.26 -31.41 -17.65
CA VAL C 393 -21.86 -31.68 -18.95
C VAL C 393 -21.68 -30.52 -19.94
N LEU C 394 -21.84 -29.29 -19.45
CA LEU C 394 -21.67 -28.09 -20.32
C LEU C 394 -20.22 -27.89 -20.78
N ALA C 395 -19.29 -28.07 -19.86
CA ALA C 395 -17.86 -27.98 -20.21
C ALA C 395 -17.48 -29.04 -21.27
N ARG C 396 -17.99 -30.27 -21.11
CA ARG C 396 -17.74 -31.34 -22.08
C ARG C 396 -18.39 -31.00 -23.42
N ALA C 397 -19.59 -30.42 -23.38
CA ALA C 397 -20.25 -30.00 -24.59
C ALA C 397 -19.48 -28.95 -25.29
N ILE C 398 -18.92 -28.01 -24.51
CA ILE C 398 -18.10 -26.94 -25.10
C ILE C 398 -16.89 -27.52 -25.76
N LYS C 399 -16.23 -28.43 -25.06
CA LYS C 399 -15.11 -29.18 -25.63
C LYS C 399 -15.45 -29.91 -26.95
N ILE C 400 -16.54 -30.69 -26.94
CA ILE C 400 -16.96 -31.43 -28.12
C ILE C 400 -17.26 -30.46 -29.27
N THR C 401 -17.86 -29.33 -28.93
CA THR C 401 -18.10 -28.27 -29.90
C THR C 401 -16.81 -27.71 -30.49
N VAL C 402 -15.76 -27.61 -29.68
CA VAL C 402 -14.48 -27.12 -30.20
C VAL C 402 -13.91 -28.15 -31.18
N ASP C 403 -13.94 -29.42 -30.76
CA ASP C 403 -13.50 -30.57 -31.57
C ASP C 403 -14.19 -30.65 -32.92
N LEU C 404 -15.53 -30.58 -32.93
CA LEU C 404 -16.32 -30.62 -34.17
C LEU C 404 -16.06 -29.42 -35.09
N GLN C 405 -15.85 -28.24 -34.50
CA GLN C 405 -15.53 -27.04 -35.26
C GLN C 405 -14.11 -27.12 -35.86
N GLU C 406 -13.19 -27.76 -35.14
CA GLU C 406 -11.88 -28.10 -35.66
C GLU C 406 -12.00 -29.05 -36.86
N GLN C 407 -12.80 -30.11 -36.71
CA GLN C 407 -12.92 -31.14 -37.74
C GLN C 407 -13.61 -30.67 -39.02
N TYR C 408 -14.77 -30.01 -38.90
CA TYR C 408 -15.60 -29.64 -40.05
C TYR C 408 -15.65 -28.16 -40.39
N GLY C 409 -15.11 -27.30 -39.52
CA GLY C 409 -15.05 -25.85 -39.78
C GLY C 409 -16.14 -25.00 -39.16
N LYS C 410 -15.96 -23.68 -39.31
CA LYS C 410 -16.75 -22.67 -38.62
C LYS C 410 -18.13 -22.34 -39.21
N LYS C 411 -18.36 -22.70 -40.48
CA LYS C 411 -19.68 -22.52 -41.08
C LYS C 411 -20.63 -23.45 -40.36
N LEU C 412 -21.80 -22.92 -39.97
CA LEU C 412 -22.77 -23.67 -39.15
C LEU C 412 -23.29 -24.90 -39.89
N VAL C 413 -23.52 -24.74 -41.20
CA VAL C 413 -23.98 -25.83 -42.09
C VAL C 413 -23.03 -27.02 -42.02
N ASP C 414 -21.74 -26.73 -42.23
CA ASP C 414 -20.67 -27.73 -42.17
C ASP C 414 -20.54 -28.32 -40.76
N PHE C 415 -20.59 -27.45 -39.74
CA PHE C 415 -20.52 -27.86 -38.33
C PHE C 415 -21.60 -28.87 -38.01
N LYS C 416 -22.82 -28.52 -38.37
CA LYS C 416 -23.99 -29.40 -38.19
C LYS C 416 -23.80 -30.83 -38.70
N LYS C 417 -23.08 -30.99 -39.83
CA LYS C 417 -22.81 -32.31 -40.41
C LYS C 417 -22.05 -33.22 -39.46
N GLY C 418 -21.15 -32.62 -38.67
CA GLY C 418 -20.42 -33.36 -37.65
C GLY C 418 -21.28 -33.94 -36.52
N LEU C 419 -22.43 -33.32 -36.26
CA LEU C 419 -23.23 -33.59 -35.05
C LEU C 419 -23.91 -34.98 -35.01
N PRO C 420 -24.60 -35.39 -36.10
CA PRO C 420 -25.33 -36.64 -35.98
C PRO C 420 -24.41 -37.87 -35.92
N GLY C 421 -24.77 -38.81 -35.07
CA GLY C 421 -23.99 -40.04 -34.90
C GLY C 421 -22.71 -40.00 -34.07
N ASN C 422 -22.25 -38.79 -33.67
CA ASN C 422 -21.01 -38.63 -32.88
C ASN C 422 -21.03 -39.50 -31.63
N ALA C 423 -19.99 -40.30 -31.45
CA ALA C 423 -19.88 -41.26 -30.33
C ALA C 423 -19.87 -40.60 -28.94
N GLN C 424 -19.17 -39.48 -28.78
CA GLN C 424 -19.07 -38.83 -27.46
C GLN C 424 -20.42 -38.19 -27.08
N LEU C 425 -21.08 -37.60 -28.07
CA LEU C 425 -22.40 -37.02 -27.90
C LEU C 425 -23.44 -38.06 -27.50
N GLN C 426 -23.44 -39.20 -28.19
CA GLN C 426 -24.33 -40.34 -27.85
C GLN C 426 -24.14 -40.73 -26.42
N GLN C 427 -22.88 -40.84 -26.00
CA GLN C 427 -22.51 -41.12 -24.62
C GLN C 427 -22.95 -40.00 -23.65
N LEU C 428 -22.78 -38.74 -24.06
CA LEU C 428 -23.16 -37.63 -23.19
C LEU C 428 -24.67 -37.58 -23.06
N LYS C 429 -25.38 -37.58 -24.19
CA LYS C 429 -26.85 -37.75 -24.21
C LYS C 429 -27.32 -38.86 -23.26
N GLN C 430 -26.71 -40.03 -23.44
CA GLN C 430 -26.99 -41.21 -22.64
C GLN C 430 -26.88 -40.88 -21.17
N GLU C 431 -25.79 -40.23 -20.79
CA GLU C 431 -25.56 -39.81 -19.39
C GLU C 431 -26.62 -38.81 -18.93
N VAL C 432 -26.91 -37.84 -19.78
CA VAL C 432 -27.90 -36.80 -19.50
C VAL C 432 -29.26 -37.41 -19.24
N VAL C 433 -29.65 -38.33 -20.14
CA VAL C 433 -30.96 -38.97 -20.13
C VAL C 433 -31.14 -39.80 -18.86
N THR C 434 -30.12 -40.52 -18.43
CA THR C 434 -30.27 -41.41 -17.28
C THR C 434 -30.49 -40.62 -16.02
N TRP C 435 -29.77 -39.49 -15.87
CA TRP C 435 -29.89 -38.66 -14.66
C TRP C 435 -31.21 -37.86 -14.66
N ALA C 436 -31.53 -37.23 -15.80
CA ALA C 436 -32.78 -36.43 -15.98
C ALA C 436 -34.07 -37.23 -15.83
N GLY C 437 -34.13 -38.37 -16.52
CA GLY C 437 -35.27 -39.30 -16.41
C GLY C 437 -35.61 -39.74 -15.00
N ALA C 438 -34.61 -39.79 -14.12
CA ALA C 438 -34.81 -40.17 -12.71
C ALA C 438 -35.44 -39.09 -11.81
N LEU C 439 -35.27 -37.82 -12.17
CA LEU C 439 -35.68 -36.71 -11.30
C LEU C 439 -37.20 -36.56 -11.26
N PRO C 440 -37.76 -36.09 -10.11
CA PRO C 440 -39.20 -35.89 -10.03
C PRO C 440 -39.75 -35.03 -11.15
N PHE C 441 -40.90 -35.47 -11.68
CA PHE C 441 -41.52 -34.84 -12.85
C PHE C 441 -42.96 -34.51 -12.49
N PRO C 442 -43.32 -33.20 -12.45
CA PRO C 442 -44.73 -32.90 -12.28
C PRO C 442 -45.46 -33.04 -13.60
#